data_2EE2
#
_entry.id   2EE2
#
_entity_poly.entity_id   1
_entity_poly.type   'polypeptide(L)'
_entity_poly.pdbx_seq_one_letter_code
;GSSGSSGVAVINSAQDAPSEAPTEVGVKVLSSSEISVHWEHVLEKIVESYQIRYWAAHDKEEAANRVQVTSQEYSARLEN
LLPDTQYFIEVGACNSAGCGPPSDMIEAFTKKASGPSSG
;
_entity_poly.pdbx_strand_id   A
#
# COMPACT_ATOMS: atom_id res chain seq x y z
N GLY A 1 0.85 -21.88 20.44
CA GLY A 1 1.07 -22.37 21.79
C GLY A 1 2.45 -22.05 22.30
N SER A 2 3.47 -22.38 21.52
CA SER A 2 4.85 -22.12 21.91
C SER A 2 5.60 -21.39 20.80
N SER A 3 6.56 -20.56 21.18
CA SER A 3 7.35 -19.79 20.22
C SER A 3 8.73 -19.47 20.79
N GLY A 4 9.76 -19.73 19.98
CA GLY A 4 11.12 -19.46 20.42
C GLY A 4 11.94 -18.75 19.36
N SER A 5 12.23 -17.48 19.59
CA SER A 5 13.01 -16.69 18.65
C SER A 5 14.51 -16.86 18.90
N SER A 6 14.94 -16.48 20.11
CA SER A 6 16.34 -16.59 20.48
C SER A 6 17.21 -15.72 19.57
N GLY A 7 16.76 -14.49 19.33
CA GLY A 7 17.50 -13.58 18.49
C GLY A 7 17.46 -13.99 17.02
N VAL A 8 16.39 -13.62 16.33
CA VAL A 8 16.24 -13.96 14.92
C VAL A 8 17.59 -13.96 14.20
N ALA A 9 17.93 -15.08 13.59
CA ALA A 9 19.18 -15.20 12.86
C ALA A 9 18.95 -15.59 11.41
N VAL A 10 18.74 -14.58 10.57
CA VAL A 10 18.50 -14.80 9.14
C VAL A 10 19.57 -14.12 8.29
N ILE A 11 20.05 -14.84 7.27
CA ILE A 11 21.06 -14.30 6.39
C ILE A 11 20.46 -13.84 5.06
N ASN A 12 20.45 -12.54 4.83
CA ASN A 12 19.90 -11.98 3.61
C ASN A 12 20.97 -11.28 2.79
N SER A 13 20.75 -11.14 1.49
CA SER A 13 21.70 -10.50 0.60
C SER A 13 20.99 -9.58 -0.39
N ALA A 14 21.34 -8.30 -0.37
CA ALA A 14 20.75 -7.32 -1.25
C ALA A 14 21.75 -6.23 -1.63
N GLN A 15 21.50 -5.56 -2.75
CA GLN A 15 22.38 -4.50 -3.22
C GLN A 15 22.01 -3.16 -2.57
N ASP A 16 20.72 -2.88 -2.48
CA ASP A 16 20.25 -1.64 -1.89
C ASP A 16 18.94 -1.87 -1.13
N ALA A 17 18.49 -0.85 -0.41
CA ALA A 17 17.25 -0.94 0.36
C ALA A 17 16.68 0.45 0.64
N PRO A 18 15.35 0.55 0.62
CA PRO A 18 14.65 1.81 0.87
C PRO A 18 14.76 2.27 2.32
N SER A 19 15.03 3.55 2.51
CA SER A 19 15.17 4.11 3.85
C SER A 19 14.20 5.26 4.06
N GLU A 20 13.72 5.84 2.96
CA GLU A 20 12.77 6.95 3.02
C GLU A 20 11.37 6.49 2.65
N ALA A 21 10.37 7.05 3.32
CA ALA A 21 8.98 6.71 3.06
C ALA A 21 8.27 7.83 2.29
N PRO A 22 7.30 7.45 1.45
CA PRO A 22 6.53 8.40 0.65
C PRO A 22 5.60 9.26 1.50
N THR A 23 5.98 10.53 1.68
CA THR A 23 5.16 11.44 2.47
C THR A 23 4.11 12.13 1.62
N GLU A 24 3.27 12.94 2.25
CA GLU A 24 2.21 13.65 1.55
C GLU A 24 1.33 12.68 0.76
N VAL A 25 1.02 11.55 1.37
CA VAL A 25 0.19 10.53 0.73
C VAL A 25 -1.29 10.75 1.06
N GLY A 26 -2.12 10.77 0.03
CA GLY A 26 -3.55 10.96 0.24
C GLY A 26 -4.39 10.14 -0.73
N VAL A 27 -5.56 9.72 -0.27
CA VAL A 27 -6.46 8.93 -1.11
C VAL A 27 -7.72 9.70 -1.45
N LYS A 28 -8.14 9.60 -2.71
CA LYS A 28 -9.34 10.30 -3.16
C LYS A 28 -10.44 9.31 -3.54
N VAL A 29 -11.62 9.50 -2.97
CA VAL A 29 -12.75 8.62 -3.26
C VAL A 29 -13.43 9.00 -4.57
N LEU A 30 -13.15 8.26 -5.62
CA LEU A 30 -13.73 8.52 -6.93
C LEU A 30 -15.19 8.10 -6.96
N SER A 31 -15.44 6.82 -6.71
CA SER A 31 -16.79 6.29 -6.72
C SER A 31 -17.01 5.33 -5.55
N SER A 32 -18.22 4.78 -5.45
CA SER A 32 -18.55 3.85 -4.38
C SER A 32 -17.54 2.70 -4.31
N SER A 33 -17.15 2.21 -5.49
CA SER A 33 -16.20 1.12 -5.58
C SER A 33 -14.92 1.56 -6.29
N GLU A 34 -14.71 2.87 -6.37
CA GLU A 34 -13.54 3.41 -7.04
C GLU A 34 -12.81 4.41 -6.14
N ILE A 35 -11.49 4.27 -6.07
CA ILE A 35 -10.68 5.15 -5.24
C ILE A 35 -9.27 5.28 -5.79
N SER A 36 -8.71 6.49 -5.72
CA SER A 36 -7.36 6.75 -6.21
C SER A 36 -6.39 6.96 -5.05
N VAL A 37 -5.18 6.41 -5.20
CA VAL A 37 -4.16 6.54 -4.17
C VAL A 37 -2.91 7.22 -4.71
N HIS A 38 -2.70 8.46 -4.30
CA HIS A 38 -1.54 9.23 -4.75
C HIS A 38 -0.46 9.26 -3.67
N TRP A 39 0.77 9.57 -4.09
CA TRP A 39 1.89 9.63 -3.15
C TRP A 39 3.10 10.29 -3.80
N GLU A 40 4.03 10.77 -2.98
CA GLU A 40 5.23 11.43 -3.48
C GLU A 40 6.35 10.42 -3.68
N HIS A 41 6.96 10.46 -4.86
CA HIS A 41 8.06 9.54 -5.19
C HIS A 41 9.20 9.69 -4.19
N VAL A 42 9.63 8.57 -3.61
CA VAL A 42 10.71 8.57 -2.64
C VAL A 42 12.04 8.95 -3.30
N LEU A 43 12.95 9.49 -2.51
CA LEU A 43 14.26 9.89 -3.01
C LEU A 43 15.08 8.68 -3.44
N GLU A 44 14.55 7.49 -3.16
CA GLU A 44 15.24 6.25 -3.52
C GLU A 44 14.74 5.73 -4.86
N LYS A 45 15.57 5.88 -5.89
CA LYS A 45 15.22 5.42 -7.23
C LYS A 45 15.45 3.92 -7.37
N ILE A 46 15.80 3.27 -6.25
CA ILE A 46 16.04 1.84 -6.26
C ILE A 46 14.73 1.06 -6.12
N VAL A 47 13.71 1.71 -5.57
CA VAL A 47 12.40 1.08 -5.40
C VAL A 47 11.85 0.60 -6.72
N GLU A 48 11.43 -0.66 -6.76
CA GLU A 48 10.87 -1.25 -7.98
C GLU A 48 9.45 -0.74 -8.22
N SER A 49 8.62 -0.79 -7.19
CA SER A 49 7.24 -0.33 -7.30
C SER A 49 6.67 0.02 -5.93
N TYR A 50 5.42 0.45 -5.91
CA TYR A 50 4.76 0.82 -4.66
C TYR A 50 3.58 -0.11 -4.38
N GLN A 51 3.59 -0.73 -3.20
CA GLN A 51 2.53 -1.64 -2.80
C GLN A 51 1.43 -0.90 -2.04
N ILE A 52 0.25 -0.84 -2.63
CA ILE A 52 -0.89 -0.16 -2.00
C ILE A 52 -1.88 -1.16 -1.43
N ARG A 53 -1.80 -1.38 -0.11
CA ARG A 53 -2.69 -2.32 0.55
C ARG A 53 -4.01 -1.64 0.93
N TYR A 54 -5.09 -2.40 0.88
CA TYR A 54 -6.41 -1.88 1.22
C TYR A 54 -7.33 -2.98 1.73
N TRP A 55 -8.03 -2.71 2.82
CA TRP A 55 -8.94 -3.68 3.41
C TRP A 55 -9.99 -2.98 4.27
N ALA A 56 -11.05 -3.70 4.61
CA ALA A 56 -12.13 -3.16 5.42
C ALA A 56 -11.71 -3.09 6.90
N ALA A 57 -12.38 -2.22 7.65
CA ALA A 57 -12.08 -2.06 9.07
C ALA A 57 -12.05 -3.40 9.78
N HIS A 58 -12.97 -4.28 9.41
CA HIS A 58 -13.06 -5.60 10.02
C HIS A 58 -11.90 -6.49 9.54
N ASP A 59 -11.63 -6.46 8.24
CA ASP A 59 -10.57 -7.26 7.67
C ASP A 59 -9.25 -7.03 8.41
N LYS A 60 -8.29 -7.92 8.19
CA LYS A 60 -6.99 -7.82 8.84
C LYS A 60 -5.90 -7.46 7.83
N GLU A 61 -4.85 -6.80 8.31
CA GLU A 61 -3.74 -6.40 7.44
C GLU A 61 -3.17 -7.61 6.71
N GLU A 62 -3.29 -8.79 7.32
CA GLU A 62 -2.78 -10.01 6.72
C GLU A 62 -3.66 -10.47 5.57
N ALA A 63 -4.94 -10.13 5.64
CA ALA A 63 -5.90 -10.51 4.61
C ALA A 63 -6.19 -9.32 3.69
N ALA A 64 -5.41 -8.26 3.81
CA ALA A 64 -5.58 -7.08 3.00
C ALA A 64 -4.98 -7.27 1.61
N ASN A 65 -5.73 -6.87 0.58
CA ASN A 65 -5.28 -7.01 -0.80
C ASN A 65 -3.97 -6.26 -1.02
N ARG A 66 -3.40 -6.41 -2.20
CA ARG A 66 -2.14 -5.74 -2.54
C ARG A 66 -2.16 -5.26 -3.98
N VAL A 67 -1.80 -3.99 -4.17
CA VAL A 67 -1.76 -3.40 -5.51
C VAL A 67 -0.38 -2.85 -5.84
N GLN A 68 0.38 -3.60 -6.63
CA GLN A 68 1.72 -3.19 -7.02
C GLN A 68 1.71 -2.55 -8.40
N VAL A 69 1.92 -1.24 -8.44
CA VAL A 69 1.94 -0.51 -9.70
C VAL A 69 3.34 0.04 -10.00
N THR A 70 3.65 0.16 -11.29
CA THR A 70 4.95 0.67 -11.71
C THR A 70 5.36 1.89 -10.90
N SER A 71 6.62 1.92 -10.48
CA SER A 71 7.14 3.04 -9.69
C SER A 71 6.95 4.36 -10.43
N GLN A 72 6.62 4.27 -11.71
CA GLN A 72 6.41 5.47 -12.53
C GLN A 72 5.06 6.10 -12.23
N GLU A 73 4.09 5.26 -11.91
CA GLU A 73 2.74 5.74 -11.60
C GLU A 73 2.72 6.50 -10.27
N TYR A 74 2.70 7.82 -10.35
CA TYR A 74 2.68 8.65 -9.15
C TYR A 74 1.50 8.30 -8.26
N SER A 75 0.50 7.64 -8.84
CA SER A 75 -0.69 7.24 -8.09
C SER A 75 -1.22 5.90 -8.60
N ALA A 76 -2.18 5.34 -7.87
CA ALA A 76 -2.78 4.07 -8.24
C ALA A 76 -4.30 4.15 -8.20
N ARG A 77 -4.96 3.04 -8.55
CA ARG A 77 -6.42 2.98 -8.56
C ARG A 77 -6.91 1.70 -7.91
N LEU A 78 -7.99 1.82 -7.15
CA LEU A 78 -8.58 0.67 -6.46
C LEU A 78 -9.97 0.37 -6.99
N GLU A 79 -10.27 -0.91 -7.14
CA GLU A 79 -11.58 -1.34 -7.64
C GLU A 79 -12.08 -2.55 -6.87
N ASN A 80 -13.36 -2.88 -7.07
CA ASN A 80 -13.97 -4.02 -6.40
C ASN A 80 -14.06 -3.78 -4.89
N LEU A 81 -14.52 -2.59 -4.52
CA LEU A 81 -14.66 -2.23 -3.11
C LEU A 81 -16.13 -2.21 -2.69
N LEU A 82 -16.37 -1.95 -1.42
CA LEU A 82 -17.72 -1.90 -0.89
C LEU A 82 -18.18 -0.46 -0.68
N PRO A 83 -19.47 -0.21 -0.94
CA PRO A 83 -20.06 1.13 -0.78
C PRO A 83 -20.17 1.55 0.68
N ASP A 84 -20.00 2.84 0.93
CA ASP A 84 -20.08 3.38 2.28
C ASP A 84 -19.41 2.44 3.28
N THR A 85 -18.15 2.10 3.01
CA THR A 85 -17.40 1.21 3.88
C THR A 85 -15.99 1.73 4.14
N GLN A 86 -15.57 1.71 5.39
CA GLN A 86 -14.24 2.18 5.76
C GLN A 86 -13.16 1.23 5.26
N TYR A 87 -12.18 1.77 4.56
CA TYR A 87 -11.08 0.97 4.02
C TYR A 87 -9.73 1.58 4.37
N PHE A 88 -8.93 0.82 5.10
CA PHE A 88 -7.60 1.29 5.51
C PHE A 88 -6.59 1.10 4.38
N ILE A 89 -6.14 2.22 3.81
CA ILE A 89 -5.17 2.19 2.72
C ILE A 89 -3.77 2.54 3.22
N GLU A 90 -2.76 2.08 2.50
CA GLU A 90 -1.38 2.35 2.87
C GLU A 90 -0.44 2.19 1.67
N VAL A 91 0.33 3.22 1.38
CA VAL A 91 1.26 3.18 0.25
C VAL A 91 2.70 3.03 0.73
N GLY A 92 3.35 1.94 0.32
CA GLY A 92 4.72 1.70 0.72
C GLY A 92 5.59 1.22 -0.44
N ALA A 93 6.66 1.95 -0.71
CA ALA A 93 7.57 1.60 -1.79
C ALA A 93 8.61 0.58 -1.33
N CYS A 94 9.05 -0.27 -2.24
CA CYS A 94 10.04 -1.29 -1.93
C CYS A 94 10.52 -1.99 -3.19
N ASN A 95 11.76 -2.46 -3.17
CA ASN A 95 12.34 -3.15 -4.32
C ASN A 95 12.51 -4.64 -4.04
N SER A 96 12.87 -5.40 -5.07
CA SER A 96 13.05 -6.84 -4.93
C SER A 96 14.26 -7.15 -4.05
N ALA A 97 15.07 -6.13 -3.78
CA ALA A 97 16.27 -6.29 -2.96
C ALA A 97 15.92 -6.22 -1.48
N GLY A 98 15.62 -5.01 -1.00
CA GLY A 98 15.27 -4.83 0.39
C GLY A 98 13.88 -4.26 0.58
N CYS A 99 13.24 -4.63 1.68
CA CYS A 99 11.88 -4.16 1.97
C CYS A 99 11.92 -2.83 2.71
N GLY A 100 10.92 -1.98 2.44
CA GLY A 100 10.86 -0.68 3.08
C GLY A 100 9.68 -0.55 4.02
N PRO A 101 9.77 0.38 4.97
CA PRO A 101 8.71 0.62 5.95
C PRO A 101 7.47 1.25 5.32
N PRO A 102 6.29 0.86 5.82
CA PRO A 102 5.01 1.37 5.32
C PRO A 102 4.78 2.83 5.69
N SER A 103 3.97 3.52 4.90
CA SER A 103 3.67 4.92 5.13
C SER A 103 2.58 5.08 6.19
N ASP A 104 2.24 6.33 6.50
CA ASP A 104 1.21 6.61 7.49
C ASP A 104 -0.08 5.85 7.18
N MET A 105 -0.79 5.46 8.22
CA MET A 105 -2.04 4.72 8.06
C MET A 105 -3.21 5.67 7.83
N ILE A 106 -3.78 5.63 6.63
CA ILE A 106 -4.91 6.49 6.28
C ILE A 106 -6.18 5.68 6.11
N GLU A 107 -7.32 6.31 6.37
CA GLU A 107 -8.61 5.64 6.23
C GLU A 107 -9.45 6.31 5.14
N ALA A 108 -10.16 5.48 4.37
CA ALA A 108 -11.01 5.99 3.30
C ALA A 108 -12.47 5.64 3.54
N PHE A 109 -13.37 6.46 2.98
CA PHE A 109 -14.80 6.23 3.14
C PHE A 109 -15.51 6.33 1.80
N THR A 110 -15.84 5.18 1.21
CA THR A 110 -16.52 5.14 -0.07
C THR A 110 -17.90 5.76 0.02
N LYS A 111 -18.53 5.98 -1.13
CA LYS A 111 -19.87 6.58 -1.18
C LYS A 111 -20.94 5.49 -1.17
N LYS A 112 -22.18 5.92 -1.01
CA LYS A 112 -23.31 4.99 -0.98
C LYS A 112 -23.66 4.51 -2.38
N ALA A 113 -23.75 3.19 -2.55
CA ALA A 113 -24.07 2.61 -3.84
C ALA A 113 -25.56 2.73 -4.15
N SER A 114 -25.88 3.40 -5.25
CA SER A 114 -27.28 3.60 -5.65
C SER A 114 -27.73 2.50 -6.62
N GLY A 115 -29.04 2.33 -6.74
CA GLY A 115 -29.57 1.33 -7.64
C GLY A 115 -30.83 1.79 -8.34
N PRO A 116 -31.46 0.87 -9.09
CA PRO A 116 -32.70 1.16 -9.82
C PRO A 116 -33.89 1.40 -8.91
N SER A 117 -33.69 1.15 -7.62
CA SER A 117 -34.75 1.33 -6.63
C SER A 117 -35.62 2.54 -6.98
N SER A 118 -36.85 2.28 -7.38
CA SER A 118 -37.79 3.34 -7.75
C SER A 118 -38.64 3.75 -6.55
N GLY A 119 -39.19 2.75 -5.86
CA GLY A 119 -40.04 3.02 -4.70
C GLY A 119 -40.64 1.77 -4.12
N GLY A 1 26.67 -32.81 24.47
CA GLY A 1 27.45 -32.75 23.25
C GLY A 1 28.79 -32.07 23.46
N SER A 2 29.19 -31.25 22.50
CA SER A 2 30.47 -30.54 22.58
C SER A 2 30.51 -29.39 21.57
N SER A 3 31.51 -28.52 21.71
CA SER A 3 31.66 -27.38 20.82
C SER A 3 32.74 -27.65 19.77
N GLY A 4 32.83 -26.77 18.79
CA GLY A 4 33.83 -26.94 17.73
C GLY A 4 33.20 -26.96 16.36
N SER A 5 32.24 -27.84 16.14
CA SER A 5 31.57 -27.97 14.86
C SER A 5 31.34 -26.60 14.23
N SER A 6 31.40 -26.53 12.91
CA SER A 6 31.20 -25.29 12.18
C SER A 6 30.43 -25.52 10.89
N GLY A 7 29.17 -25.08 10.87
CA GLY A 7 28.34 -25.25 9.70
C GLY A 7 28.67 -24.25 8.61
N VAL A 8 29.92 -24.25 8.18
CA VAL A 8 30.37 -23.34 7.13
C VAL A 8 29.31 -23.19 6.04
N ALA A 9 28.88 -21.96 5.81
CA ALA A 9 27.88 -21.68 4.80
C ALA A 9 27.72 -20.17 4.57
N VAL A 10 28.14 -19.70 3.40
CA VAL A 10 28.05 -18.29 3.07
C VAL A 10 26.72 -17.70 3.52
N ILE A 11 26.77 -16.52 4.13
CA ILE A 11 25.57 -15.86 4.59
C ILE A 11 24.85 -15.13 3.46
N ASN A 12 23.65 -14.63 3.75
CA ASN A 12 22.88 -13.91 2.75
C ASN A 12 23.07 -12.40 2.88
N SER A 13 23.03 -11.71 1.74
CA SER A 13 23.20 -10.26 1.73
C SER A 13 22.19 -9.60 0.79
N ALA A 14 22.12 -8.27 0.86
CA ALA A 14 21.20 -7.52 0.02
C ALA A 14 21.90 -6.37 -0.68
N GLN A 15 21.64 -6.20 -1.98
CA GLN A 15 22.26 -5.14 -2.75
C GLN A 15 21.99 -3.77 -2.13
N ASP A 16 20.73 -3.53 -1.80
CA ASP A 16 20.33 -2.26 -1.18
C ASP A 16 18.93 -2.36 -0.59
N ALA A 17 18.45 -1.25 -0.03
CA ALA A 17 17.13 -1.21 0.58
C ALA A 17 16.70 0.22 0.89
N PRO A 18 15.41 0.50 0.72
CA PRO A 18 14.85 1.84 0.97
C PRO A 18 14.83 2.19 2.45
N SER A 19 15.09 3.46 2.75
CA SER A 19 15.11 3.93 4.13
C SER A 19 14.11 5.07 4.34
N GLU A 20 13.75 5.73 3.25
CA GLU A 20 12.81 6.84 3.31
C GLU A 20 11.42 6.39 2.89
N ALA A 21 10.40 6.94 3.55
CA ALA A 21 9.02 6.59 3.25
C ALA A 21 8.35 7.68 2.43
N PRO A 22 7.40 7.29 1.57
CA PRO A 22 6.66 8.22 0.71
C PRO A 22 5.71 9.11 1.51
N THR A 23 6.07 10.37 1.66
CA THR A 23 5.25 11.32 2.40
C THR A 23 4.24 12.00 1.49
N GLU A 24 3.41 12.87 2.06
CA GLU A 24 2.39 13.58 1.30
C GLU A 24 1.49 12.61 0.55
N VAL A 25 1.12 11.52 1.22
CA VAL A 25 0.25 10.51 0.63
C VAL A 25 -1.20 10.74 1.02
N GLY A 26 -2.08 10.74 0.02
CA GLY A 26 -3.50 10.95 0.28
C GLY A 26 -4.37 10.01 -0.53
N VAL A 27 -5.66 9.98 -0.19
CA VAL A 27 -6.61 9.11 -0.89
C VAL A 27 -7.84 9.89 -1.31
N LYS A 28 -8.27 9.69 -2.56
CA LYS A 28 -9.45 10.37 -3.08
C LYS A 28 -10.56 9.38 -3.38
N VAL A 29 -11.75 9.66 -2.85
CA VAL A 29 -12.90 8.79 -3.05
C VAL A 29 -13.59 9.11 -4.38
N LEU A 30 -13.33 8.28 -5.39
CA LEU A 30 -13.93 8.47 -6.71
C LEU A 30 -15.38 8.02 -6.72
N SER A 31 -15.60 6.75 -6.43
CA SER A 31 -16.96 6.19 -6.41
C SER A 31 -17.08 5.10 -5.35
N SER A 32 -18.28 4.54 -5.21
CA SER A 32 -18.53 3.50 -4.23
C SER A 32 -17.61 2.30 -4.46
N SER A 33 -17.18 2.13 -5.71
CA SER A 33 -16.30 1.03 -6.08
C SER A 33 -15.07 1.54 -6.82
N GLU A 34 -14.67 2.78 -6.52
CA GLU A 34 -13.51 3.38 -7.17
C GLU A 34 -12.81 4.34 -6.22
N ILE A 35 -11.48 4.28 -6.19
CA ILE A 35 -10.69 5.15 -5.34
C ILE A 35 -9.30 5.39 -5.94
N SER A 36 -8.80 6.61 -5.74
CA SER A 36 -7.48 6.98 -6.26
C SER A 36 -6.49 7.19 -5.12
N VAL A 37 -5.32 6.57 -5.23
CA VAL A 37 -4.28 6.68 -4.21
C VAL A 37 -3.06 7.42 -4.76
N HIS A 38 -2.92 8.68 -4.38
CA HIS A 38 -1.80 9.50 -4.83
C HIS A 38 -0.70 9.55 -3.76
N TRP A 39 0.55 9.55 -4.21
CA TRP A 39 1.68 9.60 -3.29
C TRP A 39 2.87 10.30 -3.94
N GLU A 40 3.84 10.69 -3.11
CA GLU A 40 5.03 11.36 -3.60
C GLU A 40 6.15 10.35 -3.89
N HIS A 41 6.91 10.62 -4.95
CA HIS A 41 8.01 9.73 -5.33
C HIS A 41 9.17 9.87 -4.36
N VAL A 42 9.71 8.74 -3.92
CA VAL A 42 10.84 8.73 -2.99
C VAL A 42 12.16 8.83 -3.73
N LEU A 43 13.11 9.55 -3.14
CA LEU A 43 14.43 9.73 -3.74
C LEU A 43 15.05 8.37 -4.08
N GLU A 44 14.50 7.31 -3.51
CA GLU A 44 15.00 5.96 -3.75
C GLU A 44 14.74 5.54 -5.20
N LYS A 45 15.81 5.18 -5.90
CA LYS A 45 15.70 4.75 -7.30
C LYS A 45 15.78 3.23 -7.41
N ILE A 46 15.88 2.57 -6.27
CA ILE A 46 15.96 1.11 -6.24
C ILE A 46 14.59 0.49 -6.00
N VAL A 47 13.69 1.28 -5.41
CA VAL A 47 12.34 0.81 -5.12
C VAL A 47 11.77 0.04 -6.30
N GLU A 48 11.54 -1.27 -6.10
CA GLU A 48 11.00 -2.11 -7.15
C GLU A 48 9.63 -1.59 -7.62
N SER A 49 8.76 -1.30 -6.66
CA SER A 49 7.42 -0.80 -6.96
C SER A 49 6.71 -0.34 -5.70
N TYR A 50 5.48 0.13 -5.86
CA TYR A 50 4.69 0.60 -4.73
C TYR A 50 3.48 -0.29 -4.49
N GLN A 51 3.42 -0.87 -3.30
CA GLN A 51 2.31 -1.76 -2.95
C GLN A 51 1.25 -1.01 -2.14
N ILE A 52 0.10 -0.78 -2.77
CA ILE A 52 -1.00 -0.07 -2.11
C ILE A 52 -1.85 -1.03 -1.30
N ARG A 53 -1.43 -1.30 -0.07
CA ARG A 53 -2.17 -2.20 0.82
C ARG A 53 -3.51 -1.59 1.21
N TYR A 54 -4.59 -2.28 0.84
CA TYR A 54 -5.94 -1.82 1.15
C TYR A 54 -6.81 -2.96 1.66
N TRP A 55 -7.60 -2.69 2.69
CA TRP A 55 -8.49 -3.70 3.26
C TRP A 55 -9.51 -3.05 4.18
N ALA A 56 -10.66 -3.71 4.33
CA ALA A 56 -11.73 -3.20 5.18
C ALA A 56 -11.29 -3.16 6.64
N ALA A 57 -11.90 -2.27 7.41
CA ALA A 57 -11.58 -2.14 8.83
C ALA A 57 -11.72 -3.47 9.56
N HIS A 58 -12.82 -4.17 9.29
CA HIS A 58 -13.08 -5.46 9.91
C HIS A 58 -12.00 -6.47 9.54
N ASP A 59 -11.59 -6.44 8.27
CA ASP A 59 -10.56 -7.36 7.79
C ASP A 59 -9.27 -7.23 8.61
N LYS A 60 -8.39 -8.22 8.48
CA LYS A 60 -7.13 -8.21 9.21
C LYS A 60 -5.98 -7.86 8.28
N GLU A 61 -4.81 -7.58 8.87
CA GLU A 61 -3.63 -7.23 8.10
C GLU A 61 -3.12 -8.43 7.30
N GLU A 62 -3.52 -9.62 7.72
CA GLU A 62 -3.11 -10.85 7.05
C GLU A 62 -3.95 -11.10 5.81
N ALA A 63 -5.20 -10.66 5.85
CA ALA A 63 -6.11 -10.85 4.73
C ALA A 63 -6.20 -9.57 3.89
N ALA A 64 -5.23 -8.68 4.07
CA ALA A 64 -5.20 -7.43 3.32
C ALA A 64 -4.57 -7.62 1.95
N ASN A 65 -5.18 -7.03 0.93
CA ASN A 65 -4.68 -7.14 -0.44
C ASN A 65 -4.03 -5.84 -0.89
N ARG A 66 -3.09 -5.94 -1.83
CA ARG A 66 -2.40 -4.76 -2.34
C ARG A 66 -2.29 -4.81 -3.85
N VAL A 67 -2.10 -3.65 -4.48
CA VAL A 67 -1.97 -3.58 -5.93
C VAL A 67 -0.64 -2.95 -6.33
N GLN A 68 0.30 -3.78 -6.74
CA GLN A 68 1.62 -3.31 -7.16
C GLN A 68 1.57 -2.73 -8.57
N VAL A 69 2.11 -1.53 -8.74
CA VAL A 69 2.13 -0.88 -10.04
C VAL A 69 3.52 -0.34 -10.36
N THR A 70 3.67 0.24 -11.55
CA THR A 70 4.94 0.79 -11.99
C THR A 70 5.37 1.94 -11.09
N SER A 71 6.64 1.95 -10.71
CA SER A 71 7.17 3.00 -9.85
C SER A 71 6.91 4.38 -10.45
N GLN A 72 6.75 4.42 -11.77
CA GLN A 72 6.49 5.68 -12.47
C GLN A 72 5.13 6.23 -12.09
N GLU A 73 4.18 5.34 -11.83
CA GLU A 73 2.82 5.74 -11.46
C GLU A 73 2.83 6.54 -10.16
N TYR A 74 2.54 7.82 -10.25
CA TYR A 74 2.51 8.70 -9.08
C TYR A 74 1.27 8.43 -8.23
N SER A 75 0.41 7.53 -8.72
CA SER A 75 -0.82 7.19 -8.01
C SER A 75 -1.39 5.87 -8.52
N ALA A 76 -2.39 5.36 -7.81
CA ALA A 76 -3.02 4.10 -8.19
C ALA A 76 -4.54 4.22 -8.16
N ARG A 77 -5.22 3.18 -8.62
CA ARG A 77 -6.68 3.17 -8.66
C ARG A 77 -7.23 1.83 -8.19
N LEU A 78 -8.17 1.88 -7.25
CA LEU A 78 -8.78 0.67 -6.70
C LEU A 78 -10.17 0.45 -7.28
N GLU A 79 -10.58 -0.81 -7.37
CA GLU A 79 -11.90 -1.15 -7.90
C GLU A 79 -12.55 -2.27 -7.08
N ASN A 80 -13.74 -2.67 -7.50
CA ASN A 80 -14.47 -3.73 -6.81
C ASN A 80 -14.43 -3.52 -5.30
N LEU A 81 -14.68 -2.29 -4.88
CA LEU A 81 -14.68 -1.95 -3.46
C LEU A 81 -16.10 -1.86 -2.90
N LEU A 82 -16.27 -2.29 -1.66
CA LEU A 82 -17.59 -2.27 -1.02
C LEU A 82 -18.02 -0.83 -0.74
N PRO A 83 -19.33 -0.58 -0.89
CA PRO A 83 -19.91 0.75 -0.66
C PRO A 83 -19.91 1.14 0.82
N ASP A 84 -19.84 2.44 1.08
CA ASP A 84 -19.83 2.94 2.44
C ASP A 84 -19.06 2.00 3.36
N THR A 85 -17.82 1.69 2.98
CA THR A 85 -16.97 0.81 3.77
C THR A 85 -15.62 1.45 4.05
N GLN A 86 -15.18 1.38 5.30
CA GLN A 86 -13.90 1.95 5.70
C GLN A 86 -12.75 1.05 5.26
N TYR A 87 -11.98 1.52 4.27
CA TYR A 87 -10.86 0.76 3.76
C TYR A 87 -9.53 1.44 4.12
N PHE A 88 -8.68 0.72 4.84
CA PHE A 88 -7.38 1.25 5.25
C PHE A 88 -6.36 1.09 4.13
N ILE A 89 -6.03 2.21 3.48
CA ILE A 89 -5.06 2.19 2.39
C ILE A 89 -3.69 2.67 2.88
N GLU A 90 -2.64 2.01 2.39
CA GLU A 90 -1.28 2.37 2.77
C GLU A 90 -0.33 2.27 1.57
N VAL A 91 0.36 3.37 1.28
CA VAL A 91 1.30 3.42 0.17
C VAL A 91 2.75 3.41 0.65
N GLY A 92 3.37 2.23 0.64
CA GLY A 92 4.75 2.12 1.08
C GLY A 92 5.62 1.41 0.07
N ALA A 93 6.76 2.01 -0.25
CA ALA A 93 7.69 1.44 -1.21
C ALA A 93 8.52 0.34 -0.57
N CYS A 94 8.91 -0.65 -1.38
CA CYS A 94 9.71 -1.77 -0.89
C CYS A 94 10.18 -2.65 -2.04
N ASN A 95 11.43 -3.10 -1.97
CA ASN A 95 11.99 -3.96 -3.01
C ASN A 95 12.17 -5.38 -2.50
N SER A 96 12.54 -6.27 -3.41
CA SER A 96 12.75 -7.68 -3.07
C SER A 96 14.01 -7.84 -2.23
N ALA A 97 14.99 -6.97 -2.46
CA ALA A 97 16.24 -7.02 -1.72
C ALA A 97 16.02 -6.76 -0.23
N GLY A 98 15.62 -5.55 0.10
CA GLY A 98 15.38 -5.20 1.49
C GLY A 98 13.93 -4.83 1.76
N CYS A 99 13.53 -4.85 3.03
CA CYS A 99 12.16 -4.51 3.40
C CYS A 99 12.09 -3.10 3.97
N GLY A 100 11.19 -2.30 3.42
CA GLY A 100 11.02 -0.93 3.88
C GLY A 100 9.76 -0.74 4.70
N PRO A 101 9.79 0.26 5.59
CA PRO A 101 8.65 0.57 6.46
C PRO A 101 7.47 1.17 5.69
N PRO A 102 6.25 0.77 6.07
CA PRO A 102 5.03 1.25 5.42
C PRO A 102 4.75 2.73 5.72
N SER A 103 3.92 3.35 4.90
CA SER A 103 3.58 4.76 5.07
C SER A 103 2.51 4.93 6.15
N ASP A 104 2.19 6.18 6.45
CA ASP A 104 1.17 6.48 7.47
C ASP A 104 -0.15 5.80 7.13
N MET A 105 -0.79 5.23 8.14
CA MET A 105 -2.06 4.55 7.96
C MET A 105 -3.14 5.52 7.49
N ILE A 106 -3.60 5.34 6.26
CA ILE A 106 -4.62 6.20 5.70
C ILE A 106 -5.97 5.49 5.65
N GLU A 107 -7.04 6.23 6.01
CA GLU A 107 -8.38 5.66 6.01
C GLU A 107 -9.24 6.33 4.93
N ALA A 108 -10.09 5.53 4.29
CA ALA A 108 -10.97 6.03 3.24
C ALA A 108 -12.42 5.61 3.49
N PHE A 109 -13.35 6.38 2.96
CA PHE A 109 -14.77 6.09 3.12
C PHE A 109 -15.50 6.18 1.79
N THR A 110 -15.90 5.03 1.25
CA THR A 110 -16.61 4.97 -0.02
C THR A 110 -18.01 5.55 0.11
N LYS A 111 -18.63 5.82 -1.03
CA LYS A 111 -19.98 6.38 -1.05
C LYS A 111 -21.03 5.28 -0.90
N LYS A 112 -22.29 5.69 -0.73
CA LYS A 112 -23.38 4.74 -0.57
C LYS A 112 -23.87 4.25 -1.94
N ALA A 113 -23.91 2.94 -2.12
CA ALA A 113 -24.36 2.34 -3.37
C ALA A 113 -25.75 2.85 -3.75
N SER A 114 -26.71 2.61 -2.87
CA SER A 114 -28.08 3.05 -3.12
C SER A 114 -28.47 4.20 -2.18
N GLY A 115 -29.56 4.89 -2.51
CA GLY A 115 -30.01 6.00 -1.69
C GLY A 115 -30.06 7.30 -2.46
N PRO A 116 -30.38 8.40 -1.76
CA PRO A 116 -30.47 9.72 -2.37
C PRO A 116 -29.10 10.27 -2.77
N SER A 117 -28.05 9.57 -2.37
CA SER A 117 -26.69 9.98 -2.69
C SER A 117 -26.44 9.88 -4.20
N SER A 118 -26.61 8.68 -4.74
CA SER A 118 -26.39 8.45 -6.16
C SER A 118 -27.66 8.75 -6.96
N GLY A 119 -28.58 9.47 -6.34
CA GLY A 119 -29.82 9.82 -7.01
C GLY A 119 -30.95 8.87 -6.65
N GLY A 1 1.39 -22.91 20.02
CA GLY A 1 2.23 -22.05 20.83
C GLY A 1 2.77 -20.87 20.06
N SER A 2 3.26 -19.86 20.77
CA SER A 2 3.81 -18.66 20.14
C SER A 2 4.97 -18.10 20.96
N SER A 3 6.13 -17.96 20.32
CA SER A 3 7.31 -17.44 20.99
C SER A 3 7.83 -16.19 20.28
N GLY A 4 8.74 -15.48 20.93
CA GLY A 4 9.30 -14.27 20.36
C GLY A 4 10.81 -14.27 20.38
N SER A 5 11.42 -13.96 19.24
CA SER A 5 12.87 -13.93 19.12
C SER A 5 13.38 -12.50 18.96
N SER A 6 12.63 -11.69 18.21
CA SER A 6 12.99 -10.31 17.97
C SER A 6 14.38 -10.22 17.32
N GLY A 7 14.63 -11.09 16.36
CA GLY A 7 15.92 -11.09 15.69
C GLY A 7 15.81 -10.74 14.22
N VAL A 8 15.45 -9.49 13.93
CA VAL A 8 15.30 -9.03 12.56
C VAL A 8 16.56 -9.33 11.74
N ALA A 9 16.37 -10.02 10.62
CA ALA A 9 17.48 -10.37 9.75
C ALA A 9 17.21 -9.92 8.31
N VAL A 10 18.12 -9.13 7.76
CA VAL A 10 17.98 -8.64 6.40
C VAL A 10 18.76 -9.51 5.41
N ILE A 11 18.24 -9.62 4.20
CA ILE A 11 18.89 -10.42 3.17
C ILE A 11 20.33 -9.99 2.96
N ASN A 12 21.27 -10.90 3.25
CA ASN A 12 22.69 -10.61 3.09
C ASN A 12 22.98 -10.11 1.69
N SER A 13 22.48 -10.83 0.69
CA SER A 13 22.69 -10.45 -0.70
C SER A 13 21.70 -9.38 -1.15
N ALA A 14 22.17 -8.13 -1.16
CA ALA A 14 21.32 -7.01 -1.56
C ALA A 14 22.16 -5.87 -2.11
N GLN A 15 21.60 -5.14 -3.08
CA GLN A 15 22.29 -4.02 -3.69
C GLN A 15 22.04 -2.74 -2.92
N ASP A 16 20.86 -2.64 -2.31
CA ASP A 16 20.49 -1.46 -1.54
C ASP A 16 19.19 -1.69 -0.78
N ALA A 17 18.70 -0.65 -0.11
CA ALA A 17 17.46 -0.73 0.66
C ALA A 17 16.87 0.64 0.90
N PRO A 18 15.53 0.73 0.87
CA PRO A 18 14.81 1.99 1.09
C PRO A 18 14.90 2.46 2.53
N SER A 19 15.17 3.75 2.72
CA SER A 19 15.28 4.32 4.05
C SER A 19 14.32 5.51 4.21
N GLU A 20 13.80 5.99 3.09
CA GLU A 20 12.88 7.13 3.11
C GLU A 20 11.47 6.69 2.70
N ALA A 21 10.47 7.23 3.38
CA ALA A 21 9.08 6.90 3.09
C ALA A 21 8.39 8.03 2.34
N PRO A 22 7.44 7.67 1.47
CA PRO A 22 6.68 8.65 0.68
C PRO A 22 5.73 9.48 1.53
N THR A 23 6.11 10.73 1.79
CA THR A 23 5.28 11.62 2.60
C THR A 23 4.24 12.32 1.74
N GLU A 24 3.38 13.11 2.39
CA GLU A 24 2.33 13.83 1.69
C GLU A 24 1.46 12.87 0.87
N VAL A 25 1.00 11.81 1.51
CA VAL A 25 0.16 10.82 0.85
C VAL A 25 -1.31 11.03 1.20
N GLY A 26 -2.19 10.59 0.30
CA GLY A 26 -3.62 10.74 0.53
C GLY A 26 -4.44 9.70 -0.22
N VAL A 27 -5.76 9.79 -0.09
CA VAL A 27 -6.66 8.85 -0.76
C VAL A 27 -7.89 9.56 -1.29
N LYS A 28 -8.10 9.48 -2.60
CA LYS A 28 -9.24 10.11 -3.24
C LYS A 28 -10.35 9.10 -3.50
N VAL A 29 -11.58 9.48 -3.19
CA VAL A 29 -12.73 8.61 -3.40
C VAL A 29 -13.49 8.97 -4.66
N LEU A 30 -13.28 8.18 -5.72
CA LEU A 30 -13.94 8.42 -7.00
C LEU A 30 -15.39 7.95 -6.95
N SER A 31 -15.59 6.69 -6.59
CA SER A 31 -16.93 6.12 -6.51
C SER A 31 -17.02 5.10 -5.37
N SER A 32 -18.23 4.63 -5.10
CA SER A 32 -18.46 3.66 -4.04
C SER A 32 -17.53 2.46 -4.19
N SER A 33 -17.09 2.21 -5.42
CA SER A 33 -16.20 1.10 -5.71
C SER A 33 -14.96 1.56 -6.48
N GLU A 34 -14.58 2.82 -6.26
CA GLU A 34 -13.42 3.38 -6.94
C GLU A 34 -12.71 4.39 -6.04
N ILE A 35 -11.43 4.15 -5.80
CA ILE A 35 -10.63 5.02 -4.96
C ILE A 35 -9.20 5.16 -5.49
N SER A 36 -8.76 6.39 -5.68
CA SER A 36 -7.41 6.66 -6.18
C SER A 36 -6.44 6.88 -5.04
N VAL A 37 -5.25 6.32 -5.16
CA VAL A 37 -4.22 6.47 -4.14
C VAL A 37 -3.01 7.21 -4.68
N HIS A 38 -2.83 8.45 -4.25
CA HIS A 38 -1.70 9.27 -4.69
C HIS A 38 -0.65 9.39 -3.58
N TRP A 39 0.61 9.30 -3.97
CA TRP A 39 1.71 9.40 -3.01
C TRP A 39 2.89 10.15 -3.62
N GLU A 40 3.83 10.54 -2.76
CA GLU A 40 5.02 11.27 -3.21
C GLU A 40 6.17 10.31 -3.49
N HIS A 41 6.89 10.55 -4.57
CA HIS A 41 8.03 9.70 -4.94
C HIS A 41 9.17 9.86 -3.94
N VAL A 42 9.70 8.74 -3.48
CA VAL A 42 10.80 8.75 -2.52
C VAL A 42 12.13 8.97 -3.22
N LEU A 43 12.99 9.76 -2.59
CA LEU A 43 14.32 10.05 -3.15
C LEU A 43 15.04 8.77 -3.53
N GLU A 44 14.58 7.65 -2.98
CA GLU A 44 15.19 6.36 -3.25
C GLU A 44 14.63 5.76 -4.54
N LYS A 45 15.38 5.89 -5.63
CA LYS A 45 14.95 5.37 -6.93
C LYS A 45 15.22 3.87 -7.01
N ILE A 46 15.68 3.28 -5.91
CA ILE A 46 15.96 1.85 -5.87
C ILE A 46 14.69 1.04 -5.73
N VAL A 47 13.61 1.70 -5.33
CA VAL A 47 12.32 1.04 -5.16
C VAL A 47 11.81 0.48 -6.48
N GLU A 48 11.48 -0.80 -6.48
CA GLU A 48 10.97 -1.46 -7.68
C GLU A 48 9.55 -1.03 -7.98
N SER A 49 8.73 -0.93 -6.94
CA SER A 49 7.34 -0.52 -7.10
C SER A 49 6.73 -0.15 -5.75
N TYR A 50 5.49 0.34 -5.78
CA TYR A 50 4.80 0.74 -4.56
C TYR A 50 3.63 -0.20 -4.28
N GLN A 51 3.58 -0.71 -3.05
CA GLN A 51 2.52 -1.63 -2.65
C GLN A 51 1.36 -0.86 -2.01
N ILE A 52 0.21 -0.90 -2.65
CA ILE A 52 -0.98 -0.20 -2.14
C ILE A 52 -1.98 -1.19 -1.55
N ARG A 53 -1.88 -1.41 -0.24
CA ARG A 53 -2.78 -2.33 0.45
C ARG A 53 -4.11 -1.65 0.79
N TYR A 54 -5.18 -2.43 0.79
CA TYR A 54 -6.51 -1.91 1.08
C TYR A 54 -7.43 -3.01 1.61
N TRP A 55 -8.14 -2.70 2.68
CA TRP A 55 -9.06 -3.67 3.28
C TRP A 55 -10.06 -2.97 4.20
N ALA A 56 -11.13 -3.68 4.54
CA ALA A 56 -12.16 -3.12 5.41
C ALA A 56 -11.68 -3.07 6.86
N ALA A 57 -12.13 -2.05 7.59
CA ALA A 57 -11.74 -1.89 8.99
C ALA A 57 -11.77 -3.22 9.73
N HIS A 58 -12.87 -3.95 9.58
CA HIS A 58 -13.03 -5.24 10.23
C HIS A 58 -11.95 -6.22 9.77
N ASP A 59 -11.69 -6.23 8.47
CA ASP A 59 -10.69 -7.12 7.90
C ASP A 59 -9.32 -6.87 8.53
N LYS A 60 -8.36 -7.71 8.18
CA LYS A 60 -7.00 -7.58 8.72
C LYS A 60 -6.00 -7.25 7.61
N GLU A 61 -4.94 -6.55 7.98
CA GLU A 61 -3.92 -6.17 7.01
C GLU A 61 -3.38 -7.38 6.28
N GLU A 62 -3.21 -8.49 7.00
CA GLU A 62 -2.71 -9.73 6.41
C GLU A 62 -3.57 -10.14 5.23
N ALA A 63 -4.89 -10.10 5.40
CA ALA A 63 -5.82 -10.47 4.35
C ALA A 63 -6.17 -9.28 3.48
N ALA A 64 -5.40 -8.21 3.61
CA ALA A 64 -5.63 -7.00 2.83
C ALA A 64 -5.06 -7.13 1.42
N ASN A 65 -5.89 -6.85 0.42
CA ASN A 65 -5.46 -6.94 -0.97
C ASN A 65 -4.19 -6.12 -1.20
N ARG A 66 -3.37 -6.58 -2.14
CA ARG A 66 -2.12 -5.90 -2.47
C ARG A 66 -2.09 -5.47 -3.92
N VAL A 67 -1.89 -4.18 -4.15
CA VAL A 67 -1.84 -3.63 -5.51
C VAL A 67 -0.48 -3.03 -5.81
N GLN A 68 0.25 -3.66 -6.73
CA GLN A 68 1.58 -3.19 -7.11
C GLN A 68 1.54 -2.50 -8.47
N VAL A 69 1.95 -1.23 -8.49
CA VAL A 69 1.96 -0.47 -9.73
C VAL A 69 3.39 -0.04 -10.10
N THR A 70 3.57 0.32 -11.36
CA THR A 70 4.89 0.74 -11.85
C THR A 70 5.45 1.87 -11.00
N SER A 71 6.74 1.80 -10.69
CA SER A 71 7.40 2.81 -9.88
C SER A 71 7.21 4.19 -10.49
N GLN A 72 6.84 4.23 -11.77
CA GLN A 72 6.63 5.49 -12.46
C GLN A 72 5.27 6.09 -12.12
N GLU A 73 4.30 5.23 -11.83
CA GLU A 73 2.96 5.68 -11.47
C GLU A 73 2.96 6.34 -10.10
N TYR A 74 2.86 7.67 -10.09
CA TYR A 74 2.84 8.43 -8.84
C TYR A 74 1.59 8.10 -8.03
N SER A 75 0.59 7.53 -8.68
CA SER A 75 -0.66 7.17 -8.01
C SER A 75 -1.26 5.90 -8.63
N ALA A 76 -2.15 5.26 -7.88
CA ALA A 76 -2.79 4.04 -8.36
C ALA A 76 -4.30 4.19 -8.35
N ARG A 77 -5.00 3.10 -8.67
CA ARG A 77 -6.47 3.12 -8.71
C ARG A 77 -7.03 1.81 -8.15
N LEU A 78 -7.94 1.93 -7.19
CA LEU A 78 -8.56 0.76 -6.58
C LEU A 78 -9.97 0.56 -7.10
N GLU A 79 -10.36 -0.70 -7.28
CA GLU A 79 -11.69 -1.03 -7.77
C GLU A 79 -12.24 -2.27 -7.06
N ASN A 80 -13.51 -2.59 -7.34
CA ASN A 80 -14.15 -3.75 -6.73
C ASN A 80 -14.19 -3.61 -5.21
N LEU A 81 -14.60 -2.45 -4.73
CA LEU A 81 -14.68 -2.19 -3.30
C LEU A 81 -16.13 -2.18 -2.84
N LEU A 82 -16.32 -2.14 -1.51
CA LEU A 82 -17.66 -2.12 -0.93
C LEU A 82 -18.11 -0.69 -0.66
N PRO A 83 -19.41 -0.43 -0.86
CA PRO A 83 -20.00 0.89 -0.64
C PRO A 83 -20.06 1.26 0.83
N ASP A 84 -19.95 2.55 1.13
CA ASP A 84 -19.98 3.03 2.49
C ASP A 84 -19.24 2.08 3.43
N THR A 85 -18.02 1.74 3.06
CA THR A 85 -17.19 0.83 3.86
C THR A 85 -15.82 1.42 4.11
N GLN A 86 -15.44 1.54 5.38
CA GLN A 86 -14.14 2.08 5.74
C GLN A 86 -13.02 1.19 5.24
N TYR A 87 -12.11 1.76 4.46
CA TYR A 87 -10.99 1.02 3.91
C TYR A 87 -9.65 1.65 4.32
N PHE A 88 -8.78 0.85 4.91
CA PHE A 88 -7.47 1.33 5.35
C PHE A 88 -6.44 1.18 4.24
N ILE A 89 -6.11 2.29 3.59
CA ILE A 89 -5.14 2.28 2.50
C ILE A 89 -3.76 2.71 3.01
N GLU A 90 -2.72 2.15 2.40
CA GLU A 90 -1.35 2.47 2.79
C GLU A 90 -0.41 2.38 1.59
N VAL A 91 0.34 3.46 1.35
CA VAL A 91 1.28 3.50 0.23
C VAL A 91 2.72 3.38 0.72
N GLY A 92 3.38 2.31 0.32
CA GLY A 92 4.77 2.10 0.72
C GLY A 92 5.62 1.50 -0.38
N ALA A 93 6.78 2.09 -0.62
CA ALA A 93 7.68 1.61 -1.66
C ALA A 93 8.63 0.55 -1.11
N CYS A 94 9.11 -0.32 -1.99
CA CYS A 94 10.02 -1.39 -1.59
C CYS A 94 10.56 -2.13 -2.81
N ASN A 95 11.80 -2.58 -2.73
CA ASN A 95 12.42 -3.30 -3.83
C ASN A 95 12.62 -4.78 -3.47
N SER A 96 13.04 -5.57 -4.45
CA SER A 96 13.26 -7.00 -4.23
C SER A 96 14.50 -7.23 -3.38
N ALA A 97 15.28 -6.17 -3.18
CA ALA A 97 16.50 -6.26 -2.38
C ALA A 97 16.19 -6.16 -0.89
N GLY A 98 15.81 -4.97 -0.45
CA GLY A 98 15.50 -4.76 0.96
C GLY A 98 14.06 -4.34 1.17
N CYS A 99 13.56 -4.55 2.38
CA CYS A 99 12.18 -4.19 2.71
C CYS A 99 12.12 -2.79 3.33
N GLY A 100 11.20 -1.97 2.83
CA GLY A 100 11.05 -0.63 3.34
C GLY A 100 9.83 -0.47 4.23
N PRO A 101 9.90 0.48 5.17
CA PRO A 101 8.81 0.75 6.11
C PRO A 101 7.59 1.38 5.43
N PRO A 102 6.39 0.98 5.87
CA PRO A 102 5.14 1.50 5.31
C PRO A 102 4.90 2.95 5.67
N SER A 103 4.08 3.63 4.88
CA SER A 103 3.76 5.03 5.12
C SER A 103 2.72 5.18 6.22
N ASP A 104 2.30 6.41 6.47
CA ASP A 104 1.30 6.69 7.49
C ASP A 104 -0.04 6.03 7.15
N MET A 105 -0.58 5.26 8.08
CA MET A 105 -1.85 4.58 7.87
C MET A 105 -2.96 5.57 7.60
N ILE A 106 -3.52 5.52 6.40
CA ILE A 106 -4.61 6.43 6.01
C ILE A 106 -5.93 5.68 5.90
N GLU A 107 -7.02 6.38 6.16
CA GLU A 107 -8.35 5.79 6.08
C GLU A 107 -9.20 6.49 5.03
N ALA A 108 -10.07 5.72 4.37
CA ALA A 108 -10.94 6.28 3.35
C ALA A 108 -12.38 5.81 3.54
N PHE A 109 -13.33 6.61 3.05
CA PHE A 109 -14.74 6.29 3.18
C PHE A 109 -15.45 6.37 1.83
N THR A 110 -15.97 5.23 1.37
CA THR A 110 -16.66 5.16 0.09
C THR A 110 -18.04 5.81 0.18
N LYS A 111 -18.73 5.88 -0.96
CA LYS A 111 -20.06 6.46 -1.00
C LYS A 111 -21.13 5.40 -0.81
N LYS A 112 -22.37 5.84 -0.59
CA LYS A 112 -23.48 4.92 -0.40
C LYS A 112 -24.01 4.41 -1.73
N ALA A 113 -23.88 3.11 -1.95
CA ALA A 113 -24.34 2.50 -3.20
C ALA A 113 -25.80 2.88 -3.49
N SER A 114 -26.02 3.51 -4.63
CA SER A 114 -27.35 3.93 -5.03
C SER A 114 -27.43 4.16 -6.53
N GLY A 115 -28.32 3.41 -7.18
CA GLY A 115 -28.48 3.55 -8.62
C GLY A 115 -27.59 2.58 -9.39
N PRO A 116 -27.32 2.91 -10.66
CA PRO A 116 -26.49 2.08 -11.53
C PRO A 116 -25.02 2.08 -11.11
N SER A 117 -24.66 1.15 -10.23
CA SER A 117 -23.30 1.06 -9.74
C SER A 117 -22.41 0.32 -10.74
N SER A 118 -21.61 1.09 -11.50
CA SER A 118 -20.73 0.52 -12.49
C SER A 118 -19.33 1.13 -12.38
N GLY A 119 -18.31 0.27 -12.43
CA GLY A 119 -16.94 0.74 -12.34
C GLY A 119 -16.48 1.42 -13.60
N GLY A 1 52.60 -24.98 3.78
CA GLY A 1 51.34 -24.84 4.46
C GLY A 1 50.17 -24.72 3.49
N SER A 2 49.10 -24.08 3.94
CA SER A 2 47.91 -23.90 3.11
C SER A 2 48.16 -22.88 2.00
N SER A 3 48.22 -23.36 0.77
CA SER A 3 48.45 -22.47 -0.38
C SER A 3 47.35 -21.42 -0.49
N GLY A 4 46.11 -21.89 -0.62
CA GLY A 4 45.00 -20.97 -0.74
C GLY A 4 43.96 -21.44 -1.75
N SER A 5 42.81 -21.89 -1.25
CA SER A 5 41.74 -22.38 -2.12
C SER A 5 40.42 -22.46 -1.37
N SER A 6 39.34 -22.63 -2.11
CA SER A 6 38.02 -22.72 -1.51
C SER A 6 37.01 -23.32 -2.49
N GLY A 7 35.95 -23.92 -1.96
CA GLY A 7 34.93 -24.52 -2.81
C GLY A 7 33.74 -23.61 -3.01
N VAL A 8 32.63 -24.18 -3.45
CA VAL A 8 31.41 -23.40 -3.68
C VAL A 8 31.03 -22.58 -2.46
N ALA A 9 30.85 -21.28 -2.66
CA ALA A 9 30.48 -20.39 -1.57
C ALA A 9 29.97 -19.06 -2.10
N VAL A 10 29.34 -18.27 -1.24
CA VAL A 10 28.81 -16.97 -1.61
C VAL A 10 28.44 -16.14 -0.39
N ILE A 11 28.77 -14.86 -0.43
CA ILE A 11 28.47 -13.97 0.68
C ILE A 11 27.16 -13.22 0.44
N ASN A 12 26.06 -13.79 0.94
CA ASN A 12 24.75 -13.17 0.78
C ASN A 12 24.83 -11.66 0.95
N SER A 13 24.19 -10.94 0.03
CA SER A 13 24.19 -9.48 0.08
C SER A 13 23.04 -8.91 -0.73
N ALA A 14 22.83 -7.61 -0.62
CA ALA A 14 21.75 -6.94 -1.35
C ALA A 14 22.25 -5.67 -2.02
N GLN A 15 21.77 -5.41 -3.23
CA GLN A 15 22.17 -4.23 -3.99
C GLN A 15 21.88 -2.96 -3.20
N ASP A 16 20.64 -2.81 -2.75
CA ASP A 16 20.24 -1.64 -1.99
C ASP A 16 18.97 -1.91 -1.20
N ALA A 17 18.47 -0.89 -0.52
CA ALA A 17 17.25 -1.03 0.28
C ALA A 17 16.61 0.34 0.53
N PRO A 18 15.27 0.36 0.63
CA PRO A 18 14.51 1.58 0.88
C PRO A 18 14.73 2.13 2.29
N SER A 19 14.87 3.43 2.41
CA SER A 19 15.08 4.08 3.70
C SER A 19 14.07 5.19 3.93
N GLU A 20 13.73 5.91 2.85
CA GLU A 20 12.78 7.00 2.94
C GLU A 20 11.37 6.52 2.60
N ALA A 21 10.38 7.10 3.26
CA ALA A 21 8.99 6.75 3.02
C ALA A 21 8.26 7.81 2.19
N PRO A 22 7.35 7.36 1.32
CA PRO A 22 6.58 8.25 0.46
C PRO A 22 5.57 9.09 1.23
N THR A 23 5.96 10.33 1.54
CA THR A 23 5.09 11.23 2.28
C THR A 23 4.04 11.87 1.38
N GLU A 24 3.20 12.72 1.95
CA GLU A 24 2.15 13.39 1.19
C GLU A 24 1.30 12.38 0.43
N VAL A 25 1.00 11.26 1.07
CA VAL A 25 0.19 10.21 0.46
C VAL A 25 -1.28 10.36 0.84
N GLY A 26 -2.09 10.81 -0.11
CA GLY A 26 -3.50 10.99 0.14
C GLY A 26 -4.36 9.99 -0.61
N VAL A 27 -5.67 10.03 -0.37
CA VAL A 27 -6.59 9.12 -1.03
C VAL A 27 -7.87 9.84 -1.43
N LYS A 28 -8.18 9.78 -2.73
CA LYS A 28 -9.39 10.43 -3.25
C LYS A 28 -10.44 9.39 -3.65
N VAL A 29 -11.68 9.62 -3.24
CA VAL A 29 -12.77 8.71 -3.55
C VAL A 29 -13.39 9.04 -4.91
N LEU A 30 -13.23 8.12 -5.86
CA LEU A 30 -13.78 8.31 -7.20
C LEU A 30 -15.24 7.91 -7.25
N SER A 31 -15.56 6.76 -6.65
CA SER A 31 -16.93 6.26 -6.63
C SER A 31 -17.10 5.20 -5.55
N SER A 32 -18.31 4.66 -5.45
CA SER A 32 -18.62 3.64 -4.45
C SER A 32 -17.57 2.52 -4.50
N SER A 33 -17.17 2.15 -5.70
CA SER A 33 -16.17 1.09 -5.89
C SER A 33 -14.97 1.60 -6.67
N GLU A 34 -14.54 2.82 -6.36
CA GLU A 34 -13.40 3.42 -7.03
C GLU A 34 -12.70 4.43 -6.13
N ILE A 35 -11.41 4.21 -5.90
CA ILE A 35 -10.63 5.11 -5.07
C ILE A 35 -9.19 5.22 -5.55
N SER A 36 -8.73 6.45 -5.78
CA SER A 36 -7.37 6.68 -6.25
C SER A 36 -6.46 7.10 -5.10
N VAL A 37 -5.29 6.48 -5.04
CA VAL A 37 -4.32 6.78 -3.99
C VAL A 37 -3.06 7.43 -4.57
N HIS A 38 -2.90 8.72 -4.30
CA HIS A 38 -1.74 9.46 -4.79
C HIS A 38 -0.65 9.54 -3.72
N TRP A 39 0.59 9.65 -4.16
CA TRP A 39 1.72 9.74 -3.24
C TRP A 39 2.91 10.42 -3.90
N GLU A 40 3.85 10.89 -3.09
CA GLU A 40 5.03 11.57 -3.60
C GLU A 40 6.16 10.56 -3.88
N HIS A 41 7.04 10.92 -4.80
CA HIS A 41 8.16 10.05 -5.17
C HIS A 41 9.29 10.16 -4.16
N VAL A 42 9.75 9.02 -3.66
CA VAL A 42 10.83 8.99 -2.68
C VAL A 42 12.16 9.41 -3.31
N LEU A 43 13.16 9.63 -2.48
CA LEU A 43 14.48 10.03 -2.95
C LEU A 43 15.22 8.83 -3.54
N GLU A 44 14.90 7.64 -3.06
CA GLU A 44 15.55 6.42 -3.54
C GLU A 44 14.81 5.86 -4.75
N LYS A 45 15.48 5.84 -5.89
CA LYS A 45 14.88 5.32 -7.12
C LYS A 45 15.13 3.83 -7.26
N ILE A 46 15.70 3.23 -6.21
CA ILE A 46 15.99 1.80 -6.22
C ILE A 46 14.73 0.98 -5.99
N VAL A 47 13.71 1.62 -5.41
CA VAL A 47 12.45 0.95 -5.13
C VAL A 47 11.89 0.29 -6.37
N GLU A 48 11.34 -0.90 -6.21
CA GLU A 48 10.76 -1.64 -7.33
C GLU A 48 9.39 -1.08 -7.71
N SER A 49 8.53 -0.92 -6.72
CA SER A 49 7.19 -0.40 -6.94
C SER A 49 6.51 -0.04 -5.62
N TYR A 50 5.33 0.57 -5.72
CA TYR A 50 4.59 0.97 -4.53
C TYR A 50 3.43 -0.01 -4.25
N GLN A 51 3.57 -0.78 -3.18
CA GLN A 51 2.54 -1.75 -2.82
C GLN A 51 1.42 -1.08 -2.01
N ILE A 52 0.20 -1.16 -2.53
CA ILE A 52 -0.95 -0.56 -1.85
C ILE A 52 -1.82 -1.63 -1.19
N ARG A 53 -1.88 -1.60 0.13
CA ARG A 53 -2.67 -2.56 0.88
C ARG A 53 -3.96 -1.93 1.39
N TYR A 54 -5.09 -2.45 0.93
CA TYR A 54 -6.40 -1.93 1.34
C TYR A 54 -7.33 -3.07 1.76
N TRP A 55 -8.06 -2.85 2.84
CA TRP A 55 -8.99 -3.85 3.35
C TRP A 55 -10.07 -3.21 4.20
N ALA A 56 -11.25 -3.84 4.24
CA ALA A 56 -12.37 -3.32 5.02
C ALA A 56 -12.11 -3.45 6.51
N ALA A 57 -12.51 -2.43 7.27
CA ALA A 57 -12.31 -2.44 8.71
C ALA A 57 -12.70 -3.79 9.32
N HIS A 58 -13.64 -4.48 8.67
CA HIS A 58 -14.09 -5.78 9.14
C HIS A 58 -13.10 -6.87 8.77
N ASP A 59 -12.44 -6.70 7.63
CA ASP A 59 -11.45 -7.67 7.16
C ASP A 59 -10.22 -7.67 8.06
N LYS A 60 -9.32 -8.61 7.81
CA LYS A 60 -8.09 -8.72 8.59
C LYS A 60 -6.88 -8.29 7.76
N GLU A 61 -5.76 -8.06 8.44
CA GLU A 61 -4.53 -7.64 7.77
C GLU A 61 -4.01 -8.74 6.85
N GLU A 62 -4.48 -9.97 7.08
CA GLU A 62 -4.05 -11.11 6.29
C GLU A 62 -4.96 -11.28 5.06
N ALA A 63 -6.15 -10.68 5.12
CA ALA A 63 -7.10 -10.77 4.03
C ALA A 63 -7.08 -9.50 3.18
N ALA A 64 -6.06 -8.66 3.40
CA ALA A 64 -5.93 -7.41 2.66
C ALA A 64 -5.32 -7.65 1.28
N ASN A 65 -5.90 -7.03 0.27
CA ASN A 65 -5.40 -7.18 -1.10
C ASN A 65 -4.18 -6.31 -1.33
N ARG A 66 -3.39 -6.66 -2.34
CA ARG A 66 -2.18 -5.92 -2.67
C ARG A 66 -2.22 -5.44 -4.12
N VAL A 67 -1.93 -4.15 -4.31
CA VAL A 67 -1.94 -3.57 -5.65
C VAL A 67 -0.56 -3.00 -6.00
N GLN A 68 0.18 -3.74 -6.82
CA GLN A 68 1.51 -3.31 -7.24
C GLN A 68 1.46 -2.64 -8.60
N VAL A 69 2.02 -1.44 -8.68
CA VAL A 69 2.03 -0.70 -9.93
C VAL A 69 3.46 -0.24 -10.28
N THR A 70 3.60 0.37 -11.45
CA THR A 70 4.90 0.85 -11.90
C THR A 70 5.39 2.01 -11.03
N SER A 71 6.67 1.97 -10.67
CA SER A 71 7.26 3.01 -9.84
C SER A 71 7.03 4.39 -10.44
N GLN A 72 6.67 4.42 -11.72
CA GLN A 72 6.41 5.67 -12.41
C GLN A 72 5.03 6.22 -12.06
N GLU A 73 4.10 5.32 -11.80
CA GLU A 73 2.74 5.72 -11.44
C GLU A 73 2.73 6.48 -10.12
N TYR A 74 2.67 7.81 -10.22
CA TYR A 74 2.66 8.66 -9.02
C TYR A 74 1.43 8.37 -8.17
N SER A 75 0.47 7.65 -8.74
CA SER A 75 -0.75 7.30 -8.03
C SER A 75 -1.31 5.97 -8.52
N ALA A 76 -2.21 5.39 -7.73
CA ALA A 76 -2.82 4.11 -8.09
C ALA A 76 -4.34 4.20 -8.06
N ARG A 77 -5.01 3.12 -8.44
CA ARG A 77 -6.47 3.08 -8.45
C ARG A 77 -6.98 1.80 -7.80
N LEU A 78 -8.04 1.94 -7.02
CA LEU A 78 -8.64 0.79 -6.33
C LEU A 78 -10.04 0.51 -6.85
N GLU A 79 -10.38 -0.77 -6.96
CA GLU A 79 -11.69 -1.17 -7.45
C GLU A 79 -12.23 -2.36 -6.66
N ASN A 80 -13.47 -2.74 -6.94
CA ASN A 80 -14.10 -3.86 -6.26
C ASN A 80 -14.26 -3.57 -4.77
N LEU A 81 -14.50 -2.31 -4.44
CA LEU A 81 -14.68 -1.89 -3.05
C LEU A 81 -16.15 -1.80 -2.70
N LEU A 82 -16.46 -2.02 -1.42
CA LEU A 82 -17.84 -1.97 -0.94
C LEU A 82 -18.27 -0.52 -0.69
N PRO A 83 -19.56 -0.23 -0.95
CA PRO A 83 -20.12 1.11 -0.76
C PRO A 83 -20.23 1.47 0.72
N ASP A 84 -20.09 2.76 1.02
CA ASP A 84 -20.19 3.25 2.40
C ASP A 84 -19.49 2.28 3.35
N THR A 85 -18.27 1.90 3.01
CA THR A 85 -17.50 0.98 3.84
C THR A 85 -16.09 1.49 4.07
N GLN A 86 -15.69 1.58 5.33
CA GLN A 86 -14.35 2.05 5.68
C GLN A 86 -13.28 1.19 5.04
N TYR A 87 -12.20 1.82 4.61
CA TYR A 87 -11.10 1.11 3.97
C TYR A 87 -9.75 1.75 4.31
N PHE A 88 -8.89 0.99 4.97
CA PHE A 88 -7.57 1.49 5.34
C PHE A 88 -6.55 1.23 4.24
N ILE A 89 -6.11 2.29 3.59
CA ILE A 89 -5.14 2.19 2.52
C ILE A 89 -3.76 2.63 2.98
N GLU A 90 -2.72 2.00 2.43
CA GLU A 90 -1.34 2.33 2.79
C GLU A 90 -0.39 2.05 1.63
N VAL A 91 0.48 3.00 1.35
CA VAL A 91 1.45 2.86 0.26
C VAL A 91 2.87 2.78 0.79
N GLY A 92 3.67 1.88 0.22
CA GLY A 92 5.04 1.72 0.65
C GLY A 92 5.97 1.35 -0.50
N ALA A 93 7.07 2.09 -0.63
CA ALA A 93 8.03 1.84 -1.69
C ALA A 93 9.15 0.92 -1.20
N CYS A 94 9.48 -0.07 -2.01
CA CYS A 94 10.53 -1.03 -1.66
C CYS A 94 10.92 -1.88 -2.87
N ASN A 95 12.13 -2.44 -2.83
CA ASN A 95 12.62 -3.27 -3.92
C ASN A 95 12.71 -4.73 -3.50
N SER A 96 13.03 -5.60 -4.45
CA SER A 96 13.15 -7.03 -4.17
C SER A 96 14.33 -7.31 -3.26
N ALA A 97 15.32 -6.42 -3.29
CA ALA A 97 16.51 -6.57 -2.47
C ALA A 97 16.18 -6.38 -0.98
N GLY A 98 15.87 -5.15 -0.61
CA GLY A 98 15.54 -4.87 0.77
C GLY A 98 14.12 -4.35 0.93
N CYS A 99 13.59 -4.45 2.16
CA CYS A 99 12.23 -4.01 2.44
C CYS A 99 12.24 -2.66 3.16
N GLY A 100 11.17 -1.90 2.99
CA GLY A 100 11.08 -0.60 3.63
C GLY A 100 9.82 -0.45 4.47
N PRO A 101 9.83 0.52 5.39
CA PRO A 101 8.69 0.78 6.27
C PRO A 101 7.50 1.37 5.53
N PRO A 102 6.29 0.90 5.88
CA PRO A 102 5.05 1.35 5.27
C PRO A 102 4.71 2.79 5.64
N SER A 103 3.98 3.47 4.77
CA SER A 103 3.59 4.85 5.00
C SER A 103 2.49 4.93 6.07
N ASP A 104 2.27 6.14 6.57
CA ASP A 104 1.25 6.36 7.59
C ASP A 104 -0.06 5.67 7.23
N MET A 105 -0.80 5.23 8.23
CA MET A 105 -2.08 4.55 8.01
C MET A 105 -3.15 5.55 7.60
N ILE A 106 -3.67 5.40 6.39
CA ILE A 106 -4.71 6.28 5.89
C ILE A 106 -6.07 5.59 5.86
N GLU A 107 -7.11 6.32 6.21
CA GLU A 107 -8.47 5.78 6.24
C GLU A 107 -9.34 6.46 5.19
N ALA A 108 -10.16 5.67 4.51
CA ALA A 108 -11.06 6.19 3.47
C ALA A 108 -12.49 5.75 3.72
N PHE A 109 -13.44 6.50 3.17
CA PHE A 109 -14.85 6.19 3.33
C PHE A 109 -15.58 6.30 1.99
N THR A 110 -15.84 5.15 1.37
CA THR A 110 -16.55 5.12 0.10
C THR A 110 -17.90 5.80 0.19
N LYS A 111 -18.57 5.93 -0.95
CA LYS A 111 -19.89 6.57 -1.00
C LYS A 111 -20.99 5.52 -0.96
N LYS A 112 -22.23 5.98 -0.82
CA LYS A 112 -23.39 5.09 -0.78
C LYS A 112 -23.77 4.63 -2.17
N ALA A 113 -24.02 3.33 -2.31
CA ALA A 113 -24.41 2.76 -3.60
C ALA A 113 -25.78 3.27 -4.04
N SER A 114 -26.81 2.91 -3.27
CA SER A 114 -28.17 3.33 -3.59
C SER A 114 -28.24 4.83 -3.85
N GLY A 115 -29.42 5.32 -4.20
CA GLY A 115 -29.59 6.73 -4.46
C GLY A 115 -29.78 7.02 -5.94
N PRO A 116 -29.91 8.31 -6.29
CA PRO A 116 -30.09 8.75 -7.67
C PRO A 116 -28.82 8.55 -8.51
N SER A 117 -28.77 7.44 -9.24
CA SER A 117 -27.63 7.14 -10.09
C SER A 117 -27.48 8.17 -11.20
N SER A 118 -26.24 8.41 -11.61
CA SER A 118 -25.96 9.38 -12.67
C SER A 118 -26.76 9.05 -13.92
N GLY A 119 -26.79 7.78 -14.30
CA GLY A 119 -27.52 7.37 -15.48
C GLY A 119 -26.65 7.32 -16.72
N GLY A 1 36.75 -37.44 23.37
CA GLY A 1 36.38 -36.07 23.07
C GLY A 1 34.89 -35.91 22.82
N SER A 2 34.43 -34.67 22.73
CA SER A 2 33.02 -34.39 22.51
C SER A 2 32.85 -33.30 21.45
N SER A 3 31.85 -33.46 20.59
CA SER A 3 31.59 -32.50 19.53
C SER A 3 30.51 -31.50 19.97
N GLY A 4 30.82 -30.22 19.81
CA GLY A 4 29.87 -29.18 20.19
C GLY A 4 30.43 -27.78 19.99
N SER A 5 30.51 -27.35 18.75
CA SER A 5 31.03 -26.03 18.43
C SER A 5 30.66 -25.62 17.01
N SER A 6 30.23 -24.37 16.84
CA SER A 6 29.84 -23.86 15.53
C SER A 6 30.38 -22.44 15.32
N GLY A 7 30.15 -21.91 14.13
CA GLY A 7 30.61 -20.57 13.81
C GLY A 7 30.22 -20.13 12.42
N VAL A 8 30.79 -20.79 11.41
CA VAL A 8 30.49 -20.46 10.02
C VAL A 8 29.02 -20.66 9.71
N ALA A 9 28.38 -19.60 9.21
CA ALA A 9 26.96 -19.67 8.87
C ALA A 9 26.63 -18.70 7.73
N VAL A 10 25.93 -19.22 6.73
CA VAL A 10 25.55 -18.41 5.57
C VAL A 10 24.36 -17.52 5.89
N ILE A 11 24.50 -16.22 5.63
CA ILE A 11 23.43 -15.26 5.89
C ILE A 11 23.00 -14.57 4.61
N ASN A 12 21.79 -14.88 4.15
CA ASN A 12 21.25 -14.28 2.93
C ASN A 12 21.43 -12.77 2.96
N SER A 13 22.00 -12.22 1.88
CA SER A 13 22.22 -10.78 1.78
C SER A 13 21.39 -10.17 0.65
N ALA A 14 21.33 -8.85 0.60
CA ALA A 14 20.57 -8.15 -0.42
C ALA A 14 21.39 -7.01 -1.01
N GLN A 15 21.06 -6.64 -2.25
CA GLN A 15 21.76 -5.56 -2.93
C GLN A 15 21.49 -4.22 -2.25
N ASP A 16 20.21 -3.94 -1.99
CA ASP A 16 19.82 -2.70 -1.34
C ASP A 16 18.47 -2.86 -0.63
N ALA A 17 17.99 -1.77 -0.06
CA ALA A 17 16.71 -1.78 0.66
C ALA A 17 16.20 -0.37 0.90
N PRO A 18 14.86 -0.20 0.86
CA PRO A 18 14.23 1.09 1.08
C PRO A 18 14.34 1.56 2.53
N SER A 19 14.73 2.82 2.71
CA SER A 19 14.89 3.39 4.04
C SER A 19 14.06 4.66 4.19
N GLU A 20 13.38 5.04 3.12
CA GLU A 20 12.56 6.24 3.12
C GLU A 20 11.12 5.92 2.75
N ALA A 21 10.17 6.63 3.36
CA ALA A 21 8.76 6.41 3.10
C ALA A 21 8.15 7.60 2.35
N PRO A 22 7.17 7.31 1.48
CA PRO A 22 6.50 8.34 0.69
C PRO A 22 5.60 9.24 1.54
N THR A 23 5.93 10.52 1.57
CA THR A 23 5.16 11.49 2.35
C THR A 23 4.07 12.13 1.49
N GLU A 24 3.20 12.90 2.14
CA GLU A 24 2.11 13.58 1.45
C GLU A 24 1.23 12.57 0.71
N VAL A 25 0.97 11.44 1.36
CA VAL A 25 0.13 10.39 0.76
C VAL A 25 -1.31 10.53 1.20
N GLY A 26 -2.22 10.60 0.22
CA GLY A 26 -3.63 10.73 0.52
C GLY A 26 -4.49 9.76 -0.28
N VAL A 27 -5.79 9.82 -0.07
CA VAL A 27 -6.73 8.95 -0.78
C VAL A 27 -7.96 9.72 -1.24
N LYS A 28 -8.18 9.74 -2.55
CA LYS A 28 -9.33 10.44 -3.12
C LYS A 28 -10.40 9.46 -3.54
N VAL A 29 -11.62 9.66 -3.05
CA VAL A 29 -12.74 8.79 -3.37
C VAL A 29 -13.40 9.21 -4.68
N LEU A 30 -13.57 8.25 -5.59
CA LEU A 30 -14.19 8.52 -6.87
C LEU A 30 -15.61 7.97 -6.93
N SER A 31 -15.78 6.72 -6.49
CA SER A 31 -17.08 6.07 -6.49
C SER A 31 -17.20 5.12 -5.30
N SER A 32 -18.32 4.40 -5.25
CA SER A 32 -18.57 3.45 -4.18
C SER A 32 -17.66 2.23 -4.30
N SER A 33 -17.09 2.04 -5.49
CA SER A 33 -16.21 0.91 -5.74
C SER A 33 -14.96 1.36 -6.48
N GLU A 34 -14.51 2.58 -6.19
CA GLU A 34 -13.32 3.13 -6.82
C GLU A 34 -12.65 4.17 -5.92
N ILE A 35 -11.35 3.99 -5.69
CA ILE A 35 -10.59 4.90 -4.85
C ILE A 35 -9.18 5.10 -5.37
N SER A 36 -8.80 6.35 -5.60
CA SER A 36 -7.47 6.67 -6.11
C SER A 36 -6.54 7.06 -4.97
N VAL A 37 -5.26 6.70 -5.11
CA VAL A 37 -4.27 7.00 -4.09
C VAL A 37 -3.07 7.73 -4.70
N HIS A 38 -2.65 8.82 -4.05
CA HIS A 38 -1.51 9.59 -4.53
C HIS A 38 -0.39 9.62 -3.49
N TRP A 39 0.84 9.70 -3.95
CA TRP A 39 1.99 9.74 -3.05
C TRP A 39 3.21 10.34 -3.76
N GLU A 40 4.18 10.78 -2.97
CA GLU A 40 5.40 11.37 -3.52
C GLU A 40 6.50 10.32 -3.70
N HIS A 41 7.27 10.45 -4.76
CA HIS A 41 8.35 9.51 -5.04
C HIS A 41 9.46 9.63 -3.99
N VAL A 42 9.87 8.49 -3.44
CA VAL A 42 10.91 8.47 -2.43
C VAL A 42 12.28 8.78 -3.04
N LEU A 43 13.22 9.19 -2.20
CA LEU A 43 14.56 9.51 -2.66
C LEU A 43 15.31 8.26 -3.11
N GLU A 44 14.78 7.10 -2.72
CA GLU A 44 15.39 5.82 -3.10
C GLU A 44 14.89 5.36 -4.46
N LYS A 45 15.78 5.33 -5.44
CA LYS A 45 15.43 4.90 -6.79
C LYS A 45 15.55 3.39 -6.92
N ILE A 46 15.89 2.72 -5.82
CA ILE A 46 16.05 1.27 -5.82
C ILE A 46 14.69 0.58 -5.78
N VAL A 47 13.68 1.29 -5.28
CA VAL A 47 12.33 0.74 -5.19
C VAL A 47 11.85 0.26 -6.55
N GLU A 48 11.43 -1.00 -6.61
CA GLU A 48 10.94 -1.58 -7.86
C GLU A 48 9.51 -1.11 -8.15
N SER A 49 8.68 -1.11 -7.12
CA SER A 49 7.29 -0.68 -7.26
C SER A 49 6.66 -0.40 -5.89
N TYR A 50 5.53 0.29 -5.90
CA TYR A 50 4.83 0.63 -4.68
C TYR A 50 3.62 -0.28 -4.48
N GLN A 51 3.40 -0.71 -3.23
CA GLN A 51 2.28 -1.57 -2.90
C GLN A 51 1.21 -0.81 -2.12
N ILE A 52 -0.04 -0.89 -2.60
CA ILE A 52 -1.14 -0.22 -1.94
C ILE A 52 -2.08 -1.22 -1.26
N ARG A 53 -1.82 -1.49 0.01
CA ARG A 53 -2.63 -2.43 0.77
C ARG A 53 -3.97 -1.81 1.15
N TYR A 54 -5.05 -2.38 0.64
CA TYR A 54 -6.39 -1.89 0.93
C TYR A 54 -7.29 -2.99 1.49
N TRP A 55 -8.06 -2.65 2.51
CA TRP A 55 -8.96 -3.61 3.13
C TRP A 55 -9.92 -2.91 4.10
N ALA A 56 -11.19 -3.31 4.04
CA ALA A 56 -12.20 -2.72 4.91
C ALA A 56 -11.78 -2.79 6.37
N ALA A 57 -12.33 -1.89 7.19
CA ALA A 57 -12.00 -1.85 8.61
C ALA A 57 -12.27 -3.19 9.27
N HIS A 58 -13.45 -3.76 9.00
CA HIS A 58 -13.83 -5.05 9.57
C HIS A 58 -12.86 -6.14 9.12
N ASP A 59 -12.48 -6.11 7.85
CA ASP A 59 -11.57 -7.10 7.29
C ASP A 59 -10.30 -7.19 8.15
N LYS A 60 -9.45 -8.16 7.82
CA LYS A 60 -8.20 -8.36 8.54
C LYS A 60 -7.01 -8.28 7.61
N GLU A 61 -5.85 -7.92 8.15
CA GLU A 61 -4.63 -7.80 7.35
C GLU A 61 -4.40 -9.07 6.55
N GLU A 62 -4.78 -10.22 7.11
CA GLU A 62 -4.62 -11.50 6.44
C GLU A 62 -5.40 -11.54 5.13
N ALA A 63 -6.62 -10.99 5.17
CA ALA A 63 -7.48 -10.96 3.99
C ALA A 63 -7.31 -9.65 3.23
N ALA A 64 -6.26 -8.90 3.55
CA ALA A 64 -6.00 -7.63 2.89
C ALA A 64 -5.27 -7.84 1.57
N ASN A 65 -5.73 -7.15 0.53
CA ASN A 65 -5.14 -7.27 -0.80
C ASN A 65 -4.05 -6.21 -0.98
N ARG A 66 -3.27 -6.36 -2.06
CA ARG A 66 -2.20 -5.41 -2.35
C ARG A 66 -2.16 -5.08 -3.83
N VAL A 67 -1.97 -3.80 -4.15
CA VAL A 67 -1.92 -3.35 -5.54
C VAL A 67 -0.54 -2.81 -5.88
N GLN A 68 0.25 -3.61 -6.58
CA GLN A 68 1.60 -3.22 -6.97
C GLN A 68 1.58 -2.51 -8.32
N VAL A 69 2.20 -1.33 -8.37
CA VAL A 69 2.25 -0.56 -9.61
C VAL A 69 3.67 -0.04 -9.86
N THR A 70 3.98 0.22 -11.13
CA THR A 70 5.29 0.72 -11.51
C THR A 70 5.69 1.92 -10.66
N SER A 71 6.98 2.05 -10.39
CA SER A 71 7.49 3.15 -9.58
C SER A 71 7.35 4.48 -10.33
N GLN A 72 6.87 4.40 -11.55
CA GLN A 72 6.69 5.60 -12.38
C GLN A 72 5.30 6.20 -12.16
N GLU A 73 4.45 5.47 -11.44
CA GLU A 73 3.10 5.94 -11.16
C GLU A 73 3.05 6.73 -9.85
N TYR A 74 2.71 8.00 -9.94
CA TYR A 74 2.64 8.86 -8.77
C TYR A 74 1.31 8.66 -8.03
N SER A 75 0.56 7.65 -8.46
CA SER A 75 -0.72 7.34 -7.84
C SER A 75 -1.21 5.95 -8.25
N ALA A 76 -2.35 5.55 -7.70
CA ALA A 76 -2.92 4.24 -8.00
C ALA A 76 -4.44 4.30 -8.00
N ARG A 77 -5.08 3.14 -8.18
CA ARG A 77 -6.53 3.05 -8.19
C ARG A 77 -7.00 1.72 -7.62
N LEU A 78 -8.15 1.74 -6.95
CA LEU A 78 -8.70 0.53 -6.35
C LEU A 78 -10.09 0.24 -6.92
N GLU A 79 -10.47 -1.03 -6.91
CA GLU A 79 -11.78 -1.45 -7.43
C GLU A 79 -12.34 -2.60 -6.61
N ASN A 80 -13.58 -2.98 -6.91
CA ASN A 80 -14.24 -4.07 -6.20
C ASN A 80 -14.28 -3.81 -4.70
N LEU A 81 -14.74 -2.63 -4.32
CA LEU A 81 -14.83 -2.25 -2.91
C LEU A 81 -16.29 -2.17 -2.45
N LEU A 82 -16.49 -2.26 -1.15
CA LEU A 82 -17.83 -2.21 -0.58
C LEU A 82 -18.29 -0.75 -0.41
N PRO A 83 -19.58 -0.51 -0.68
CA PRO A 83 -20.17 0.83 -0.55
C PRO A 83 -20.29 1.28 0.90
N ASP A 84 -20.00 2.56 1.14
CA ASP A 84 -20.07 3.11 2.48
C ASP A 84 -19.26 2.27 3.47
N THR A 85 -18.01 1.98 3.11
CA THR A 85 -17.13 1.19 3.95
C THR A 85 -15.73 1.77 4.00
N GLN A 86 -15.18 1.89 5.21
CA GLN A 86 -13.85 2.44 5.39
C GLN A 86 -12.79 1.44 4.94
N TYR A 87 -11.98 1.85 3.98
CA TYR A 87 -10.92 0.99 3.45
C TYR A 87 -9.54 1.56 3.78
N PHE A 88 -8.85 0.92 4.71
CA PHE A 88 -7.52 1.37 5.11
C PHE A 88 -6.52 1.18 3.98
N ILE A 89 -5.98 2.30 3.48
CA ILE A 89 -5.01 2.26 2.40
C ILE A 89 -3.63 2.72 2.88
N GLU A 90 -2.58 2.06 2.38
CA GLU A 90 -1.22 2.40 2.76
C GLU A 90 -0.26 2.15 1.59
N VAL A 91 0.39 3.21 1.13
CA VAL A 91 1.34 3.11 0.03
C VAL A 91 2.77 2.95 0.54
N GLY A 92 3.40 1.83 0.18
CA GLY A 92 4.75 1.57 0.60
C GLY A 92 5.66 1.15 -0.54
N ALA A 93 6.71 1.92 -0.77
CA ALA A 93 7.66 1.63 -1.85
C ALA A 93 8.75 0.66 -1.38
N CYS A 94 9.06 -0.31 -2.22
CA CYS A 94 10.08 -1.31 -1.88
C CYS A 94 10.48 -2.10 -3.12
N ASN A 95 11.66 -2.71 -3.07
CA ASN A 95 12.17 -3.50 -4.18
C ASN A 95 12.19 -4.98 -3.83
N SER A 96 12.39 -5.82 -4.84
CA SER A 96 12.43 -7.26 -4.65
C SER A 96 13.55 -7.65 -3.68
N ALA A 97 14.57 -6.81 -3.61
CA ALA A 97 15.70 -7.06 -2.72
C ALA A 97 15.29 -6.94 -1.26
N GLY A 98 15.03 -5.70 -0.82
CA GLY A 98 14.63 -5.47 0.55
C GLY A 98 13.27 -4.81 0.65
N CYS A 99 12.62 -4.97 1.81
CA CYS A 99 11.30 -4.39 2.03
C CYS A 99 11.40 -3.11 2.86
N GLY A 100 10.43 -2.23 2.70
CA GLY A 100 10.42 -0.98 3.44
C GLY A 100 9.18 -0.81 4.29
N PRO A 101 9.24 0.10 5.27
CA PRO A 101 8.13 0.38 6.17
C PRO A 101 6.97 1.07 5.46
N PRO A 102 5.74 0.73 5.88
CA PRO A 102 4.52 1.29 5.29
C PRO A 102 4.34 2.77 5.66
N SER A 103 3.55 3.48 4.86
CA SER A 103 3.30 4.90 5.10
C SER A 103 2.18 5.08 6.13
N ASP A 104 1.95 6.34 6.51
CA ASP A 104 0.91 6.66 7.48
C ASP A 104 -0.40 5.95 7.14
N MET A 105 -0.96 5.25 8.12
CA MET A 105 -2.21 4.53 7.93
C MET A 105 -3.35 5.49 7.58
N ILE A 106 -3.79 5.46 6.33
CA ILE A 106 -4.86 6.32 5.87
C ILE A 106 -6.16 5.53 5.69
N GLU A 107 -7.28 6.19 5.96
CA GLU A 107 -8.59 5.54 5.82
C GLU A 107 -9.48 6.33 4.87
N ALA A 108 -10.03 5.63 3.88
CA ALA A 108 -10.90 6.26 2.89
C ALA A 108 -12.35 5.80 3.07
N PHE A 109 -13.29 6.69 2.74
CA PHE A 109 -14.71 6.37 2.87
C PHE A 109 -15.39 6.40 1.51
N THR A 110 -16.11 5.32 1.19
CA THR A 110 -16.80 5.22 -0.08
C THR A 110 -18.22 5.77 0.02
N LYS A 111 -18.86 5.96 -1.12
CA LYS A 111 -20.23 6.48 -1.17
C LYS A 111 -21.24 5.36 -0.93
N LYS A 112 -22.50 5.75 -0.73
CA LYS A 112 -23.57 4.79 -0.50
C LYS A 112 -24.16 4.30 -1.82
N ALA A 113 -23.73 3.13 -2.27
CA ALA A 113 -24.22 2.56 -3.52
C ALA A 113 -25.69 2.88 -3.72
N SER A 114 -26.06 3.17 -4.97
CA SER A 114 -27.43 3.50 -5.30
C SER A 114 -27.62 3.62 -6.81
N GLY A 115 -28.83 3.32 -7.29
CA GLY A 115 -29.11 3.40 -8.71
C GLY A 115 -29.75 2.14 -9.24
N PRO A 116 -30.52 2.27 -10.33
CA PRO A 116 -31.21 1.14 -10.96
C PRO A 116 -30.25 0.17 -11.63
N SER A 117 -29.07 0.68 -12.01
CA SER A 117 -28.07 -0.13 -12.66
C SER A 117 -27.23 -0.90 -11.64
N SER A 118 -26.75 -0.18 -10.63
CA SER A 118 -25.93 -0.79 -9.58
C SER A 118 -26.61 -0.66 -8.22
N GLY A 119 -26.25 -1.55 -7.30
CA GLY A 119 -26.83 -1.52 -5.98
C GLY A 119 -27.14 -2.92 -5.45
N GLY A 1 13.21 -41.77 15.86
CA GLY A 1 13.54 -40.40 16.19
C GLY A 1 14.88 -39.97 15.64
N SER A 2 14.87 -39.03 14.70
CA SER A 2 16.10 -38.54 14.09
C SER A 2 16.15 -37.02 14.14
N SER A 3 17.37 -36.49 14.26
CA SER A 3 17.56 -35.04 14.33
C SER A 3 18.43 -34.56 13.17
N GLY A 4 18.11 -33.37 12.64
CA GLY A 4 18.86 -32.81 11.54
C GLY A 4 19.50 -31.49 11.88
N SER A 5 20.47 -31.06 11.07
CA SER A 5 21.16 -29.80 11.30
C SER A 5 20.36 -28.64 10.73
N SER A 6 19.52 -28.04 11.56
CA SER A 6 18.70 -26.91 11.15
C SER A 6 19.54 -25.64 11.03
N GLY A 7 19.60 -25.09 9.82
CA GLY A 7 20.37 -23.88 9.59
C GLY A 7 19.81 -23.03 8.47
N VAL A 8 19.98 -21.72 8.57
CA VAL A 8 19.48 -20.80 7.56
C VAL A 8 20.58 -19.85 7.10
N ALA A 9 20.76 -19.77 5.77
CA ALA A 9 21.77 -18.90 5.20
C ALA A 9 21.65 -18.86 3.68
N VAL A 10 21.35 -17.67 3.15
CA VAL A 10 21.20 -17.50 1.70
C VAL A 10 22.53 -17.12 1.06
N ILE A 11 22.91 -17.86 0.02
CA ILE A 11 24.15 -17.61 -0.68
C ILE A 11 24.15 -16.23 -1.34
N ASN A 12 22.96 -15.71 -1.61
CA ASN A 12 22.81 -14.40 -2.22
C ASN A 12 22.17 -13.41 -1.26
N SER A 13 22.80 -12.24 -1.11
CA SER A 13 22.30 -11.20 -0.22
C SER A 13 21.68 -10.06 -1.01
N ALA A 14 21.10 -9.10 -0.30
CA ALA A 14 20.47 -7.95 -0.93
C ALA A 14 21.49 -6.84 -1.17
N GLN A 15 21.33 -6.12 -2.29
CA GLN A 15 22.23 -5.04 -2.63
C GLN A 15 21.81 -3.74 -1.94
N ASP A 16 20.56 -3.35 -2.12
CA ASP A 16 20.04 -2.14 -1.52
C ASP A 16 18.69 -2.40 -0.84
N ALA A 17 18.14 -1.37 -0.21
CA ALA A 17 16.87 -1.50 0.49
C ALA A 17 16.25 -0.13 0.77
N PRO A 18 14.91 -0.07 0.77
CA PRO A 18 14.19 1.17 1.02
C PRO A 18 14.32 1.64 2.47
N SER A 19 14.64 2.92 2.65
CA SER A 19 14.79 3.50 3.97
C SER A 19 13.77 4.60 4.22
N GLU A 20 13.54 5.42 3.19
CA GLU A 20 12.58 6.52 3.30
C GLU A 20 11.20 6.07 2.83
N ALA A 21 10.17 6.72 3.38
CA ALA A 21 8.80 6.39 3.02
C ALA A 21 8.14 7.54 2.26
N PRO A 22 7.20 7.20 1.36
CA PRO A 22 6.49 8.20 0.55
C PRO A 22 5.52 9.03 1.38
N THR A 23 5.98 10.19 1.83
CA THR A 23 5.15 11.07 2.64
C THR A 23 4.19 11.88 1.76
N GLU A 24 3.38 12.71 2.40
CA GLU A 24 2.41 13.54 1.68
C GLU A 24 1.46 12.67 0.86
N VAL A 25 1.25 11.44 1.32
CA VAL A 25 0.37 10.51 0.63
C VAL A 25 -1.09 10.84 0.91
N GLY A 26 -1.96 10.58 -0.06
CA GLY A 26 -3.37 10.86 0.09
C GLY A 26 -4.24 9.87 -0.67
N VAL A 27 -5.55 9.97 -0.48
CA VAL A 27 -6.50 9.09 -1.15
C VAL A 27 -7.81 9.80 -1.44
N LYS A 28 -8.29 9.65 -2.67
CA LYS A 28 -9.53 10.29 -3.09
C LYS A 28 -10.63 9.24 -3.31
N VAL A 29 -11.88 9.69 -3.30
CA VAL A 29 -13.01 8.79 -3.51
C VAL A 29 -13.73 9.11 -4.81
N LEU A 30 -13.30 8.47 -5.89
CA LEU A 30 -13.91 8.70 -7.21
C LEU A 30 -15.34 8.15 -7.23
N SER A 31 -15.52 6.94 -6.74
CA SER A 31 -16.84 6.31 -6.71
C SER A 31 -17.00 5.42 -5.49
N SER A 32 -18.13 4.74 -5.39
CA SER A 32 -18.41 3.85 -4.27
C SER A 32 -17.55 2.59 -4.35
N SER A 33 -16.93 2.37 -5.51
CA SER A 33 -16.10 1.20 -5.72
C SER A 33 -14.70 1.61 -6.19
N GLU A 34 -14.60 2.79 -6.79
CA GLU A 34 -13.33 3.30 -7.29
C GLU A 34 -12.68 4.23 -6.27
N ILE A 35 -11.35 4.22 -6.23
CA ILE A 35 -10.61 5.06 -5.31
C ILE A 35 -9.16 5.23 -5.76
N SER A 36 -8.72 6.47 -5.83
CA SER A 36 -7.35 6.77 -6.25
C SER A 36 -6.48 7.11 -5.05
N VAL A 37 -5.22 6.71 -5.12
CA VAL A 37 -4.27 6.97 -4.03
C VAL A 37 -2.97 7.54 -4.57
N HIS A 38 -2.73 8.83 -4.30
CA HIS A 38 -1.52 9.50 -4.76
C HIS A 38 -0.48 9.58 -3.63
N TRP A 39 0.78 9.37 -3.98
CA TRP A 39 1.86 9.41 -3.01
C TRP A 39 3.07 10.12 -3.58
N GLU A 40 4.10 10.28 -2.75
CA GLU A 40 5.33 10.94 -3.18
C GLU A 40 6.47 9.93 -3.36
N HIS A 41 7.14 10.01 -4.50
CA HIS A 41 8.25 9.11 -4.79
C HIS A 41 9.33 9.22 -3.73
N VAL A 42 9.86 8.08 -3.30
CA VAL A 42 10.91 8.03 -2.29
C VAL A 42 12.27 8.36 -2.90
N LEU A 43 13.06 9.15 -2.18
CA LEU A 43 14.38 9.53 -2.66
C LEU A 43 15.13 8.33 -3.22
N GLU A 44 14.74 7.13 -2.77
CA GLU A 44 15.38 5.91 -3.23
C GLU A 44 14.65 5.34 -4.45
N LYS A 45 15.31 5.43 -5.61
CA LYS A 45 14.72 4.93 -6.85
C LYS A 45 15.02 3.44 -7.04
N ILE A 46 15.55 2.81 -5.99
CA ILE A 46 15.89 1.40 -6.05
C ILE A 46 14.63 0.53 -5.93
N VAL A 47 13.57 1.11 -5.38
CA VAL A 47 12.31 0.40 -5.22
C VAL A 47 11.84 -0.20 -6.54
N GLU A 48 11.16 -1.33 -6.47
CA GLU A 48 10.66 -2.00 -7.66
C GLU A 48 9.25 -1.51 -8.01
N SER A 49 8.44 -1.26 -6.98
CA SER A 49 7.08 -0.79 -7.18
C SER A 49 6.45 -0.38 -5.86
N TYR A 50 5.40 0.44 -5.95
CA TYR A 50 4.71 0.91 -4.75
C TYR A 50 3.48 0.06 -4.46
N GLN A 51 3.54 -0.69 -3.36
CA GLN A 51 2.43 -1.55 -2.96
C GLN A 51 1.37 -0.76 -2.22
N ILE A 52 0.10 -1.05 -2.51
CA ILE A 52 -1.00 -0.37 -1.87
C ILE A 52 -1.92 -1.37 -1.15
N ARG A 53 -1.63 -1.64 0.11
CA ARG A 53 -2.43 -2.57 0.90
C ARG A 53 -3.77 -1.94 1.27
N TYR A 54 -4.86 -2.63 0.91
CA TYR A 54 -6.20 -2.13 1.21
C TYR A 54 -7.08 -3.26 1.73
N TRP A 55 -7.93 -2.93 2.71
CA TRP A 55 -8.83 -3.91 3.30
C TRP A 55 -9.82 -3.24 4.24
N ALA A 56 -11.00 -3.84 4.37
CA ALA A 56 -12.04 -3.30 5.23
C ALA A 56 -11.62 -3.33 6.70
N ALA A 57 -12.09 -2.35 7.47
CA ALA A 57 -11.76 -2.27 8.89
C ALA A 57 -11.95 -3.62 9.58
N HIS A 58 -13.12 -4.22 9.38
CA HIS A 58 -13.43 -5.51 9.98
C HIS A 58 -12.48 -6.59 9.48
N ASP A 59 -12.19 -6.55 8.18
CA ASP A 59 -11.30 -7.53 7.58
C ASP A 59 -9.97 -7.60 8.33
N LYS A 60 -9.26 -8.70 8.16
CA LYS A 60 -7.97 -8.90 8.82
C LYS A 60 -6.82 -8.73 7.84
N GLU A 61 -5.64 -8.43 8.37
CA GLU A 61 -4.46 -8.23 7.53
C GLU A 61 -4.22 -9.44 6.63
N GLU A 62 -4.52 -10.63 7.16
CA GLU A 62 -4.33 -11.86 6.40
C GLU A 62 -5.23 -11.86 5.15
N ALA A 63 -6.30 -11.08 5.19
CA ALA A 63 -7.22 -11.00 4.07
C ALA A 63 -7.05 -9.68 3.31
N ALA A 64 -6.00 -8.94 3.66
CA ALA A 64 -5.72 -7.66 3.01
C ALA A 64 -4.98 -7.87 1.68
N ASN A 65 -5.50 -7.24 0.63
CA ASN A 65 -4.89 -7.36 -0.69
C ASN A 65 -4.01 -6.14 -0.99
N ARG A 66 -2.84 -6.40 -1.56
CA ARG A 66 -1.90 -5.33 -1.90
C ARG A 66 -1.80 -5.16 -3.41
N VAL A 67 -2.06 -3.94 -3.89
CA VAL A 67 -2.00 -3.65 -5.31
C VAL A 67 -0.82 -2.73 -5.63
N GLN A 68 0.15 -3.25 -6.38
CA GLN A 68 1.32 -2.47 -6.74
C GLN A 68 1.19 -1.92 -8.16
N VAL A 69 1.83 -0.79 -8.42
CA VAL A 69 1.79 -0.16 -9.74
C VAL A 69 3.17 0.32 -10.17
N THR A 70 3.43 0.29 -11.47
CA THR A 70 4.71 0.72 -12.01
C THR A 70 5.28 1.88 -11.20
N SER A 71 6.60 1.92 -11.09
CA SER A 71 7.28 2.97 -10.35
C SER A 71 7.02 4.34 -10.97
N GLN A 72 6.75 4.34 -12.27
CA GLN A 72 6.49 5.57 -13.00
C GLN A 72 5.17 6.20 -12.54
N GLU A 73 4.26 5.36 -12.05
CA GLU A 73 2.97 5.84 -11.58
C GLU A 73 3.08 6.48 -10.20
N TYR A 74 2.74 7.77 -10.13
CA TYR A 74 2.81 8.50 -8.87
C TYR A 74 1.51 8.35 -8.08
N SER A 75 0.73 7.34 -8.42
CA SER A 75 -0.54 7.09 -7.75
C SER A 75 -1.05 5.69 -8.05
N ALA A 76 -2.19 5.34 -7.47
CA ALA A 76 -2.79 4.03 -7.69
C ALA A 76 -4.30 4.15 -7.90
N ARG A 77 -4.94 3.02 -8.18
CA ARG A 77 -6.38 2.99 -8.41
C ARG A 77 -6.99 1.67 -7.94
N LEU A 78 -8.01 1.76 -7.11
CA LEU A 78 -8.68 0.57 -6.58
C LEU A 78 -10.05 0.38 -7.24
N GLU A 79 -10.44 -0.87 -7.41
CA GLU A 79 -11.73 -1.19 -8.02
C GLU A 79 -12.38 -2.38 -7.33
N ASN A 80 -13.69 -2.51 -7.49
CA ASN A 80 -14.44 -3.59 -6.88
C ASN A 80 -14.41 -3.49 -5.36
N LEU A 81 -14.81 -2.33 -4.84
CA LEU A 81 -14.83 -2.10 -3.40
C LEU A 81 -16.26 -2.02 -2.88
N LEU A 82 -16.41 -2.11 -1.56
CA LEU A 82 -17.72 -2.04 -0.93
C LEU A 82 -18.10 -0.60 -0.61
N PRO A 83 -19.38 -0.27 -0.82
CA PRO A 83 -19.90 1.08 -0.56
C PRO A 83 -19.95 1.41 0.93
N ASP A 84 -19.77 2.68 1.26
CA ASP A 84 -19.80 3.13 2.65
C ASP A 84 -19.02 2.16 3.53
N THR A 85 -17.80 1.83 3.13
CA THR A 85 -16.96 0.91 3.89
C THR A 85 -15.59 1.53 4.17
N GLN A 86 -15.22 1.56 5.45
CA GLN A 86 -13.95 2.12 5.86
C GLN A 86 -12.79 1.25 5.38
N TYR A 87 -12.08 1.73 4.35
CA TYR A 87 -10.95 0.99 3.80
C TYR A 87 -9.62 1.62 4.22
N PHE A 88 -8.78 0.85 4.87
CA PHE A 88 -7.48 1.32 5.32
C PHE A 88 -6.44 1.20 4.23
N ILE A 89 -6.20 2.28 3.51
CA ILE A 89 -5.23 2.28 2.42
C ILE A 89 -3.85 2.70 2.93
N GLU A 90 -2.81 2.01 2.46
CA GLU A 90 -1.44 2.32 2.86
C GLU A 90 -0.48 2.06 1.72
N VAL A 91 0.24 3.10 1.31
CA VAL A 91 1.20 3.00 0.22
C VAL A 91 2.59 2.70 0.75
N GLY A 92 3.29 1.79 0.09
CA GLY A 92 4.63 1.42 0.51
C GLY A 92 5.53 1.08 -0.66
N ALA A 93 6.70 1.71 -0.71
CA ALA A 93 7.66 1.47 -1.78
C ALA A 93 8.82 0.59 -1.30
N CYS A 94 9.28 -0.29 -2.17
CA CYS A 94 10.39 -1.19 -1.83
C CYS A 94 10.82 -1.99 -3.05
N ASN A 95 12.00 -2.59 -2.96
CA ASN A 95 12.54 -3.39 -4.05
C ASN A 95 12.58 -4.87 -3.68
N SER A 96 12.94 -5.70 -4.66
CA SER A 96 13.00 -7.15 -4.43
C SER A 96 14.09 -7.49 -3.42
N ALA A 97 15.16 -6.70 -3.42
CA ALA A 97 16.27 -6.92 -2.50
C ALA A 97 15.80 -6.86 -1.05
N GLY A 98 15.48 -5.65 -0.58
CA GLY A 98 15.03 -5.48 0.78
C GLY A 98 13.62 -4.91 0.86
N CYS A 99 12.99 -5.05 2.02
CA CYS A 99 11.63 -4.55 2.22
C CYS A 99 11.66 -3.17 2.88
N GLY A 100 10.56 -2.44 2.72
CA GLY A 100 10.48 -1.11 3.30
C GLY A 100 9.26 -0.95 4.19
N PRO A 101 9.34 0.01 5.14
CA PRO A 101 8.23 0.28 6.07
C PRO A 101 7.04 0.93 5.37
N PRO A 102 5.83 0.58 5.83
CA PRO A 102 4.58 1.13 5.27
C PRO A 102 4.39 2.60 5.60
N SER A 103 3.68 3.31 4.74
CA SER A 103 3.42 4.73 4.93
C SER A 103 2.31 4.95 5.96
N ASP A 104 2.06 6.21 6.30
CA ASP A 104 1.03 6.56 7.26
C ASP A 104 -0.30 5.89 6.89
N MET A 105 -0.80 5.04 7.80
CA MET A 105 -2.06 4.34 7.56
C MET A 105 -3.21 5.32 7.44
N ILE A 106 -3.72 5.49 6.23
CA ILE A 106 -4.83 6.40 5.97
C ILE A 106 -6.15 5.64 5.84
N GLU A 107 -7.22 6.26 6.31
CA GLU A 107 -8.54 5.65 6.24
C GLU A 107 -9.40 6.31 5.17
N ALA A 108 -10.12 5.49 4.39
CA ALA A 108 -10.97 5.99 3.34
C ALA A 108 -12.44 5.62 3.58
N PHE A 109 -13.35 6.42 3.04
CA PHE A 109 -14.77 6.18 3.21
C PHE A 109 -15.50 6.27 1.86
N THR A 110 -15.89 5.12 1.34
CA THR A 110 -16.60 5.07 0.06
C THR A 110 -17.97 5.71 0.17
N LYS A 111 -18.69 5.78 -0.96
CA LYS A 111 -20.02 6.36 -0.99
C LYS A 111 -21.09 5.28 -0.86
N LYS A 112 -22.33 5.70 -0.67
CA LYS A 112 -23.45 4.77 -0.53
C LYS A 112 -23.94 4.31 -1.89
N ALA A 113 -23.83 3.01 -2.15
CA ALA A 113 -24.28 2.44 -3.42
C ALA A 113 -25.70 2.86 -3.75
N SER A 114 -25.86 3.61 -4.83
CA SER A 114 -27.18 4.09 -5.24
C SER A 114 -27.93 3.00 -6.01
N GLY A 115 -29.19 2.79 -5.63
CA GLY A 115 -30.00 1.77 -6.30
C GLY A 115 -30.74 2.32 -7.50
N PRO A 116 -31.72 1.55 -8.00
CA PRO A 116 -32.53 1.94 -9.15
C PRO A 116 -33.47 3.10 -8.84
N SER A 117 -34.11 3.03 -7.68
CA SER A 117 -35.05 4.07 -7.26
C SER A 117 -34.35 5.10 -6.37
N SER A 118 -34.96 6.28 -6.25
CA SER A 118 -34.40 7.34 -5.44
C SER A 118 -35.43 7.87 -4.44
N GLY A 119 -34.95 8.47 -3.36
CA GLY A 119 -35.83 9.00 -2.34
C GLY A 119 -36.48 7.91 -1.51
N GLY A 1 9.78 -21.34 21.21
CA GLY A 1 10.70 -20.25 20.95
C GLY A 1 12.05 -20.72 20.44
N SER A 2 12.21 -20.71 19.12
CA SER A 2 13.46 -21.16 18.50
C SER A 2 14.03 -20.06 17.60
N SER A 3 15.35 -19.99 17.55
CA SER A 3 16.03 -18.98 16.74
C SER A 3 17.27 -19.57 16.06
N GLY A 4 17.71 -18.93 15.00
CA GLY A 4 18.89 -19.40 14.28
C GLY A 4 20.13 -18.62 14.62
N SER A 5 21.13 -19.29 15.17
CA SER A 5 22.38 -18.64 15.56
C SER A 5 23.20 -18.28 14.32
N SER A 6 23.31 -16.97 14.06
CA SER A 6 24.06 -16.48 12.92
C SER A 6 23.88 -17.41 11.71
N GLY A 7 22.64 -17.82 11.47
CA GLY A 7 22.35 -18.71 10.36
C GLY A 7 21.27 -18.16 9.45
N VAL A 8 21.44 -16.92 9.00
CA VAL A 8 20.47 -16.29 8.12
C VAL A 8 21.13 -15.84 6.82
N ALA A 9 20.52 -16.22 5.70
CA ALA A 9 21.05 -15.85 4.38
C ALA A 9 20.06 -16.21 3.28
N VAL A 10 19.93 -15.32 2.31
CA VAL A 10 19.03 -15.54 1.19
C VAL A 10 19.78 -15.95 -0.07
N ILE A 11 19.05 -16.48 -1.04
CA ILE A 11 19.66 -16.91 -2.29
C ILE A 11 19.56 -15.82 -3.36
N ASN A 12 19.53 -14.57 -2.91
CA ASN A 12 19.44 -13.44 -3.82
C ASN A 12 20.28 -12.27 -3.31
N SER A 13 21.32 -11.91 -4.05
CA SER A 13 22.20 -10.82 -3.67
C SER A 13 21.45 -9.49 -3.68
N ALA A 14 21.92 -8.54 -2.88
CA ALA A 14 21.30 -7.23 -2.80
C ALA A 14 22.32 -6.12 -3.04
N GLN A 15 21.83 -4.90 -3.18
CA GLN A 15 22.69 -3.75 -3.42
C GLN A 15 22.45 -2.66 -2.39
N ASP A 16 21.18 -2.38 -2.10
CA ASP A 16 20.82 -1.36 -1.13
C ASP A 16 19.43 -1.63 -0.56
N ALA A 17 18.96 -0.71 0.28
CA ALA A 17 17.65 -0.85 0.91
C ALA A 17 16.99 0.51 1.10
N PRO A 18 15.65 0.56 0.95
CA PRO A 18 14.89 1.79 1.12
C PRO A 18 14.83 2.26 2.57
N SER A 19 15.12 3.54 2.79
CA SER A 19 15.11 4.12 4.13
C SER A 19 13.99 5.15 4.27
N GLU A 20 13.69 5.84 3.18
CA GLU A 20 12.64 6.85 3.18
C GLU A 20 11.32 6.28 2.65
N ALA A 21 10.22 6.69 3.27
CA ALA A 21 8.90 6.22 2.87
C ALA A 21 7.99 7.40 2.50
N PRO A 22 7.07 7.16 1.55
CA PRO A 22 6.13 8.17 1.10
C PRO A 22 5.09 8.53 2.16
N THR A 23 5.29 9.68 2.81
CA THR A 23 4.36 10.13 3.85
C THR A 23 3.40 11.18 3.31
N GLU A 24 2.49 11.62 4.16
CA GLU A 24 1.50 12.62 3.77
C GLU A 24 0.77 12.21 2.49
N VAL A 25 0.47 10.92 2.39
CA VAL A 25 -0.22 10.39 1.23
C VAL A 25 -1.68 10.84 1.20
N GLY A 26 -2.29 10.81 0.02
CA GLY A 26 -3.68 11.21 -0.11
C GLY A 26 -4.53 10.14 -0.76
N VAL A 27 -5.82 10.14 -0.44
CA VAL A 27 -6.75 9.16 -1.01
C VAL A 27 -8.02 9.83 -1.50
N LYS A 28 -8.33 9.65 -2.78
CA LYS A 28 -9.52 10.23 -3.38
C LYS A 28 -10.58 9.17 -3.63
N VAL A 29 -11.81 9.45 -3.21
CA VAL A 29 -12.91 8.52 -3.40
C VAL A 29 -13.61 8.75 -4.74
N LEU A 30 -13.09 8.11 -5.78
CA LEU A 30 -13.66 8.24 -7.11
C LEU A 30 -15.14 7.84 -7.12
N SER A 31 -15.42 6.63 -6.64
CA SER A 31 -16.79 6.12 -6.60
C SER A 31 -16.94 5.08 -5.50
N SER A 32 -18.13 4.51 -5.39
CA SER A 32 -18.41 3.50 -4.37
C SER A 32 -17.40 2.36 -4.45
N SER A 33 -17.04 1.98 -5.67
CA SER A 33 -16.08 0.90 -5.88
C SER A 33 -14.85 1.41 -6.65
N GLU A 34 -14.39 2.59 -6.30
CA GLU A 34 -13.23 3.19 -6.96
C GLU A 34 -12.57 4.23 -6.05
N ILE A 35 -11.31 3.97 -5.70
CA ILE A 35 -10.56 4.88 -4.84
C ILE A 35 -9.12 5.04 -5.33
N SER A 36 -8.68 6.28 -5.46
CA SER A 36 -7.33 6.56 -5.92
C SER A 36 -6.38 6.80 -4.73
N VAL A 37 -5.12 6.44 -4.91
CA VAL A 37 -4.12 6.61 -3.86
C VAL A 37 -2.89 7.34 -4.39
N HIS A 38 -2.82 8.64 -4.14
CA HIS A 38 -1.69 9.44 -4.59
C HIS A 38 -0.71 9.69 -3.45
N TRP A 39 0.54 9.27 -3.64
CA TRP A 39 1.57 9.45 -2.63
C TRP A 39 2.70 10.34 -3.14
N GLU A 40 3.74 10.49 -2.33
CA GLU A 40 4.88 11.31 -2.72
C GLU A 40 6.09 10.44 -3.04
N HIS A 41 6.72 10.72 -4.19
CA HIS A 41 7.89 9.96 -4.62
C HIS A 41 9.02 10.08 -3.61
N VAL A 42 9.67 8.95 -3.32
CA VAL A 42 10.77 8.92 -2.36
C VAL A 42 12.11 9.11 -3.07
N LEU A 43 13.00 9.86 -2.42
CA LEU A 43 14.32 10.12 -2.98
C LEU A 43 15.02 8.82 -3.38
N GLU A 44 14.59 7.72 -2.76
CA GLU A 44 15.17 6.40 -3.05
C GLU A 44 14.68 5.89 -4.41
N LYS A 45 15.57 5.89 -5.39
CA LYS A 45 15.25 5.42 -6.72
C LYS A 45 15.46 3.91 -6.84
N ILE A 46 15.78 3.28 -5.72
CA ILE A 46 16.01 1.84 -5.70
C ILE A 46 14.70 1.07 -5.68
N VAL A 47 13.65 1.72 -5.18
CA VAL A 47 12.32 1.10 -5.12
C VAL A 47 11.92 0.53 -6.48
N GLU A 48 11.42 -0.70 -6.47
CA GLU A 48 10.99 -1.36 -7.71
C GLU A 48 9.56 -0.98 -8.06
N SER A 49 8.71 -0.87 -7.03
CA SER A 49 7.32 -0.53 -7.22
C SER A 49 6.68 -0.08 -5.91
N TYR A 50 5.52 0.57 -6.02
CA TYR A 50 4.80 1.04 -4.84
C TYR A 50 3.59 0.18 -4.54
N GLN A 51 3.66 -0.58 -3.46
CA GLN A 51 2.57 -1.46 -3.05
C GLN A 51 1.48 -0.68 -2.32
N ILE A 52 0.26 -0.76 -2.81
CA ILE A 52 -0.86 -0.06 -2.19
C ILE A 52 -1.85 -1.04 -1.58
N ARG A 53 -1.74 -1.24 -0.26
CA ARG A 53 -2.62 -2.16 0.44
C ARG A 53 -4.02 -1.55 0.61
N TYR A 54 -4.98 -2.38 0.98
CA TYR A 54 -6.35 -1.93 1.17
C TYR A 54 -7.22 -3.05 1.71
N TRP A 55 -8.04 -2.74 2.71
CA TRP A 55 -8.94 -3.72 3.31
C TRP A 55 -9.97 -3.05 4.19
N ALA A 56 -11.01 -3.80 4.57
CA ALA A 56 -12.07 -3.27 5.42
C ALA A 56 -11.62 -3.22 6.87
N ALA A 57 -12.17 -2.27 7.62
CA ALA A 57 -11.84 -2.11 9.03
C ALA A 57 -11.92 -3.44 9.77
N HIS A 58 -12.88 -4.29 9.36
CA HIS A 58 -13.07 -5.58 9.98
C HIS A 58 -11.97 -6.55 9.55
N ASP A 59 -11.57 -6.48 8.29
CA ASP A 59 -10.53 -7.36 7.76
C ASP A 59 -9.20 -7.11 8.48
N LYS A 60 -8.30 -8.07 8.37
CA LYS A 60 -6.98 -7.96 9.01
C LYS A 60 -5.91 -7.60 7.98
N GLU A 61 -4.79 -7.07 8.46
CA GLU A 61 -3.70 -6.69 7.59
C GLU A 61 -3.15 -7.90 6.84
N GLU A 62 -3.24 -9.07 7.47
CA GLU A 62 -2.76 -10.30 6.86
C GLU A 62 -3.58 -10.68 5.64
N ALA A 63 -4.87 -10.35 5.68
CA ALA A 63 -5.78 -10.65 4.58
C ALA A 63 -6.06 -9.41 3.75
N ALA A 64 -5.27 -8.36 3.97
CA ALA A 64 -5.43 -7.10 3.24
C ALA A 64 -4.85 -7.20 1.84
N ASN A 65 -5.64 -6.81 0.85
CA ASN A 65 -5.20 -6.86 -0.54
C ASN A 65 -4.33 -5.65 -0.88
N ARG A 66 -3.54 -5.77 -1.94
CA ARG A 66 -2.67 -4.68 -2.36
C ARG A 66 -2.39 -4.76 -3.86
N VAL A 67 -2.17 -3.60 -4.48
CA VAL A 67 -1.89 -3.54 -5.91
C VAL A 67 -0.49 -3.02 -6.17
N GLN A 68 0.24 -3.72 -7.03
CA GLN A 68 1.60 -3.32 -7.37
C GLN A 68 1.66 -2.68 -8.76
N VAL A 69 1.76 -1.36 -8.78
CA VAL A 69 1.83 -0.62 -10.04
C VAL A 69 3.26 -0.20 -10.36
N THR A 70 3.43 0.42 -11.52
CA THR A 70 4.75 0.88 -11.94
C THR A 70 5.26 2.00 -11.05
N SER A 71 6.50 1.87 -10.59
CA SER A 71 7.10 2.87 -9.72
C SER A 71 6.92 4.28 -10.29
N GLN A 72 6.79 4.35 -11.61
CA GLN A 72 6.62 5.63 -12.29
C GLN A 72 5.27 6.26 -11.92
N GLU A 73 4.26 5.41 -11.72
CA GLU A 73 2.93 5.87 -11.37
C GLU A 73 2.93 6.51 -9.98
N TYR A 74 2.91 7.83 -9.95
CA TYR A 74 2.91 8.56 -8.68
C TYR A 74 1.73 8.15 -7.82
N SER A 75 0.67 7.66 -8.45
CA SER A 75 -0.53 7.22 -7.75
C SER A 75 -1.09 5.96 -8.36
N ALA A 76 -2.05 5.35 -7.68
CA ALA A 76 -2.69 4.13 -8.16
C ALA A 76 -4.20 4.22 -8.07
N ARG A 77 -4.88 3.13 -8.45
CA ARG A 77 -6.34 3.09 -8.40
C ARG A 77 -6.83 1.77 -7.84
N LEU A 78 -7.91 1.82 -7.07
CA LEU A 78 -8.49 0.63 -6.47
C LEU A 78 -9.89 0.37 -7.00
N GLU A 79 -10.28 -0.91 -7.06
CA GLU A 79 -11.60 -1.29 -7.55
C GLU A 79 -12.14 -2.47 -6.77
N ASN A 80 -13.43 -2.77 -6.97
CA ASN A 80 -14.07 -3.89 -6.28
C ASN A 80 -14.15 -3.62 -4.78
N LEU A 81 -14.58 -2.42 -4.41
CA LEU A 81 -14.71 -2.05 -3.01
C LEU A 81 -16.17 -1.91 -2.61
N LEU A 82 -16.44 -2.03 -1.32
CA LEU A 82 -17.80 -1.92 -0.80
C LEU A 82 -18.19 -0.44 -0.60
N PRO A 83 -19.46 -0.13 -0.87
CA PRO A 83 -19.99 1.23 -0.72
C PRO A 83 -20.08 1.66 0.74
N ASP A 84 -19.97 2.96 0.98
CA ASP A 84 -20.05 3.51 2.34
C ASP A 84 -19.38 2.56 3.33
N THR A 85 -18.16 2.16 3.04
CA THR A 85 -17.41 1.25 3.91
C THR A 85 -16.00 1.77 4.16
N GLN A 86 -15.55 1.65 5.41
CA GLN A 86 -14.21 2.10 5.79
C GLN A 86 -13.14 1.18 5.19
N TYR A 87 -12.15 1.79 4.56
CA TYR A 87 -11.06 1.02 3.95
C TYR A 87 -9.71 1.65 4.26
N PHE A 88 -8.88 0.93 5.01
CA PHE A 88 -7.56 1.41 5.38
C PHE A 88 -6.55 1.16 4.26
N ILE A 89 -6.17 2.23 3.58
CA ILE A 89 -5.21 2.13 2.48
C ILE A 89 -3.80 2.49 2.95
N GLU A 90 -2.83 1.69 2.53
CA GLU A 90 -1.43 1.93 2.91
C GLU A 90 -0.52 1.84 1.69
N VAL A 91 0.38 2.81 1.55
CA VAL A 91 1.31 2.83 0.43
C VAL A 91 2.76 2.84 0.92
N GLY A 92 3.51 1.83 0.51
CA GLY A 92 4.90 1.74 0.92
C GLY A 92 5.80 1.16 -0.17
N ALA A 93 6.89 1.85 -0.47
CA ALA A 93 7.82 1.41 -1.48
C ALA A 93 8.63 0.21 -1.01
N CYS A 94 9.10 -0.60 -1.95
CA CYS A 94 9.88 -1.79 -1.63
C CYS A 94 10.50 -2.40 -2.88
N ASN A 95 11.81 -2.64 -2.82
CA ASN A 95 12.52 -3.23 -3.96
C ASN A 95 12.93 -4.66 -3.67
N SER A 96 13.14 -5.43 -4.73
CA SER A 96 13.54 -6.83 -4.59
C SER A 96 14.74 -6.98 -3.67
N ALA A 97 15.54 -5.91 -3.59
CA ALA A 97 16.73 -5.91 -2.75
C ALA A 97 16.35 -5.76 -1.27
N GLY A 98 15.97 -4.55 -0.89
CA GLY A 98 15.60 -4.30 0.50
C GLY A 98 14.17 -3.79 0.63
N CYS A 99 13.54 -4.11 1.74
CA CYS A 99 12.16 -3.68 1.99
C CYS A 99 12.12 -2.39 2.81
N GLY A 100 11.06 -1.62 2.63
CA GLY A 100 10.93 -0.36 3.35
C GLY A 100 9.65 -0.29 4.16
N PRO A 101 9.62 0.59 5.16
CA PRO A 101 8.46 0.79 6.03
C PRO A 101 7.29 1.43 5.30
N PRO A 102 6.06 1.03 5.67
CA PRO A 102 4.84 1.56 5.07
C PRO A 102 4.59 3.03 5.44
N SER A 103 3.77 3.71 4.65
CA SER A 103 3.45 5.11 4.90
C SER A 103 2.47 5.24 6.05
N ASP A 104 2.02 6.47 6.31
CA ASP A 104 1.09 6.74 7.39
C ASP A 104 -0.26 6.08 7.11
N MET A 105 -0.78 5.37 8.11
CA MET A 105 -2.07 4.69 7.96
C MET A 105 -3.17 5.68 7.58
N ILE A 106 -3.68 5.53 6.36
CA ILE A 106 -4.73 6.41 5.86
C ILE A 106 -6.07 5.68 5.78
N GLU A 107 -7.14 6.36 6.14
CA GLU A 107 -8.47 5.78 6.11
C GLU A 107 -9.35 6.49 5.08
N ALA A 108 -10.13 5.71 4.33
CA ALA A 108 -11.02 6.27 3.32
C ALA A 108 -12.45 5.77 3.51
N PHE A 109 -13.41 6.57 3.05
CA PHE A 109 -14.82 6.22 3.18
C PHE A 109 -15.53 6.34 1.84
N THR A 110 -15.95 5.20 1.28
CA THR A 110 -16.64 5.18 0.01
C THR A 110 -18.01 5.83 0.11
N LYS A 111 -18.67 6.04 -1.02
CA LYS A 111 -19.99 6.65 -1.06
C LYS A 111 -21.08 5.58 -1.08
N LYS A 112 -22.33 6.03 -0.97
CA LYS A 112 -23.47 5.11 -0.97
C LYS A 112 -23.76 4.62 -2.38
N ALA A 113 -23.64 3.31 -2.59
CA ALA A 113 -23.90 2.71 -3.89
C ALA A 113 -25.33 2.98 -4.35
N SER A 114 -25.51 4.05 -5.12
CA SER A 114 -26.83 4.42 -5.61
C SER A 114 -26.72 5.39 -6.78
N GLY A 115 -27.64 5.27 -7.74
CA GLY A 115 -27.62 6.13 -8.90
C GLY A 115 -27.15 5.43 -10.15
N PRO A 116 -27.19 6.14 -11.28
CA PRO A 116 -26.78 5.60 -12.58
C PRO A 116 -25.27 5.38 -12.65
N SER A 117 -24.83 4.64 -13.67
CA SER A 117 -23.41 4.35 -13.85
C SER A 117 -22.62 5.64 -14.08
N SER A 118 -21.96 6.12 -13.04
CA SER A 118 -21.16 7.34 -13.13
C SER A 118 -19.70 7.03 -13.38
N GLY A 119 -18.99 7.97 -14.00
CA GLY A 119 -17.58 7.77 -14.29
C GLY A 119 -16.98 8.92 -15.07
N GLY A 1 41.14 -33.17 13.34
CA GLY A 1 41.51 -31.99 14.12
C GLY A 1 40.29 -31.20 14.57
N SER A 2 40.52 -29.94 14.93
CA SER A 2 39.45 -29.06 15.37
C SER A 2 39.84 -27.60 15.26
N SER A 3 39.06 -26.83 14.50
CA SER A 3 39.33 -25.43 14.29
C SER A 3 38.09 -24.58 14.61
N GLY A 4 38.32 -23.33 14.98
CA GLY A 4 37.21 -22.44 15.30
C GLY A 4 37.57 -20.98 15.09
N SER A 5 36.58 -20.18 14.71
CA SER A 5 36.80 -18.76 14.47
C SER A 5 36.21 -17.92 15.61
N SER A 6 36.86 -16.81 15.92
CA SER A 6 36.41 -15.93 16.98
C SER A 6 35.76 -14.67 16.41
N GLY A 7 34.96 -14.85 15.37
CA GLY A 7 34.29 -13.71 14.75
C GLY A 7 33.10 -14.13 13.90
N VAL A 8 31.96 -14.34 14.55
CA VAL A 8 30.75 -14.75 13.85
C VAL A 8 30.07 -13.56 13.18
N ALA A 9 29.77 -13.70 11.90
CA ALA A 9 29.11 -12.64 11.15
C ALA A 9 28.12 -13.20 10.14
N VAL A 10 26.93 -12.61 10.10
CA VAL A 10 25.89 -13.06 9.18
C VAL A 10 26.07 -12.44 7.79
N ILE A 11 25.57 -13.13 6.78
CA ILE A 11 25.68 -12.65 5.40
C ILE A 11 24.30 -12.48 4.78
N ASN A 12 23.99 -11.24 4.38
CA ASN A 12 22.71 -10.93 3.76
C ASN A 12 22.87 -10.71 2.25
N SER A 13 21.97 -11.31 1.48
CA SER A 13 22.02 -11.17 0.02
C SER A 13 21.05 -10.09 -0.44
N ALA A 14 21.57 -8.90 -0.69
CA ALA A 14 20.75 -7.79 -1.14
C ALA A 14 21.62 -6.67 -1.73
N GLN A 15 21.14 -6.07 -2.82
CA GLN A 15 21.87 -4.99 -3.48
C GLN A 15 21.65 -3.66 -2.76
N ASP A 16 20.43 -3.47 -2.25
CA ASP A 16 20.09 -2.24 -1.54
C ASP A 16 18.71 -2.34 -0.92
N ALA A 17 18.35 -1.35 -0.12
CA ALA A 17 17.05 -1.32 0.54
C ALA A 17 16.60 0.11 0.83
N PRO A 18 15.30 0.36 0.70
CA PRO A 18 14.72 1.69 0.95
C PRO A 18 14.74 2.07 2.42
N SER A 19 15.02 3.34 2.69
CA SER A 19 15.08 3.83 4.07
C SER A 19 14.08 4.97 4.27
N GLU A 20 13.78 5.70 3.20
CA GLU A 20 12.86 6.81 3.27
C GLU A 20 11.45 6.37 2.88
N ALA A 21 10.45 6.98 3.51
CA ALA A 21 9.05 6.66 3.23
C ALA A 21 8.38 7.76 2.42
N PRO A 22 7.42 7.38 1.57
CA PRO A 22 6.67 8.33 0.73
C PRO A 22 5.74 9.22 1.54
N THR A 23 6.01 10.53 1.51
CA THR A 23 5.19 11.49 2.24
C THR A 23 4.15 12.13 1.34
N GLU A 24 3.35 13.03 1.91
CA GLU A 24 2.31 13.71 1.15
C GLU A 24 1.44 12.71 0.39
N VAL A 25 1.17 11.57 1.03
CA VAL A 25 0.35 10.54 0.41
C VAL A 25 -1.10 10.62 0.88
N GLY A 26 -2.02 10.66 -0.07
CA GLY A 26 -3.44 10.75 0.27
C GLY A 26 -4.29 9.81 -0.56
N VAL A 27 -5.60 9.84 -0.33
CA VAL A 27 -6.53 9.00 -1.07
C VAL A 27 -7.79 9.77 -1.44
N LYS A 28 -8.18 9.67 -2.71
CA LYS A 28 -9.36 10.35 -3.20
C LYS A 28 -10.46 9.35 -3.57
N VAL A 29 -11.65 9.56 -3.04
CA VAL A 29 -12.78 8.68 -3.32
C VAL A 29 -13.50 9.09 -4.60
N LEU A 30 -13.44 8.24 -5.62
CA LEU A 30 -14.07 8.52 -6.89
C LEU A 30 -15.52 8.02 -6.89
N SER A 31 -15.70 6.72 -6.70
CA SER A 31 -17.03 6.13 -6.68
C SER A 31 -17.17 5.17 -5.49
N SER A 32 -18.37 4.62 -5.34
CA SER A 32 -18.65 3.69 -4.24
C SER A 32 -17.72 2.48 -4.32
N SER A 33 -17.23 2.19 -5.51
CA SER A 33 -16.33 1.06 -5.72
C SER A 33 -15.07 1.48 -6.46
N GLU A 34 -14.67 2.74 -6.26
CA GLU A 34 -13.48 3.28 -6.90
C GLU A 34 -12.77 4.28 -6.01
N ILE A 35 -11.47 4.13 -5.86
CA ILE A 35 -10.68 5.02 -5.02
C ILE A 35 -9.24 5.11 -5.52
N SER A 36 -8.79 6.34 -5.76
CA SER A 36 -7.44 6.57 -6.26
C SER A 36 -6.49 6.91 -5.10
N VAL A 37 -5.35 6.24 -5.06
CA VAL A 37 -4.36 6.47 -4.01
C VAL A 37 -3.11 7.13 -4.57
N HIS A 38 -2.97 8.43 -4.36
CA HIS A 38 -1.81 9.17 -4.84
C HIS A 38 -0.76 9.29 -3.75
N TRP A 39 0.49 9.50 -4.17
CA TRP A 39 1.60 9.64 -3.23
C TRP A 39 2.79 10.33 -3.89
N GLU A 40 3.70 10.82 -3.06
CA GLU A 40 4.89 11.51 -3.56
C GLU A 40 6.02 10.52 -3.85
N HIS A 41 6.84 10.84 -4.84
CA HIS A 41 7.96 9.98 -5.22
C HIS A 41 9.08 10.07 -4.19
N VAL A 42 9.63 8.91 -3.83
CA VAL A 42 10.72 8.86 -2.85
C VAL A 42 12.04 9.30 -3.48
N LEU A 43 13.06 9.44 -2.64
CA LEU A 43 14.38 9.85 -3.11
C LEU A 43 15.18 8.65 -3.62
N GLU A 44 14.83 7.46 -3.14
CA GLU A 44 15.51 6.24 -3.55
C GLU A 44 14.95 5.72 -4.87
N LYS A 45 15.85 5.37 -5.78
CA LYS A 45 15.45 4.86 -7.09
C LYS A 45 15.61 3.35 -7.16
N ILE A 46 16.02 2.75 -6.04
CA ILE A 46 16.21 1.30 -5.98
C ILE A 46 14.88 0.57 -5.88
N VAL A 47 13.85 1.30 -5.45
CA VAL A 47 12.51 0.72 -5.31
C VAL A 47 12.06 0.08 -6.62
N GLU A 48 11.09 -0.84 -6.52
CA GLU A 48 10.57 -1.53 -7.69
C GLU A 48 9.14 -1.09 -7.99
N SER A 49 8.33 -0.98 -6.94
CA SER A 49 6.94 -0.57 -7.09
C SER A 49 6.32 -0.24 -5.73
N TYR A 50 5.20 0.47 -5.76
CA TYR A 50 4.51 0.86 -4.54
C TYR A 50 3.36 -0.09 -4.23
N GLN A 51 3.51 -0.88 -3.18
CA GLN A 51 2.48 -1.84 -2.79
C GLN A 51 1.37 -1.15 -2.01
N ILE A 52 0.26 -0.88 -2.68
CA ILE A 52 -0.88 -0.22 -2.06
C ILE A 52 -1.81 -1.24 -1.39
N ARG A 53 -1.61 -1.44 -0.09
CA ARG A 53 -2.43 -2.38 0.66
C ARG A 53 -3.74 -1.74 1.09
N TYR A 54 -4.85 -2.44 0.85
CA TYR A 54 -6.16 -1.94 1.21
C TYR A 54 -7.08 -3.08 1.66
N TRP A 55 -7.84 -2.84 2.72
CA TRP A 55 -8.75 -3.84 3.25
C TRP A 55 -9.84 -3.19 4.11
N ALA A 56 -10.93 -3.91 4.31
CA ALA A 56 -12.04 -3.41 5.11
C ALA A 56 -11.71 -3.45 6.60
N ALA A 57 -12.15 -2.43 7.33
CA ALA A 57 -11.89 -2.36 8.77
C ALA A 57 -12.05 -3.72 9.43
N HIS A 58 -13.04 -4.48 8.97
CA HIS A 58 -13.29 -5.82 9.52
C HIS A 58 -12.21 -6.80 9.05
N ASP A 59 -11.90 -6.75 7.77
CA ASP A 59 -10.88 -7.64 7.20
C ASP A 59 -9.57 -7.54 7.97
N LYS A 60 -8.75 -8.59 7.87
CA LYS A 60 -7.48 -8.61 8.57
C LYS A 60 -6.32 -8.34 7.60
N GLU A 61 -5.18 -7.96 8.15
CA GLU A 61 -4.00 -7.67 7.34
C GLU A 61 -3.64 -8.85 6.45
N GLU A 62 -3.89 -10.06 6.96
CA GLU A 62 -3.59 -11.28 6.22
C GLU A 62 -4.44 -11.37 4.95
N ALA A 63 -5.74 -11.13 5.10
CA ALA A 63 -6.66 -11.18 3.97
C ALA A 63 -6.72 -9.84 3.25
N ALA A 64 -5.72 -9.00 3.49
CA ALA A 64 -5.65 -7.68 2.86
C ALA A 64 -5.08 -7.77 1.45
N ASN A 65 -5.76 -7.15 0.50
CA ASN A 65 -5.31 -7.16 -0.89
C ASN A 65 -4.59 -5.86 -1.24
N ARG A 66 -3.57 -5.96 -2.08
CA ARG A 66 -2.80 -4.79 -2.51
C ARG A 66 -2.67 -4.74 -4.02
N VAL A 67 -2.16 -3.63 -4.53
CA VAL A 67 -1.98 -3.45 -5.97
C VAL A 67 -0.59 -2.92 -6.29
N GLN A 68 0.30 -3.80 -6.73
CA GLN A 68 1.67 -3.41 -7.08
C GLN A 68 1.71 -2.76 -8.46
N VAL A 69 1.78 -1.44 -8.48
CA VAL A 69 1.84 -0.70 -9.73
C VAL A 69 3.27 -0.27 -10.05
N THR A 70 3.49 0.17 -11.29
CA THR A 70 4.81 0.61 -11.73
C THR A 70 5.30 1.79 -10.90
N SER A 71 6.55 1.72 -10.47
CA SER A 71 7.14 2.79 -9.67
C SER A 71 6.94 4.15 -10.34
N GLN A 72 6.80 4.13 -11.66
CA GLN A 72 6.61 5.36 -12.42
C GLN A 72 5.26 6.00 -12.08
N GLU A 73 4.28 5.16 -11.81
CA GLU A 73 2.94 5.65 -11.47
C GLU A 73 2.96 6.42 -10.16
N TYR A 74 2.74 7.72 -10.25
CA TYR A 74 2.73 8.57 -9.06
C TYR A 74 1.53 8.27 -8.18
N SER A 75 0.54 7.59 -8.75
CA SER A 75 -0.66 7.24 -8.01
C SER A 75 -1.21 5.89 -8.48
N ALA A 76 -2.21 5.39 -7.78
CA ALA A 76 -2.83 4.11 -8.12
C ALA A 76 -4.35 4.23 -8.19
N ARG A 77 -5.00 3.19 -8.71
CA ARG A 77 -6.45 3.18 -8.83
C ARG A 77 -7.04 1.90 -8.25
N LEU A 78 -7.98 2.06 -7.33
CA LEU A 78 -8.63 0.92 -6.69
C LEU A 78 -10.02 0.68 -7.27
N GLU A 79 -10.46 -0.57 -7.25
CA GLU A 79 -11.77 -0.93 -7.77
C GLU A 79 -12.32 -2.17 -7.06
N ASN A 80 -13.55 -2.54 -7.41
CA ASN A 80 -14.19 -3.71 -6.82
C ASN A 80 -14.23 -3.58 -5.29
N LEU A 81 -14.66 -2.43 -4.81
CA LEU A 81 -14.73 -2.18 -3.37
C LEU A 81 -16.18 -2.18 -2.91
N LEU A 82 -16.38 -2.18 -1.59
CA LEU A 82 -17.72 -2.17 -1.00
C LEU A 82 -18.17 -0.74 -0.70
N PRO A 83 -19.47 -0.49 -0.89
CA PRO A 83 -20.05 0.84 -0.63
C PRO A 83 -20.10 1.17 0.85
N ASP A 84 -19.95 2.45 1.17
CA ASP A 84 -19.98 2.89 2.56
C ASP A 84 -19.19 1.94 3.46
N THR A 85 -17.95 1.65 3.06
CA THR A 85 -17.09 0.75 3.82
C THR A 85 -15.71 1.38 4.06
N GLN A 86 -15.28 1.37 5.31
CA GLN A 86 -13.98 1.93 5.67
C GLN A 86 -12.85 1.02 5.21
N TYR A 87 -11.96 1.58 4.38
CA TYR A 87 -10.83 0.83 3.86
C TYR A 87 -9.51 1.47 4.26
N PHE A 88 -8.64 0.70 4.90
CA PHE A 88 -7.34 1.19 5.34
C PHE A 88 -6.30 1.05 4.22
N ILE A 89 -5.98 2.17 3.58
CA ILE A 89 -5.00 2.17 2.50
C ILE A 89 -3.63 2.59 3.00
N GLU A 90 -2.59 2.18 2.27
CA GLU A 90 -1.22 2.52 2.65
C GLU A 90 -0.28 2.39 1.45
N VAL A 91 0.66 3.32 1.34
CA VAL A 91 1.62 3.30 0.24
C VAL A 91 3.05 3.42 0.77
N GLY A 92 3.78 2.31 0.72
CA GLY A 92 5.16 2.30 1.18
C GLY A 92 6.11 1.69 0.18
N ALA A 93 7.12 2.46 -0.23
CA ALA A 93 8.10 1.98 -1.20
C ALA A 93 8.84 0.75 -0.66
N CYS A 94 8.82 -0.33 -1.44
CA CYS A 94 9.49 -1.56 -1.06
C CYS A 94 9.93 -2.35 -2.28
N ASN A 95 11.17 -2.85 -2.23
CA ASN A 95 11.71 -3.61 -3.35
C ASN A 95 11.87 -5.08 -2.96
N SER A 96 12.27 -5.91 -3.94
CA SER A 96 12.45 -7.32 -3.71
C SER A 96 13.66 -7.58 -2.81
N ALA A 97 14.65 -6.70 -2.90
CA ALA A 97 15.86 -6.83 -2.09
C ALA A 97 15.55 -6.67 -0.61
N GLY A 98 15.10 -5.48 -0.24
CA GLY A 98 14.77 -5.21 1.16
C GLY A 98 13.32 -4.82 1.34
N CYS A 99 12.84 -4.89 2.58
CA CYS A 99 11.46 -4.54 2.89
C CYS A 99 11.38 -3.15 3.53
N GLY A 100 10.72 -2.23 2.82
CA GLY A 100 10.59 -0.87 3.32
C GLY A 100 9.42 -0.73 4.27
N PRO A 101 9.55 0.23 5.22
CA PRO A 101 8.50 0.49 6.22
C PRO A 101 7.27 1.12 5.59
N PRO A 102 6.09 0.80 6.15
CA PRO A 102 4.81 1.33 5.67
C PRO A 102 4.65 2.82 5.97
N SER A 103 3.92 3.52 5.12
CA SER A 103 3.69 4.95 5.29
C SER A 103 2.53 5.20 6.26
N ASP A 104 2.20 6.47 6.44
CA ASP A 104 1.11 6.85 7.34
C ASP A 104 -0.19 6.12 6.97
N MET A 105 -0.67 5.28 7.88
CA MET A 105 -1.89 4.52 7.65
C MET A 105 -3.06 5.46 7.37
N ILE A 106 -3.45 5.56 6.10
CA ILE A 106 -4.56 6.42 5.70
C ILE A 106 -5.84 5.61 5.54
N GLU A 107 -6.95 6.18 5.98
CA GLU A 107 -8.25 5.52 5.88
C GLU A 107 -9.16 6.23 4.87
N ALA A 108 -10.01 5.48 4.21
CA ALA A 108 -10.93 6.04 3.23
C ALA A 108 -12.37 5.62 3.51
N PHE A 109 -13.32 6.45 3.11
CA PHE A 109 -14.74 6.15 3.32
C PHE A 109 -15.51 6.26 2.01
N THR A 110 -15.84 5.10 1.43
CA THR A 110 -16.58 5.05 0.19
C THR A 110 -18.00 5.59 0.36
N LYS A 111 -18.69 5.79 -0.75
CA LYS A 111 -20.06 6.30 -0.73
C LYS A 111 -21.06 5.16 -0.65
N LYS A 112 -22.32 5.51 -0.42
CA LYS A 112 -23.39 4.51 -0.33
C LYS A 112 -23.89 4.13 -1.71
N ALA A 113 -23.96 2.82 -1.97
CA ALA A 113 -24.43 2.32 -3.26
C ALA A 113 -25.85 2.78 -3.54
N SER A 114 -26.06 3.36 -4.73
CA SER A 114 -27.38 3.85 -5.11
C SER A 114 -27.92 3.07 -6.31
N GLY A 115 -29.24 3.01 -6.43
CA GLY A 115 -29.86 2.29 -7.53
C GLY A 115 -30.21 0.87 -7.16
N PRO A 116 -31.35 0.39 -7.69
CA PRO A 116 -31.83 -0.97 -7.43
C PRO A 116 -30.97 -2.03 -8.10
N SER A 117 -30.51 -1.74 -9.31
CA SER A 117 -29.67 -2.67 -10.06
C SER A 117 -28.23 -2.18 -10.11
N SER A 118 -27.41 -2.69 -9.21
CA SER A 118 -26.00 -2.30 -9.15
C SER A 118 -25.09 -3.45 -9.58
N GLY A 119 -23.87 -3.12 -9.97
CA GLY A 119 -22.92 -4.14 -10.40
C GLY A 119 -21.92 -4.49 -9.32
N GLY A 1 14.33 -22.60 28.00
CA GLY A 1 15.39 -21.62 28.14
C GLY A 1 16.34 -21.64 26.94
N SER A 2 16.53 -20.48 26.33
CA SER A 2 17.40 -20.36 25.17
C SER A 2 18.33 -19.15 25.31
N SER A 3 19.63 -19.41 25.26
CA SER A 3 20.63 -18.36 25.39
C SER A 3 20.59 -17.43 24.18
N GLY A 4 21.18 -16.24 24.32
CA GLY A 4 21.20 -15.28 23.24
C GLY A 4 22.61 -14.93 22.81
N SER A 5 22.84 -13.65 22.55
CA SER A 5 24.16 -13.18 22.12
C SER A 5 24.73 -14.09 21.03
N SER A 6 23.87 -14.47 20.09
CA SER A 6 24.29 -15.34 18.99
C SER A 6 25.13 -14.56 17.98
N GLY A 7 25.93 -15.29 17.21
CA GLY A 7 26.77 -14.66 16.20
C GLY A 7 26.05 -14.45 14.89
N VAL A 8 25.24 -13.39 14.82
CA VAL A 8 24.48 -13.07 13.62
C VAL A 8 25.37 -12.39 12.59
N ALA A 9 25.54 -13.04 11.43
CA ALA A 9 26.36 -12.50 10.36
C ALA A 9 26.08 -13.21 9.04
N VAL A 10 25.59 -12.46 8.06
CA VAL A 10 25.29 -13.02 6.75
C VAL A 10 25.44 -11.97 5.65
N ILE A 11 25.99 -12.39 4.51
CA ILE A 11 26.20 -11.49 3.39
C ILE A 11 24.89 -10.84 2.96
N ASN A 12 24.92 -9.53 2.73
CA ASN A 12 23.74 -8.80 2.31
C ASN A 12 23.31 -9.21 0.90
N SER A 13 24.21 -9.03 -0.06
CA SER A 13 23.94 -9.37 -1.45
C SER A 13 22.74 -8.57 -1.97
N ALA A 14 22.72 -7.28 -1.68
CA ALA A 14 21.65 -6.41 -2.12
C ALA A 14 22.19 -5.14 -2.77
N GLN A 15 21.70 -4.83 -3.97
CA GLN A 15 22.15 -3.64 -4.69
C GLN A 15 21.91 -2.38 -3.86
N ASP A 16 20.68 -2.20 -3.40
CA ASP A 16 20.33 -1.03 -2.59
C ASP A 16 19.03 -1.28 -1.83
N ALA A 17 18.82 -0.50 -0.77
CA ALA A 17 17.62 -0.62 0.04
C ALA A 17 17.01 0.75 0.34
N PRO A 18 15.68 0.82 0.33
CA PRO A 18 14.94 2.05 0.61
C PRO A 18 15.05 2.49 2.06
N SER A 19 15.26 3.79 2.28
CA SER A 19 15.38 4.32 3.63
C SER A 19 14.37 5.43 3.86
N GLU A 20 13.94 6.07 2.78
CA GLU A 20 12.96 7.15 2.87
C GLU A 20 11.58 6.68 2.45
N ALA A 21 10.58 7.00 3.26
CA ALA A 21 9.20 6.60 2.98
C ALA A 21 8.48 7.69 2.20
N PRO A 22 7.53 7.28 1.35
CA PRO A 22 6.73 8.20 0.53
C PRO A 22 5.77 9.04 1.35
N THR A 23 6.15 10.28 1.62
CA THR A 23 5.31 11.18 2.40
C THR A 23 4.27 11.87 1.52
N GLU A 24 3.42 12.68 2.15
CA GLU A 24 2.38 13.40 1.42
C GLU A 24 1.49 12.43 0.65
N VAL A 25 1.11 11.34 1.31
CA VAL A 25 0.26 10.33 0.68
C VAL A 25 -1.21 10.54 1.08
N GLY A 26 -2.09 10.47 0.08
CA GLY A 26 -3.50 10.66 0.35
C GLY A 26 -4.36 9.61 -0.35
N VAL A 27 -5.68 9.81 -0.32
CA VAL A 27 -6.60 8.87 -0.96
C VAL A 27 -7.84 9.60 -1.47
N LYS A 28 -8.11 9.46 -2.75
CA LYS A 28 -9.27 10.10 -3.37
C LYS A 28 -10.43 9.11 -3.50
N VAL A 29 -11.65 9.62 -3.38
CA VAL A 29 -12.85 8.78 -3.48
C VAL A 29 -13.55 9.01 -4.82
N LEU A 30 -13.24 8.17 -5.80
CA LEU A 30 -13.84 8.27 -7.12
C LEU A 30 -15.32 7.89 -7.08
N SER A 31 -15.60 6.69 -6.56
CA SER A 31 -16.98 6.21 -6.45
C SER A 31 -17.09 5.14 -5.38
N SER A 32 -18.28 4.55 -5.27
CA SER A 32 -18.53 3.51 -4.27
C SER A 32 -17.47 2.41 -4.36
N SER A 33 -17.16 2.00 -5.59
CA SER A 33 -16.17 0.95 -5.81
C SER A 33 -14.99 1.48 -6.61
N GLU A 34 -14.57 2.71 -6.29
CA GLU A 34 -13.45 3.33 -6.99
C GLU A 34 -12.73 4.33 -6.08
N ILE A 35 -11.43 4.15 -5.93
CA ILE A 35 -10.63 5.02 -5.09
C ILE A 35 -9.19 5.14 -5.61
N SER A 36 -8.68 6.36 -5.66
CA SER A 36 -7.32 6.60 -6.14
C SER A 36 -6.37 6.83 -4.97
N VAL A 37 -5.15 6.30 -5.11
CA VAL A 37 -4.14 6.45 -4.06
C VAL A 37 -2.94 7.24 -4.57
N HIS A 38 -2.92 8.53 -4.27
CA HIS A 38 -1.83 9.40 -4.70
C HIS A 38 -0.75 9.48 -3.61
N TRP A 39 0.51 9.51 -4.05
CA TRP A 39 1.63 9.59 -3.11
C TRP A 39 2.81 10.33 -3.73
N GLU A 40 3.75 10.75 -2.90
CA GLU A 40 4.93 11.47 -3.38
C GLU A 40 6.05 10.50 -3.71
N HIS A 41 6.71 10.73 -4.84
CA HIS A 41 7.82 9.89 -5.27
C HIS A 41 8.99 9.98 -4.30
N VAL A 42 9.55 8.83 -3.93
CA VAL A 42 10.67 8.78 -3.01
C VAL A 42 11.99 9.04 -3.73
N LEU A 43 13.00 9.46 -2.98
CA LEU A 43 14.32 9.73 -3.55
C LEU A 43 14.98 8.44 -4.05
N GLU A 44 14.60 7.32 -3.44
CA GLU A 44 15.15 6.03 -3.82
C GLU A 44 14.47 5.49 -5.07
N LYS A 45 15.10 5.67 -6.22
CA LYS A 45 14.57 5.21 -7.49
C LYS A 45 14.79 3.71 -7.66
N ILE A 46 15.43 3.09 -6.67
CA ILE A 46 15.72 1.66 -6.71
C ILE A 46 14.46 0.85 -6.40
N VAL A 47 13.47 1.51 -5.81
CA VAL A 47 12.22 0.84 -5.45
C VAL A 47 11.64 0.08 -6.65
N GLU A 48 10.97 -1.02 -6.37
CA GLU A 48 10.36 -1.84 -7.42
C GLU A 48 8.99 -1.30 -7.81
N SER A 49 8.17 -1.00 -6.80
CA SER A 49 6.83 -0.48 -7.04
C SER A 49 6.16 -0.08 -5.73
N TYR A 50 5.11 0.72 -5.84
CA TYR A 50 4.38 1.18 -4.66
C TYR A 50 3.23 0.25 -4.33
N GLN A 51 3.38 -0.53 -3.27
CA GLN A 51 2.34 -1.47 -2.84
C GLN A 51 1.22 -0.75 -2.11
N ILE A 52 0.01 -0.81 -2.66
CA ILE A 52 -1.15 -0.16 -2.06
C ILE A 52 -2.03 -1.18 -1.34
N ARG A 53 -1.83 -1.31 -0.04
CA ARG A 53 -2.61 -2.25 0.76
C ARG A 53 -3.91 -1.60 1.25
N TYR A 54 -5.02 -2.23 0.95
CA TYR A 54 -6.33 -1.72 1.35
C TYR A 54 -7.25 -2.86 1.79
N TRP A 55 -7.96 -2.64 2.89
CA TRP A 55 -8.88 -3.65 3.42
C TRP A 55 -9.90 -3.01 4.35
N ALA A 56 -11.02 -3.69 4.56
CA ALA A 56 -12.07 -3.20 5.42
C ALA A 56 -11.59 -3.13 6.88
N ALA A 57 -12.09 -2.13 7.61
CA ALA A 57 -11.71 -1.95 9.00
C ALA A 57 -11.80 -3.26 9.76
N HIS A 58 -12.84 -4.04 9.48
CA HIS A 58 -13.03 -5.32 10.15
C HIS A 58 -12.02 -6.35 9.64
N ASP A 59 -11.79 -6.35 8.35
CA ASP A 59 -10.84 -7.28 7.74
C ASP A 59 -9.48 -7.21 8.44
N LYS A 60 -8.62 -8.18 8.12
CA LYS A 60 -7.29 -8.22 8.73
C LYS A 60 -6.22 -8.03 7.65
N GLU A 61 -4.98 -7.82 8.10
CA GLU A 61 -3.87 -7.62 7.19
C GLU A 61 -3.62 -8.86 6.35
N GLU A 62 -3.96 -10.03 6.89
CA GLU A 62 -3.78 -11.29 6.18
C GLU A 62 -4.73 -11.38 4.99
N ALA A 63 -5.88 -10.72 5.10
CA ALA A 63 -6.86 -10.73 4.03
C ALA A 63 -6.85 -9.42 3.26
N ALA A 64 -5.78 -8.64 3.45
CA ALA A 64 -5.65 -7.36 2.77
C ALA A 64 -5.00 -7.53 1.40
N ASN A 65 -5.57 -6.88 0.39
CA ASN A 65 -5.05 -6.96 -0.97
C ASN A 65 -4.05 -5.84 -1.23
N ARG A 66 -3.19 -6.03 -2.23
CA ARG A 66 -2.18 -5.04 -2.58
C ARG A 66 -2.08 -4.89 -4.10
N VAL A 67 -2.02 -3.65 -4.56
CA VAL A 67 -1.92 -3.37 -5.99
C VAL A 67 -0.54 -2.82 -6.35
N GLN A 68 0.36 -3.73 -6.71
CA GLN A 68 1.72 -3.34 -7.08
C GLN A 68 1.76 -2.76 -8.49
N VAL A 69 1.92 -1.44 -8.57
CA VAL A 69 1.97 -0.76 -9.85
C VAL A 69 3.36 -0.17 -10.11
N THR A 70 3.65 0.10 -11.37
CA THR A 70 4.95 0.67 -11.74
C THR A 70 5.27 1.90 -10.91
N SER A 71 6.50 1.98 -10.43
CA SER A 71 6.94 3.11 -9.61
C SER A 71 6.70 4.43 -10.34
N GLN A 72 6.56 4.35 -11.67
CA GLN A 72 6.34 5.54 -12.48
C GLN A 72 4.95 6.13 -12.20
N GLU A 73 4.02 5.27 -11.78
CA GLU A 73 2.67 5.71 -11.48
C GLU A 73 2.61 6.47 -10.17
N TYR A 74 2.66 7.80 -10.27
CA TYR A 74 2.61 8.66 -9.08
C TYR A 74 1.45 8.26 -8.17
N SER A 75 0.41 7.69 -8.77
CA SER A 75 -0.76 7.27 -8.01
C SER A 75 -1.33 5.96 -8.56
N ALA A 76 -2.26 5.37 -7.82
CA ALA A 76 -2.89 4.12 -8.24
C ALA A 76 -4.41 4.20 -8.14
N ARG A 77 -5.09 3.18 -8.67
CA ARG A 77 -6.54 3.14 -8.64
C ARG A 77 -7.04 1.84 -8.04
N LEU A 78 -8.13 1.92 -7.28
CA LEU A 78 -8.71 0.74 -6.64
C LEU A 78 -10.11 0.46 -7.18
N GLU A 79 -10.46 -0.82 -7.27
CA GLU A 79 -11.76 -1.23 -7.77
C GLU A 79 -12.30 -2.42 -6.99
N ASN A 80 -13.61 -2.66 -7.09
CA ASN A 80 -14.23 -3.77 -6.40
C ASN A 80 -14.26 -3.53 -4.89
N LEU A 81 -14.58 -2.30 -4.50
CA LEU A 81 -14.64 -1.93 -3.10
C LEU A 81 -16.09 -1.81 -2.62
N LEU A 82 -16.34 -2.20 -1.38
CA LEU A 82 -17.68 -2.13 -0.81
C LEU A 82 -18.11 -0.68 -0.61
N PRO A 83 -19.40 -0.41 -0.82
CA PRO A 83 -19.96 0.93 -0.66
C PRO A 83 -20.01 1.37 0.80
N ASP A 84 -20.00 2.68 1.01
CA ASP A 84 -20.04 3.24 2.36
C ASP A 84 -19.28 2.35 3.34
N THR A 85 -18.07 1.96 2.96
CA THR A 85 -17.24 1.10 3.81
C THR A 85 -15.86 1.71 4.04
N GLN A 86 -15.37 1.61 5.27
CA GLN A 86 -14.07 2.15 5.61
C GLN A 86 -12.96 1.21 5.16
N TYR A 87 -12.01 1.74 4.40
CA TYR A 87 -10.89 0.96 3.89
C TYR A 87 -9.56 1.58 4.30
N PHE A 88 -8.78 0.83 5.07
CA PHE A 88 -7.47 1.31 5.53
C PHE A 88 -6.43 1.17 4.44
N ILE A 89 -6.19 2.25 3.71
CA ILE A 89 -5.21 2.25 2.63
C ILE A 89 -3.81 2.57 3.16
N GLU A 90 -2.80 2.02 2.50
CA GLU A 90 -1.42 2.25 2.90
C GLU A 90 -0.45 1.97 1.75
N VAL A 91 0.40 2.94 1.44
CA VAL A 91 1.36 2.80 0.35
C VAL A 91 2.79 2.81 0.89
N GLY A 92 3.56 1.79 0.52
CA GLY A 92 4.94 1.70 0.96
C GLY A 92 5.88 1.26 -0.14
N ALA A 93 6.86 2.11 -0.44
CA ALA A 93 7.83 1.81 -1.48
C ALA A 93 8.87 0.81 -0.99
N CYS A 94 8.99 -0.31 -1.69
CA CYS A 94 9.95 -1.34 -1.32
C CYS A 94 10.35 -2.18 -2.53
N ASN A 95 11.63 -2.51 -2.61
CA ASN A 95 12.14 -3.31 -3.72
C ASN A 95 12.39 -4.75 -3.30
N SER A 96 12.71 -5.60 -4.28
CA SER A 96 12.96 -7.01 -4.00
C SER A 96 14.28 -7.19 -3.25
N ALA A 97 15.20 -6.26 -3.46
CA ALA A 97 16.51 -6.32 -2.80
C ALA A 97 16.36 -6.21 -1.29
N GLY A 98 16.04 -5.01 -0.82
CA GLY A 98 15.87 -4.79 0.61
C GLY A 98 14.44 -4.44 0.98
N CYS A 99 14.10 -4.63 2.26
CA CYS A 99 12.76 -4.35 2.74
C CYS A 99 12.68 -2.94 3.31
N GLY A 100 11.69 -2.18 2.87
CA GLY A 100 11.53 -0.82 3.36
C GLY A 100 10.28 -0.66 4.22
N PRO A 101 10.33 0.31 5.15
CA PRO A 101 9.22 0.58 6.06
C PRO A 101 8.02 1.20 5.34
N PRO A 102 6.81 0.79 5.75
CA PRO A 102 5.56 1.29 5.16
C PRO A 102 5.30 2.76 5.52
N SER A 103 4.33 3.36 4.84
CA SER A 103 3.98 4.75 5.08
C SER A 103 2.93 4.86 6.19
N ASP A 104 2.46 6.08 6.42
CA ASP A 104 1.45 6.32 7.45
C ASP A 104 0.14 5.62 7.10
N MET A 105 -0.54 5.11 8.11
CA MET A 105 -1.81 4.41 7.93
C MET A 105 -2.94 5.41 7.62
N ILE A 106 -3.41 5.40 6.39
CA ILE A 106 -4.48 6.30 5.98
C ILE A 106 -5.80 5.55 5.87
N GLU A 107 -6.90 6.27 6.10
CA GLU A 107 -8.23 5.68 6.03
C GLU A 107 -9.06 6.34 4.93
N ALA A 108 -9.89 5.54 4.26
CA ALA A 108 -10.75 6.05 3.20
C ALA A 108 -12.21 5.75 3.47
N PHE A 109 -13.09 6.57 2.91
CA PHE A 109 -14.53 6.39 3.10
C PHE A 109 -15.27 6.46 1.76
N THR A 110 -15.69 5.31 1.27
CA THR A 110 -16.41 5.24 0.00
C THR A 110 -17.79 5.90 0.11
N LYS A 111 -18.46 6.03 -1.03
CA LYS A 111 -19.79 6.63 -1.06
C LYS A 111 -20.88 5.58 -0.94
N LYS A 112 -22.10 6.01 -0.70
CA LYS A 112 -23.24 5.10 -0.58
C LYS A 112 -23.66 4.55 -1.93
N ALA A 113 -23.84 3.23 -1.99
CA ALA A 113 -24.25 2.59 -3.24
C ALA A 113 -25.59 3.13 -3.73
N SER A 114 -26.63 3.00 -2.91
CA SER A 114 -27.95 3.48 -3.27
C SER A 114 -28.68 4.04 -2.04
N GLY A 115 -29.53 5.04 -2.28
CA GLY A 115 -30.26 5.64 -1.19
C GLY A 115 -31.22 6.72 -1.67
N PRO A 116 -31.86 7.41 -0.72
CA PRO A 116 -32.83 8.48 -1.04
C PRO A 116 -32.16 9.71 -1.62
N SER A 117 -30.82 9.75 -1.56
CA SER A 117 -30.07 10.87 -2.09
C SER A 117 -30.04 10.85 -3.61
N SER A 118 -30.19 12.01 -4.22
CA SER A 118 -30.19 12.12 -5.68
C SER A 118 -29.76 13.53 -6.11
N GLY A 119 -29.03 13.59 -7.22
CA GLY A 119 -28.57 14.88 -7.73
C GLY A 119 -29.70 15.73 -8.24
N GLY A 1 7.98 -4.36 28.59
CA GLY A 1 7.59 -4.63 27.21
C GLY A 1 8.73 -5.19 26.39
N SER A 2 9.84 -4.45 26.34
CA SER A 2 11.00 -4.87 25.57
C SER A 2 10.59 -5.37 24.18
N SER A 3 9.67 -4.64 23.56
CA SER A 3 9.19 -5.00 22.24
C SER A 3 10.10 -4.42 21.16
N GLY A 4 10.27 -5.17 20.07
CA GLY A 4 11.11 -4.72 18.98
C GLY A 4 11.97 -5.83 18.41
N SER A 5 11.95 -5.98 17.08
CA SER A 5 12.73 -7.01 16.41
C SER A 5 14.19 -6.59 16.28
N SER A 6 15.04 -7.54 15.87
CA SER A 6 16.46 -7.27 15.70
C SER A 6 16.94 -7.72 14.32
N GLY A 7 17.88 -6.97 13.76
CA GLY A 7 18.41 -7.31 12.44
C GLY A 7 19.40 -8.45 12.50
N VAL A 8 18.96 -9.59 13.02
CA VAL A 8 19.81 -10.77 13.13
C VAL A 8 20.23 -11.27 11.75
N ALA A 9 19.30 -11.23 10.80
CA ALA A 9 19.57 -11.68 9.44
C ALA A 9 20.33 -10.62 8.66
N VAL A 10 21.52 -10.98 8.19
CA VAL A 10 22.34 -10.05 7.41
C VAL A 10 21.84 -9.92 5.99
N ILE A 11 21.68 -8.68 5.53
CA ILE A 11 21.19 -8.42 4.18
C ILE A 11 22.35 -8.42 3.18
N ASN A 12 23.23 -9.40 3.31
CA ASN A 12 24.38 -9.53 2.41
C ASN A 12 23.92 -9.68 0.97
N SER A 13 23.00 -10.61 0.74
CA SER A 13 22.48 -10.86 -0.60
C SER A 13 21.73 -9.65 -1.13
N ALA A 14 21.51 -8.67 -0.26
CA ALA A 14 20.80 -7.45 -0.64
C ALA A 14 21.79 -6.31 -0.92
N GLN A 15 21.58 -5.63 -2.05
CA GLN A 15 22.44 -4.53 -2.43
C GLN A 15 22.11 -3.27 -1.64
N ASP A 16 20.83 -2.95 -1.55
CA ASP A 16 20.38 -1.76 -0.82
C ASP A 16 18.97 -1.97 -0.27
N ALA A 17 18.46 -0.96 0.42
CA ALA A 17 17.12 -1.03 0.99
C ALA A 17 16.55 0.37 1.22
N PRO A 18 15.22 0.49 1.11
CA PRO A 18 14.52 1.77 1.29
C PRO A 18 14.54 2.22 2.74
N SER A 19 14.80 3.51 2.95
CA SER A 19 14.86 4.08 4.30
C SER A 19 13.89 5.26 4.42
N GLU A 20 13.53 5.84 3.28
CA GLU A 20 12.63 6.99 3.27
C GLU A 20 11.24 6.57 2.80
N ALA A 21 10.22 7.11 3.45
CA ALA A 21 8.83 6.79 3.09
C ALA A 21 8.22 7.89 2.24
N PRO A 22 7.30 7.51 1.34
CA PRO A 22 6.62 8.45 0.45
C PRO A 22 5.65 9.37 1.21
N THR A 23 6.05 10.63 1.35
CA THR A 23 5.21 11.61 2.05
C THR A 23 4.13 12.17 1.13
N GLU A 24 3.26 12.99 1.69
CA GLU A 24 2.17 13.59 0.93
C GLU A 24 1.31 12.51 0.26
N VAL A 25 1.08 11.42 0.97
CA VAL A 25 0.28 10.32 0.46
C VAL A 25 -1.17 10.43 0.90
N GLY A 26 -2.07 10.59 -0.06
CA GLY A 26 -3.48 10.71 0.26
C GLY A 26 -4.35 9.86 -0.64
N VAL A 27 -5.62 9.71 -0.28
CA VAL A 27 -6.56 8.92 -1.06
C VAL A 27 -7.76 9.76 -1.49
N LYS A 28 -8.20 9.56 -2.72
CA LYS A 28 -9.34 10.30 -3.26
C LYS A 28 -10.48 9.35 -3.60
N VAL A 29 -11.67 9.66 -3.11
CA VAL A 29 -12.86 8.84 -3.36
C VAL A 29 -13.48 9.17 -4.71
N LEU A 30 -13.32 8.28 -5.67
CA LEU A 30 -13.86 8.48 -7.01
C LEU A 30 -15.30 7.99 -7.09
N SER A 31 -15.52 6.76 -6.62
CA SER A 31 -16.85 6.16 -6.64
C SER A 31 -17.01 5.14 -5.52
N SER A 32 -18.20 4.58 -5.40
CA SER A 32 -18.49 3.59 -4.37
C SER A 32 -17.48 2.44 -4.42
N SER A 33 -17.04 2.11 -5.64
CA SER A 33 -16.08 1.03 -5.84
C SER A 33 -14.86 1.52 -6.61
N GLU A 34 -14.54 2.80 -6.43
CA GLU A 34 -13.38 3.40 -7.11
C GLU A 34 -12.67 4.37 -6.19
N ILE A 35 -11.38 4.12 -5.95
CA ILE A 35 -10.57 4.98 -5.09
C ILE A 35 -9.13 5.06 -5.59
N SER A 36 -8.67 6.28 -5.82
CA SER A 36 -7.31 6.51 -6.30
C SER A 36 -6.40 6.96 -5.16
N VAL A 37 -5.16 6.47 -5.18
CA VAL A 37 -4.19 6.82 -4.15
C VAL A 37 -2.96 7.49 -4.76
N HIS A 38 -2.78 8.77 -4.44
CA HIS A 38 -1.65 9.53 -4.96
C HIS A 38 -0.55 9.65 -3.91
N TRP A 39 0.69 9.76 -4.37
CA TRP A 39 1.83 9.89 -3.46
C TRP A 39 3.01 10.53 -4.16
N GLU A 40 3.95 11.06 -3.38
CA GLU A 40 5.13 11.71 -3.93
C GLU A 40 6.27 10.71 -4.10
N HIS A 41 6.89 10.73 -5.28
CA HIS A 41 8.00 9.83 -5.57
C HIS A 41 9.10 9.96 -4.53
N VAL A 42 9.54 8.83 -3.98
CA VAL A 42 10.59 8.82 -2.98
C VAL A 42 11.97 8.86 -3.62
N LEU A 43 12.90 9.56 -2.98
CA LEU A 43 14.27 9.67 -3.50
C LEU A 43 14.84 8.30 -3.82
N GLU A 44 14.26 7.26 -3.20
CA GLU A 44 14.72 5.90 -3.42
C GLU A 44 14.35 5.42 -4.82
N LYS A 45 15.27 5.59 -5.77
CA LYS A 45 15.03 5.18 -7.14
C LYS A 45 15.14 3.66 -7.28
N ILE A 46 15.69 3.01 -6.26
CA ILE A 46 15.84 1.57 -6.27
C ILE A 46 14.51 0.87 -6.01
N VAL A 47 13.58 1.58 -5.37
CA VAL A 47 12.27 1.03 -5.06
C VAL A 47 11.63 0.44 -6.31
N GLU A 48 11.43 -0.88 -6.30
CA GLU A 48 10.82 -1.57 -7.43
C GLU A 48 9.47 -0.95 -7.77
N SER A 49 8.56 -0.95 -6.80
CA SER A 49 7.23 -0.40 -7.01
C SER A 49 6.56 -0.10 -5.66
N TYR A 50 5.45 0.64 -5.72
CA TYR A 50 4.71 1.00 -4.52
C TYR A 50 3.49 0.10 -4.33
N GLN A 51 3.51 -0.69 -3.26
CA GLN A 51 2.40 -1.60 -2.97
C GLN A 51 1.33 -0.91 -2.14
N ILE A 52 0.10 -0.93 -2.63
CA ILE A 52 -1.01 -0.30 -1.93
C ILE A 52 -1.93 -1.35 -1.30
N ARG A 53 -1.89 -1.45 0.02
CA ARG A 53 -2.72 -2.41 0.75
C ARG A 53 -4.03 -1.78 1.18
N TYR A 54 -5.12 -2.53 1.04
CA TYR A 54 -6.44 -2.04 1.42
C TYR A 54 -7.32 -3.18 1.93
N TRP A 55 -8.06 -2.91 3.00
CA TRP A 55 -8.94 -3.91 3.59
C TRP A 55 -9.97 -3.25 4.50
N ALA A 56 -11.19 -3.78 4.49
CA ALA A 56 -12.26 -3.25 5.32
C ALA A 56 -11.85 -3.20 6.79
N ALA A 57 -12.38 -2.23 7.51
CA ALA A 57 -12.07 -2.08 8.93
C ALA A 57 -12.39 -3.35 9.70
N HIS A 58 -13.43 -4.04 9.28
CA HIS A 58 -13.86 -5.28 9.93
C HIS A 58 -12.92 -6.43 9.56
N ASP A 59 -12.40 -6.40 8.34
CA ASP A 59 -11.49 -7.43 7.86
C ASP A 59 -10.19 -7.41 8.64
N LYS A 60 -9.37 -8.44 8.46
CA LYS A 60 -8.09 -8.54 9.14
C LYS A 60 -6.93 -8.28 8.18
N GLU A 61 -5.76 -7.97 8.73
CA GLU A 61 -4.58 -7.70 7.91
C GLU A 61 -4.14 -8.96 7.17
N GLU A 62 -4.58 -10.12 7.66
CA GLU A 62 -4.24 -11.39 7.05
C GLU A 62 -4.94 -11.56 5.71
N ALA A 63 -6.17 -11.06 5.62
CA ALA A 63 -6.96 -11.16 4.40
C ALA A 63 -6.96 -9.83 3.65
N ALA A 64 -6.03 -8.95 3.99
CA ALA A 64 -5.93 -7.65 3.34
C ALA A 64 -5.33 -7.77 1.94
N ASN A 65 -5.95 -7.12 0.98
CA ASN A 65 -5.49 -7.15 -0.40
C ASN A 65 -4.46 -6.05 -0.66
N ARG A 66 -3.59 -6.27 -1.64
CA ARG A 66 -2.57 -5.30 -1.98
C ARG A 66 -2.41 -5.20 -3.49
N VAL A 67 -2.09 -4.00 -3.97
CA VAL A 67 -1.90 -3.76 -5.40
C VAL A 67 -0.74 -2.80 -5.66
N GLN A 68 0.21 -3.25 -6.46
CA GLN A 68 1.39 -2.44 -6.78
C GLN A 68 1.24 -1.81 -8.16
N VAL A 69 2.10 -0.85 -8.46
CA VAL A 69 2.07 -0.15 -9.75
C VAL A 69 3.47 0.29 -10.16
N THR A 70 3.61 0.69 -11.43
CA THR A 70 4.89 1.15 -11.95
C THR A 70 5.43 2.31 -11.14
N SER A 71 6.75 2.31 -10.92
CA SER A 71 7.40 3.37 -10.17
C SER A 71 7.15 4.74 -10.80
N GLN A 72 6.66 4.73 -12.04
CA GLN A 72 6.38 5.95 -12.76
C GLN A 72 4.97 6.47 -12.45
N GLU A 73 4.15 5.59 -11.88
CA GLU A 73 2.77 5.96 -11.52
C GLU A 73 2.74 6.70 -10.18
N TYR A 74 2.58 8.02 -10.25
CA TYR A 74 2.53 8.83 -9.04
C TYR A 74 1.26 8.56 -8.25
N SER A 75 0.38 7.74 -8.82
CA SER A 75 -0.88 7.40 -8.16
C SER A 75 -1.39 6.05 -8.66
N ALA A 76 -2.26 5.42 -7.86
CA ALA A 76 -2.83 4.14 -8.23
C ALA A 76 -4.36 4.19 -8.18
N ARG A 77 -4.99 3.12 -8.66
CA ARG A 77 -6.45 3.04 -8.68
C ARG A 77 -6.94 1.75 -8.02
N LEU A 78 -8.02 1.85 -7.28
CA LEU A 78 -8.60 0.69 -6.59
C LEU A 78 -9.99 0.38 -7.13
N GLU A 79 -10.33 -0.90 -7.18
CA GLU A 79 -11.63 -1.34 -7.67
C GLU A 79 -12.11 -2.57 -6.91
N ASN A 80 -13.39 -2.88 -7.04
CA ASN A 80 -13.98 -4.03 -6.37
C ASN A 80 -14.10 -3.78 -4.86
N LEU A 81 -14.52 -2.57 -4.49
CA LEU A 81 -14.67 -2.22 -3.10
C LEU A 81 -16.14 -2.22 -2.68
N LEU A 82 -16.39 -1.98 -1.40
CA LEU A 82 -17.76 -1.95 -0.88
C LEU A 82 -18.24 -0.53 -0.70
N PRO A 83 -19.54 -0.30 -0.95
CA PRO A 83 -20.16 1.01 -0.81
C PRO A 83 -20.27 1.45 0.65
N ASP A 84 -19.90 2.70 0.91
CA ASP A 84 -19.95 3.25 2.26
C ASP A 84 -19.22 2.34 3.25
N THR A 85 -18.01 1.93 2.89
CA THR A 85 -17.21 1.05 3.74
C THR A 85 -15.83 1.65 4.00
N GLN A 86 -15.36 1.53 5.23
CA GLN A 86 -14.06 2.05 5.61
C GLN A 86 -12.95 1.10 5.18
N TYR A 87 -12.02 1.61 4.37
CA TYR A 87 -10.90 0.80 3.89
C TYR A 87 -9.57 1.47 4.21
N PHE A 88 -8.74 0.77 4.98
CA PHE A 88 -7.43 1.29 5.36
C PHE A 88 -6.44 1.15 4.21
N ILE A 89 -6.12 2.27 3.57
CA ILE A 89 -5.18 2.27 2.46
C ILE A 89 -3.78 2.72 2.91
N GLU A 90 -2.76 2.04 2.42
CA GLU A 90 -1.39 2.37 2.78
C GLU A 90 -0.43 2.01 1.64
N VAL A 91 0.41 2.97 1.26
CA VAL A 91 1.37 2.76 0.19
C VAL A 91 2.77 2.51 0.75
N GLY A 92 3.50 1.58 0.12
CA GLY A 92 4.84 1.27 0.57
C GLY A 92 5.77 0.92 -0.58
N ALA A 93 6.86 1.66 -0.70
CA ALA A 93 7.83 1.42 -1.77
C ALA A 93 8.97 0.54 -1.28
N CYS A 94 9.28 -0.49 -2.05
CA CYS A 94 10.36 -1.42 -1.70
C CYS A 94 10.85 -2.17 -2.93
N ASN A 95 12.10 -2.62 -2.88
CA ASN A 95 12.69 -3.36 -3.99
C ASN A 95 12.92 -4.82 -3.61
N SER A 96 13.07 -5.67 -4.62
CA SER A 96 13.30 -7.09 -4.40
C SER A 96 14.49 -7.32 -3.48
N ALA A 97 15.30 -6.28 -3.32
CA ALA A 97 16.49 -6.35 -2.46
C ALA A 97 16.10 -6.29 -0.99
N GLY A 98 15.72 -5.09 -0.53
CA GLY A 98 15.34 -4.92 0.85
C GLY A 98 13.92 -4.41 1.00
N CYS A 99 13.27 -4.77 2.10
CA CYS A 99 11.90 -4.35 2.36
C CYS A 99 11.86 -2.95 2.97
N GLY A 100 10.78 -2.22 2.71
CA GLY A 100 10.64 -0.88 3.24
C GLY A 100 9.41 -0.73 4.13
N PRO A 101 9.46 0.26 5.03
CA PRO A 101 8.36 0.52 5.96
C PRO A 101 7.14 1.10 5.26
N PRO A 102 5.94 0.65 5.67
CA PRO A 102 4.68 1.10 5.09
C PRO A 102 4.36 2.55 5.46
N SER A 103 3.84 3.29 4.48
CA SER A 103 3.50 4.69 4.71
C SER A 103 2.51 4.84 5.86
N ASP A 104 2.10 6.08 6.13
CA ASP A 104 1.17 6.35 7.22
C ASP A 104 -0.17 5.65 6.96
N MET A 105 -0.80 5.18 8.03
CA MET A 105 -2.08 4.50 7.93
C MET A 105 -3.21 5.48 7.63
N ILE A 106 -3.68 5.48 6.40
CA ILE A 106 -4.75 6.38 5.99
C ILE A 106 -6.08 5.63 5.84
N GLU A 107 -7.15 6.26 6.29
CA GLU A 107 -8.48 5.64 6.19
C GLU A 107 -9.34 6.35 5.14
N ALA A 108 -10.02 5.55 4.32
CA ALA A 108 -10.87 6.10 3.28
C ALA A 108 -12.32 5.67 3.47
N PHE A 109 -13.25 6.47 2.98
CA PHE A 109 -14.68 6.18 3.10
C PHE A 109 -15.37 6.30 1.75
N THR A 110 -15.79 5.17 1.20
CA THR A 110 -16.47 5.14 -0.08
C THR A 110 -17.87 5.76 0.02
N LYS A 111 -18.43 6.12 -1.13
CA LYS A 111 -19.77 6.71 -1.17
C LYS A 111 -20.85 5.63 -1.12
N LYS A 112 -22.10 6.06 -0.96
CA LYS A 112 -23.22 5.13 -0.89
C LYS A 112 -23.53 4.56 -2.27
N ALA A 113 -22.92 3.42 -2.59
CA ALA A 113 -23.14 2.78 -3.88
C ALA A 113 -23.35 3.81 -4.98
N SER A 114 -22.64 4.92 -4.89
CA SER A 114 -22.76 5.99 -5.88
C SER A 114 -22.25 5.54 -7.23
N GLY A 115 -23.07 5.69 -8.27
CA GLY A 115 -22.68 5.29 -9.60
C GLY A 115 -22.39 6.47 -10.51
N PRO A 116 -21.96 6.19 -11.74
CA PRO A 116 -21.64 7.23 -12.73
C PRO A 116 -22.89 7.96 -13.21
N SER A 117 -22.68 9.14 -13.78
CA SER A 117 -23.79 9.95 -14.29
C SER A 117 -23.47 10.51 -15.68
N SER A 118 -24.33 10.21 -16.64
CA SER A 118 -24.13 10.68 -18.00
C SER A 118 -24.06 12.20 -18.05
N GLY A 119 -23.11 12.72 -18.82
CA GLY A 119 -22.96 14.16 -18.95
C GLY A 119 -21.70 14.56 -19.68
N GLY A 1 10.12 -31.51 19.17
CA GLY A 1 11.16 -31.01 18.28
C GLY A 1 12.30 -30.36 19.03
N SER A 2 13.51 -30.83 18.79
CA SER A 2 14.69 -30.29 19.45
C SER A 2 15.72 -29.81 18.43
N SER A 3 16.65 -28.97 18.87
CA SER A 3 17.68 -28.44 18.00
C SER A 3 18.87 -27.93 18.80
N GLY A 4 19.94 -27.56 18.12
CA GLY A 4 21.13 -27.06 18.78
C GLY A 4 22.10 -26.41 17.83
N SER A 5 21.76 -25.20 17.37
CA SER A 5 22.60 -24.47 16.43
C SER A 5 23.23 -23.26 17.11
N SER A 6 24.56 -23.23 17.14
CA SER A 6 25.29 -22.13 17.76
C SER A 6 25.52 -21.00 16.76
N GLY A 7 24.88 -19.86 17.00
CA GLY A 7 25.03 -18.72 16.12
C GLY A 7 24.57 -19.02 14.71
N VAL A 8 23.26 -19.16 14.52
CA VAL A 8 22.70 -19.44 13.21
C VAL A 8 22.52 -18.16 12.40
N ALA A 9 22.78 -18.25 11.10
CA ALA A 9 22.65 -17.10 10.22
C ALA A 9 22.75 -17.53 8.75
N VAL A 10 21.72 -17.23 7.97
CA VAL A 10 21.70 -17.59 6.56
C VAL A 10 22.33 -16.49 5.71
N ILE A 11 23.38 -16.84 4.98
CA ILE A 11 24.08 -15.89 4.13
C ILE A 11 23.11 -15.15 3.21
N ASN A 12 23.05 -13.84 3.34
CA ASN A 12 22.17 -13.01 2.53
C ASN A 12 22.89 -11.77 2.03
N SER A 13 22.41 -11.23 0.91
CA SER A 13 23.01 -10.04 0.32
C SER A 13 21.96 -9.21 -0.41
N ALA A 14 22.27 -7.94 -0.64
CA ALA A 14 21.37 -7.03 -1.33
C ALA A 14 22.07 -5.76 -1.77
N GLN A 15 21.63 -5.19 -2.89
CA GLN A 15 22.23 -3.98 -3.42
C GLN A 15 22.11 -2.82 -2.42
N ASP A 16 20.89 -2.61 -1.92
CA ASP A 16 20.64 -1.54 -0.97
C ASP A 16 19.23 -1.66 -0.39
N ALA A 17 18.87 -0.73 0.50
CA ALA A 17 17.56 -0.72 1.11
C ALA A 17 17.04 0.71 1.28
N PRO A 18 15.72 0.88 1.13
CA PRO A 18 15.07 2.18 1.27
C PRO A 18 15.08 2.70 2.70
N SER A 19 15.30 3.99 2.87
CA SER A 19 15.33 4.60 4.19
C SER A 19 14.32 5.75 4.29
N GLU A 20 13.89 6.24 3.13
CA GLU A 20 12.93 7.34 3.09
C GLU A 20 11.53 6.83 2.73
N ALA A 21 10.52 7.46 3.30
CA ALA A 21 9.14 7.08 3.05
C ALA A 21 8.40 8.16 2.25
N PRO A 22 7.47 7.72 1.39
CA PRO A 22 6.67 8.64 0.55
C PRO A 22 5.68 9.45 1.37
N THR A 23 5.91 10.76 1.45
CA THR A 23 5.04 11.65 2.21
C THR A 23 4.03 12.33 1.29
N GLU A 24 3.08 13.05 1.89
CA GLU A 24 2.06 13.75 1.12
C GLU A 24 1.20 12.77 0.32
N VAL A 25 0.91 11.61 0.93
CA VAL A 25 0.11 10.60 0.29
C VAL A 25 -1.35 10.69 0.72
N GLY A 26 -2.25 10.87 -0.25
CA GLY A 26 -3.66 10.98 0.06
C GLY A 26 -4.50 10.03 -0.76
N VAL A 27 -5.74 9.81 -0.33
CA VAL A 27 -6.65 8.91 -1.03
C VAL A 27 -7.92 9.65 -1.48
N LYS A 28 -8.17 9.64 -2.78
CA LYS A 28 -9.34 10.31 -3.33
C LYS A 28 -10.45 9.30 -3.59
N VAL A 29 -11.69 9.70 -3.28
CA VAL A 29 -12.85 8.83 -3.49
C VAL A 29 -13.47 9.06 -4.85
N LEU A 30 -13.25 8.12 -5.76
CA LEU A 30 -13.78 8.20 -7.12
C LEU A 30 -15.26 7.83 -7.14
N SER A 31 -15.56 6.61 -6.69
CA SER A 31 -16.94 6.12 -6.66
C SER A 31 -17.13 5.12 -5.52
N SER A 32 -18.36 4.64 -5.38
CA SER A 32 -18.68 3.67 -4.33
C SER A 32 -17.72 2.49 -4.37
N SER A 33 -17.26 2.16 -5.56
CA SER A 33 -16.33 1.03 -5.73
C SER A 33 -15.07 1.48 -6.47
N GLU A 34 -14.65 2.72 -6.22
CA GLU A 34 -13.46 3.26 -6.87
C GLU A 34 -12.76 4.26 -5.96
N ILE A 35 -11.43 4.17 -5.89
CA ILE A 35 -10.64 5.05 -5.06
C ILE A 35 -9.21 5.14 -5.56
N SER A 36 -8.75 6.37 -5.83
CA SER A 36 -7.40 6.59 -6.32
C SER A 36 -6.47 7.01 -5.18
N VAL A 37 -5.28 6.42 -5.15
CA VAL A 37 -4.30 6.74 -4.11
C VAL A 37 -3.05 7.38 -4.71
N HIS A 38 -2.87 8.67 -4.43
CA HIS A 38 -1.71 9.39 -4.94
C HIS A 38 -0.67 9.60 -3.85
N TRP A 39 0.60 9.51 -4.22
CA TRP A 39 1.69 9.69 -3.27
C TRP A 39 2.87 10.39 -3.93
N GLU A 40 3.84 10.79 -3.10
CA GLU A 40 5.03 11.48 -3.60
C GLU A 40 6.14 10.49 -3.91
N HIS A 41 7.00 10.85 -4.86
CA HIS A 41 8.12 9.98 -5.24
C HIS A 41 9.28 10.12 -4.24
N VAL A 42 9.79 8.98 -3.80
CA VAL A 42 10.89 8.96 -2.85
C VAL A 42 12.23 9.17 -3.56
N LEU A 43 13.17 9.81 -2.86
CA LEU A 43 14.49 10.08 -3.43
C LEU A 43 15.17 8.78 -3.85
N GLU A 44 14.63 7.66 -3.38
CA GLU A 44 15.19 6.36 -3.72
C GLU A 44 14.52 5.78 -4.96
N LYS A 45 15.33 5.51 -5.99
CA LYS A 45 14.82 4.95 -7.24
C LYS A 45 15.00 3.44 -7.27
N ILE A 46 15.49 2.88 -6.17
CA ILE A 46 15.71 1.44 -6.07
C ILE A 46 14.40 0.70 -5.81
N VAL A 47 13.43 1.41 -5.23
CA VAL A 47 12.14 0.82 -4.94
C VAL A 47 11.56 0.12 -6.16
N GLU A 48 11.46 -1.21 -6.09
CA GLU A 48 10.92 -1.99 -7.19
C GLU A 48 9.57 -1.44 -7.64
N SER A 49 8.68 -1.20 -6.68
CA SER A 49 7.35 -0.68 -6.98
C SER A 49 6.62 -0.27 -5.70
N TYR A 50 5.48 0.38 -5.87
CA TYR A 50 4.69 0.83 -4.72
C TYR A 50 3.48 -0.06 -4.52
N GLN A 51 3.50 -0.86 -3.45
CA GLN A 51 2.40 -1.76 -3.14
C GLN A 51 1.37 -1.07 -2.25
N ILE A 52 0.15 -0.96 -2.75
CA ILE A 52 -0.93 -0.32 -1.99
C ILE A 52 -1.87 -1.37 -1.41
N ARG A 53 -1.73 -1.61 -0.11
CA ARG A 53 -2.57 -2.58 0.58
C ARG A 53 -3.85 -1.93 1.11
N TYR A 54 -4.98 -2.54 0.82
CA TYR A 54 -6.28 -2.02 1.26
C TYR A 54 -7.19 -3.14 1.72
N TRP A 55 -8.04 -2.84 2.71
CA TRP A 55 -8.96 -3.82 3.24
C TRP A 55 -9.98 -3.16 4.17
N ALA A 56 -11.20 -3.72 4.19
CA ALA A 56 -12.26 -3.18 5.04
C ALA A 56 -11.86 -3.22 6.51
N ALA A 57 -12.36 -2.25 7.28
CA ALA A 57 -12.05 -2.18 8.70
C ALA A 57 -12.34 -3.51 9.39
N HIS A 58 -13.31 -4.24 8.86
CA HIS A 58 -13.68 -5.53 9.43
C HIS A 58 -12.71 -6.62 8.96
N ASP A 59 -12.27 -6.53 7.72
CA ASP A 59 -11.35 -7.51 7.16
C ASP A 59 -10.02 -7.50 7.91
N LYS A 60 -9.28 -8.61 7.80
CA LYS A 60 -8.00 -8.72 8.47
C LYS A 60 -6.84 -8.53 7.50
N GLU A 61 -5.64 -8.37 8.03
CA GLU A 61 -4.45 -8.17 7.20
C GLU A 61 -4.17 -9.40 6.35
N GLU A 62 -4.62 -10.56 6.83
CA GLU A 62 -4.42 -11.81 6.11
C GLU A 62 -5.23 -11.85 4.83
N ALA A 63 -6.46 -11.32 4.91
CA ALA A 63 -7.34 -11.28 3.75
C ALA A 63 -7.24 -9.95 3.01
N ALA A 64 -6.35 -9.09 3.49
CA ALA A 64 -6.14 -7.78 2.87
C ALA A 64 -5.54 -7.91 1.48
N ASN A 65 -6.01 -7.08 0.55
CA ASN A 65 -5.52 -7.11 -0.82
C ASN A 65 -4.31 -6.20 -0.97
N ARG A 66 -3.80 -6.10 -2.20
CA ARG A 66 -2.65 -5.27 -2.49
C ARG A 66 -2.50 -5.03 -3.99
N VAL A 67 -2.49 -3.76 -4.40
CA VAL A 67 -2.37 -3.41 -5.80
C VAL A 67 -0.97 -2.87 -6.10
N GLN A 68 -0.29 -3.51 -7.04
CA GLN A 68 1.05 -3.10 -7.42
C GLN A 68 1.03 -2.35 -8.75
N VAL A 69 1.86 -1.31 -8.86
CA VAL A 69 1.94 -0.51 -10.07
C VAL A 69 3.38 -0.13 -10.39
N THR A 70 3.59 0.43 -11.57
CA THR A 70 4.92 0.84 -12.00
C THR A 70 5.43 2.01 -11.15
N SER A 71 6.71 1.97 -10.79
CA SER A 71 7.32 3.01 -9.98
C SER A 71 7.07 4.39 -10.60
N GLN A 72 6.72 4.40 -11.89
CA GLN A 72 6.46 5.64 -12.59
C GLN A 72 5.11 6.21 -12.19
N GLU A 73 4.15 5.34 -11.91
CA GLU A 73 2.81 5.76 -11.52
C GLU A 73 2.83 6.48 -10.17
N TYR A 74 2.76 7.80 -10.22
CA TYR A 74 2.77 8.61 -9.00
C TYR A 74 1.58 8.29 -8.12
N SER A 75 0.59 7.59 -8.69
CA SER A 75 -0.60 7.22 -7.95
C SER A 75 -1.14 5.87 -8.42
N ALA A 76 -2.23 5.42 -7.81
CA ALA A 76 -2.84 4.15 -8.17
C ALA A 76 -4.36 4.24 -8.12
N ARG A 77 -5.02 3.17 -8.55
CA ARG A 77 -6.48 3.13 -8.55
C ARG A 77 -6.99 1.85 -7.90
N LEU A 78 -8.05 1.97 -7.11
CA LEU A 78 -8.64 0.81 -6.44
C LEU A 78 -10.01 0.48 -7.02
N GLU A 79 -10.25 -0.80 -7.28
CA GLU A 79 -11.51 -1.25 -7.82
C GLU A 79 -12.04 -2.47 -7.06
N ASN A 80 -13.34 -2.75 -7.22
CA ASN A 80 -13.96 -3.88 -6.55
C ASN A 80 -14.01 -3.66 -5.04
N LEU A 81 -14.57 -2.53 -4.64
CA LEU A 81 -14.68 -2.20 -3.21
C LEU A 81 -16.13 -2.23 -2.76
N LEU A 82 -16.35 -2.03 -1.46
CA LEU A 82 -17.69 -2.04 -0.91
C LEU A 82 -18.20 -0.62 -0.67
N PRO A 83 -19.50 -0.40 -0.91
CA PRO A 83 -20.12 0.91 -0.73
C PRO A 83 -20.22 1.31 0.74
N ASP A 84 -19.98 2.58 1.01
CA ASP A 84 -20.04 3.09 2.39
C ASP A 84 -19.29 2.17 3.34
N THR A 85 -18.02 1.90 3.04
CA THR A 85 -17.21 1.03 3.87
C THR A 85 -15.81 1.59 4.06
N GLN A 86 -15.33 1.60 5.29
CA GLN A 86 -14.01 2.11 5.60
C GLN A 86 -12.92 1.19 5.06
N TYR A 87 -11.90 1.77 4.45
CA TYR A 87 -10.80 0.99 3.88
C TYR A 87 -9.45 1.60 4.27
N PHE A 88 -8.64 0.82 4.96
CA PHE A 88 -7.31 1.29 5.38
C PHE A 88 -6.30 1.15 4.25
N ILE A 89 -5.96 2.28 3.64
CA ILE A 89 -5.00 2.30 2.55
C ILE A 89 -3.62 2.73 3.03
N GLU A 90 -2.58 2.08 2.51
CA GLU A 90 -1.21 2.40 2.88
C GLU A 90 -0.27 2.26 1.68
N VAL A 91 0.54 3.29 1.46
CA VAL A 91 1.48 3.28 0.34
C VAL A 91 2.92 3.30 0.85
N GLY A 92 3.62 2.18 0.66
CA GLY A 92 5.00 2.09 1.10
C GLY A 92 5.91 1.52 0.03
N ALA A 93 7.00 2.22 -0.24
CA ALA A 93 7.96 1.77 -1.25
C ALA A 93 8.96 0.79 -0.66
N CYS A 94 9.15 -0.33 -1.34
CA CYS A 94 10.08 -1.36 -0.89
C CYS A 94 10.55 -2.23 -2.05
N ASN A 95 11.86 -2.48 -2.11
CA ASN A 95 12.44 -3.29 -3.17
C ASN A 95 12.80 -4.68 -2.66
N SER A 96 12.75 -5.67 -3.55
CA SER A 96 13.08 -7.03 -3.19
C SER A 96 14.43 -7.11 -2.47
N ALA A 97 15.27 -6.10 -2.71
CA ALA A 97 16.59 -6.05 -2.08
C ALA A 97 16.47 -5.80 -0.58
N GLY A 98 16.15 -4.56 -0.23
CA GLY A 98 16.02 -4.21 1.18
C GLY A 98 14.58 -3.92 1.57
N CYS A 99 14.31 -3.91 2.87
CA CYS A 99 12.97 -3.65 3.37
C CYS A 99 12.83 -2.20 3.82
N GLY A 100 11.65 -1.62 3.61
CA GLY A 100 11.41 -0.24 3.99
C GLY A 100 10.13 -0.08 4.79
N PRO A 101 10.12 0.91 5.69
CA PRO A 101 8.96 1.20 6.54
C PRO A 101 7.79 1.76 5.75
N PRO A 102 6.58 1.27 6.04
CA PRO A 102 5.36 1.72 5.37
C PRO A 102 4.97 3.14 5.75
N SER A 103 4.14 3.77 4.92
CA SER A 103 3.70 5.14 5.16
C SER A 103 2.71 5.18 6.32
N ASP A 104 2.19 6.38 6.59
CA ASP A 104 1.22 6.56 7.67
C ASP A 104 -0.13 5.95 7.31
N MET A 105 -0.55 4.96 8.08
CA MET A 105 -1.82 4.30 7.84
C MET A 105 -2.94 5.31 7.62
N ILE A 106 -3.50 5.31 6.40
CA ILE A 106 -4.56 6.23 6.06
C ILE A 106 -5.89 5.50 5.88
N GLU A 107 -6.98 6.15 6.29
CA GLU A 107 -8.30 5.54 6.18
C GLU A 107 -9.16 6.31 5.17
N ALA A 108 -10.09 5.59 4.53
CA ALA A 108 -10.97 6.21 3.55
C ALA A 108 -12.38 5.65 3.66
N PHE A 109 -13.37 6.46 3.29
CA PHE A 109 -14.76 6.05 3.36
C PHE A 109 -15.42 6.18 1.99
N THR A 110 -15.76 5.04 1.38
CA THR A 110 -16.39 5.03 0.08
C THR A 110 -17.75 5.74 0.12
N LYS A 111 -18.31 5.99 -1.06
CA LYS A 111 -19.60 6.66 -1.16
C LYS A 111 -20.74 5.68 -0.93
N LYS A 112 -21.97 6.18 -0.99
CA LYS A 112 -23.16 5.35 -0.79
C LYS A 112 -23.69 4.83 -2.12
N ALA A 113 -23.88 3.52 -2.21
CA ALA A 113 -24.39 2.90 -3.43
C ALA A 113 -25.78 3.42 -3.77
N SER A 114 -25.84 4.52 -4.51
CA SER A 114 -27.12 5.12 -4.89
C SER A 114 -27.89 4.18 -5.80
N GLY A 115 -29.23 4.25 -5.71
CA GLY A 115 -30.07 3.41 -6.54
C GLY A 115 -31.12 4.19 -7.28
N PRO A 116 -31.93 3.49 -8.11
CA PRO A 116 -32.99 4.11 -8.89
C PRO A 116 -34.14 4.60 -8.02
N SER A 117 -34.34 5.92 -7.99
CA SER A 117 -35.41 6.51 -7.19
C SER A 117 -36.72 6.51 -7.97
N SER A 118 -36.71 5.91 -9.15
CA SER A 118 -37.90 5.84 -10.00
C SER A 118 -38.26 4.39 -10.31
N GLY A 119 -39.15 3.82 -9.51
CA GLY A 119 -39.56 2.45 -9.73
C GLY A 119 -41.05 2.25 -9.51
N GLY A 1 27.46 -24.36 35.93
CA GLY A 1 26.74 -23.25 35.33
C GLY A 1 27.57 -21.99 35.25
N SER A 2 28.05 -21.68 34.05
CA SER A 2 28.87 -20.48 33.85
C SER A 2 28.18 -19.50 32.91
N SER A 3 28.70 -18.28 32.85
CA SER A 3 28.13 -17.24 31.99
C SER A 3 28.63 -17.38 30.56
N GLY A 4 27.72 -17.26 29.60
CA GLY A 4 28.09 -17.38 28.21
C GLY A 4 27.92 -16.08 27.45
N SER A 5 28.29 -16.08 26.18
CA SER A 5 28.17 -14.89 25.34
C SER A 5 26.86 -14.88 24.58
N SER A 6 26.55 -13.75 23.94
CA SER A 6 25.31 -13.62 23.18
C SER A 6 25.53 -12.71 21.97
N GLY A 7 24.89 -13.07 20.86
CA GLY A 7 25.02 -12.28 19.64
C GLY A 7 24.30 -12.90 18.47
N VAL A 8 22.98 -12.73 18.41
CA VAL A 8 22.18 -13.28 17.33
C VAL A 8 21.81 -12.21 16.32
N ALA A 9 21.82 -12.57 15.05
CA ALA A 9 21.48 -11.63 13.97
C ALA A 9 21.46 -12.34 12.62
N VAL A 10 20.25 -12.50 12.07
CA VAL A 10 20.09 -13.15 10.78
C VAL A 10 20.81 -12.37 9.68
N ILE A 11 21.77 -13.02 9.03
CA ILE A 11 22.53 -12.40 7.96
C ILE A 11 21.62 -12.03 6.79
N ASN A 12 22.12 -11.16 5.91
CA ASN A 12 21.35 -10.72 4.75
C ASN A 12 22.27 -10.45 3.57
N SER A 13 21.70 -10.43 2.37
CA SER A 13 22.46 -10.19 1.15
C SER A 13 21.61 -9.48 0.10
N ALA A 14 21.98 -8.24 -0.21
CA ALA A 14 21.25 -7.45 -1.20
C ALA A 14 22.10 -6.28 -1.70
N GLN A 15 21.70 -5.73 -2.85
CA GLN A 15 22.43 -4.60 -3.43
C GLN A 15 21.97 -3.28 -2.82
N ASP A 16 20.67 -3.10 -2.71
CA ASP A 16 20.10 -1.89 -2.15
C ASP A 16 18.85 -2.19 -1.32
N ALA A 17 18.38 -1.20 -0.58
CA ALA A 17 17.20 -1.37 0.26
C ALA A 17 16.56 -0.02 0.57
N PRO A 18 15.22 -0.01 0.63
CA PRO A 18 14.46 1.21 0.93
C PRO A 18 14.62 1.67 2.38
N SER A 19 14.96 2.94 2.55
CA SER A 19 15.15 3.50 3.88
C SER A 19 14.08 4.54 4.21
N GLU A 20 13.47 5.10 3.17
CA GLU A 20 12.43 6.10 3.33
C GLU A 20 11.07 5.55 2.89
N ALA A 21 10.01 6.14 3.43
CA ALA A 21 8.65 5.71 3.10
C ALA A 21 7.78 6.90 2.73
N PRO A 22 6.82 6.66 1.82
CA PRO A 22 5.90 7.71 1.36
C PRO A 22 4.91 8.12 2.43
N THR A 23 5.19 9.24 3.09
CA THR A 23 4.32 9.74 4.14
C THR A 23 3.38 10.82 3.61
N GLU A 24 2.39 11.20 4.42
CA GLU A 24 1.43 12.22 4.03
C GLU A 24 0.73 11.84 2.74
N VAL A 25 0.40 10.55 2.61
CA VAL A 25 -0.28 10.05 1.42
C VAL A 25 -1.72 10.56 1.36
N GLY A 26 -2.28 10.57 0.16
CA GLY A 26 -3.65 11.03 -0.02
C GLY A 26 -4.53 9.99 -0.69
N VAL A 27 -5.83 10.07 -0.43
CA VAL A 27 -6.78 9.13 -1.01
C VAL A 27 -8.03 9.84 -1.50
N LYS A 28 -8.36 9.66 -2.77
CA LYS A 28 -9.53 10.29 -3.36
C LYS A 28 -10.60 9.25 -3.69
N VAL A 29 -11.83 9.52 -3.26
CA VAL A 29 -12.94 8.60 -3.51
C VAL A 29 -13.67 8.97 -4.80
N LEU A 30 -13.50 8.14 -5.82
CA LEU A 30 -14.15 8.38 -7.12
C LEU A 30 -15.56 7.80 -7.13
N SER A 31 -15.67 6.54 -6.71
CA SER A 31 -16.97 5.87 -6.68
C SER A 31 -17.02 4.84 -5.55
N SER A 32 -18.18 4.20 -5.39
CA SER A 32 -18.36 3.20 -4.35
C SER A 32 -17.32 2.09 -4.47
N SER A 33 -16.81 1.90 -5.68
CA SER A 33 -15.81 0.87 -5.93
C SER A 33 -14.64 1.43 -6.73
N GLU A 34 -14.29 2.69 -6.46
CA GLU A 34 -13.19 3.35 -7.14
C GLU A 34 -12.56 4.41 -6.25
N ILE A 35 -11.29 4.22 -5.92
CA ILE A 35 -10.56 5.16 -5.07
C ILE A 35 -9.11 5.29 -5.51
N SER A 36 -8.66 6.52 -5.71
CA SER A 36 -7.29 6.78 -6.13
C SER A 36 -6.40 7.07 -4.93
N VAL A 37 -5.16 6.61 -5.00
CA VAL A 37 -4.21 6.81 -3.92
C VAL A 37 -2.96 7.54 -4.41
N HIS A 38 -2.83 8.81 -4.03
CA HIS A 38 -1.68 9.62 -4.44
C HIS A 38 -0.70 9.80 -3.28
N TRP A 39 0.49 9.25 -3.44
CA TRP A 39 1.52 9.35 -2.41
C TRP A 39 2.70 10.19 -2.89
N GLU A 40 3.73 10.29 -2.06
CA GLU A 40 4.92 11.06 -2.41
C GLU A 40 6.09 10.13 -2.75
N HIS A 41 6.65 10.34 -3.94
CA HIS A 41 7.78 9.52 -4.39
C HIS A 41 8.93 9.59 -3.40
N VAL A 42 9.48 8.44 -3.05
CA VAL A 42 10.59 8.37 -2.11
C VAL A 42 11.92 8.60 -2.83
N LEU A 43 12.78 9.42 -2.22
CA LEU A 43 14.09 9.71 -2.79
C LEU A 43 14.78 8.44 -3.25
N GLU A 44 14.38 7.31 -2.69
CA GLU A 44 14.96 6.02 -3.04
C GLU A 44 14.56 5.60 -4.44
N LYS A 45 15.50 5.70 -5.38
CA LYS A 45 15.24 5.33 -6.77
C LYS A 45 15.55 3.85 -7.01
N ILE A 46 15.82 3.13 -5.92
CA ILE A 46 16.13 1.70 -6.02
C ILE A 46 14.87 0.86 -5.88
N VAL A 47 13.82 1.44 -5.30
CA VAL A 47 12.56 0.74 -5.11
C VAL A 47 12.05 0.16 -6.43
N GLU A 48 11.41 -1.00 -6.35
CA GLU A 48 10.88 -1.65 -7.54
C GLU A 48 9.50 -1.11 -7.90
N SER A 49 8.60 -1.09 -6.90
CA SER A 49 7.25 -0.61 -7.10
C SER A 49 6.63 -0.17 -5.78
N TYR A 50 5.37 0.25 -5.84
CA TYR A 50 4.66 0.69 -4.65
C TYR A 50 3.46 -0.20 -4.37
N GLN A 51 3.55 -1.00 -3.30
CA GLN A 51 2.48 -1.89 -2.92
C GLN A 51 1.40 -1.16 -2.11
N ILE A 52 0.25 -0.94 -2.72
CA ILE A 52 -0.85 -0.25 -2.06
C ILE A 52 -1.76 -1.24 -1.34
N ARG A 53 -1.55 -1.37 -0.03
CA ARG A 53 -2.35 -2.28 0.78
C ARG A 53 -3.62 -1.59 1.28
N TYR A 54 -4.75 -2.26 1.12
CA TYR A 54 -6.03 -1.72 1.55
C TYR A 54 -6.94 -2.81 2.09
N TRP A 55 -7.53 -2.56 3.26
CA TRP A 55 -8.42 -3.53 3.88
C TRP A 55 -9.50 -2.83 4.71
N ALA A 56 -10.74 -3.30 4.58
CA ALA A 56 -11.86 -2.72 5.31
C ALA A 56 -11.68 -2.89 6.81
N ALA A 57 -12.10 -1.89 7.58
CA ALA A 57 -12.00 -1.94 9.03
C ALA A 57 -12.45 -3.29 9.56
N HIS A 58 -13.62 -3.74 9.12
CA HIS A 58 -14.16 -5.02 9.56
C HIS A 58 -13.26 -6.17 9.13
N ASP A 59 -12.60 -6.00 7.99
CA ASP A 59 -11.70 -7.03 7.47
C ASP A 59 -10.44 -7.14 8.32
N LYS A 60 -9.62 -8.14 8.04
CA LYS A 60 -8.38 -8.36 8.77
C LYS A 60 -7.17 -8.08 7.89
N GLU A 61 -6.08 -7.65 8.52
CA GLU A 61 -4.85 -7.36 7.79
C GLU A 61 -4.41 -8.56 6.96
N GLU A 62 -4.66 -9.76 7.48
CA GLU A 62 -4.29 -10.99 6.78
C GLU A 62 -4.98 -11.07 5.43
N ALA A 63 -6.21 -10.58 5.36
CA ALA A 63 -6.97 -10.59 4.11
C ALA A 63 -6.86 -9.26 3.38
N ALA A 64 -5.91 -8.44 3.80
CA ALA A 64 -5.71 -7.13 3.19
C ALA A 64 -5.07 -7.28 1.81
N ASN A 65 -5.77 -6.79 0.79
CA ASN A 65 -5.28 -6.87 -0.59
C ASN A 65 -4.15 -5.87 -0.81
N ARG A 66 -3.53 -5.94 -1.99
CA ARG A 66 -2.43 -5.04 -2.33
C ARG A 66 -2.26 -4.96 -3.84
N VAL A 67 -2.10 -3.74 -4.34
CA VAL A 67 -1.91 -3.51 -5.77
C VAL A 67 -0.52 -2.96 -6.07
N GLN A 68 0.19 -3.61 -6.98
CA GLN A 68 1.53 -3.19 -7.36
C GLN A 68 1.51 -2.43 -8.68
N VAL A 69 1.97 -1.19 -8.65
CA VAL A 69 2.02 -0.35 -9.84
C VAL A 69 3.41 0.21 -10.07
N THR A 70 3.78 0.33 -11.34
CA THR A 70 5.10 0.85 -11.70
C THR A 70 5.48 2.04 -10.84
N SER A 71 6.74 2.10 -10.43
CA SER A 71 7.23 3.18 -9.58
C SER A 71 6.99 4.54 -10.25
N GLN A 72 6.93 4.53 -11.58
CA GLN A 72 6.70 5.76 -12.34
C GLN A 72 5.33 6.35 -12.03
N GLU A 73 4.45 5.51 -11.48
CA GLU A 73 3.10 5.95 -11.14
C GLU A 73 3.06 6.62 -9.77
N TYR A 74 2.85 7.92 -9.76
CA TYR A 74 2.79 8.69 -8.51
C TYR A 74 1.60 8.26 -7.67
N SER A 75 0.57 7.73 -8.34
CA SER A 75 -0.64 7.29 -7.65
C SER A 75 -1.20 6.03 -8.28
N ALA A 76 -2.12 5.38 -7.59
CA ALA A 76 -2.74 4.16 -8.09
C ALA A 76 -4.26 4.25 -8.05
N ARG A 77 -4.92 3.17 -8.45
CA ARG A 77 -6.39 3.14 -8.47
C ARG A 77 -6.90 1.82 -7.88
N LEU A 78 -7.90 1.92 -7.01
CA LEU A 78 -8.49 0.73 -6.38
C LEU A 78 -9.84 0.41 -7.00
N GLU A 79 -10.15 -0.87 -7.10
CA GLU A 79 -11.42 -1.32 -7.67
C GLU A 79 -11.95 -2.53 -6.91
N ASN A 80 -13.25 -2.78 -7.06
CA ASN A 80 -13.90 -3.91 -6.39
C ASN A 80 -13.96 -3.68 -4.89
N LEU A 81 -14.47 -2.52 -4.50
CA LEU A 81 -14.60 -2.17 -3.08
C LEU A 81 -16.07 -2.14 -2.66
N LEU A 82 -16.31 -2.28 -1.36
CA LEU A 82 -17.66 -2.25 -0.83
C LEU A 82 -18.14 -0.83 -0.59
N PRO A 83 -19.43 -0.57 -0.85
CA PRO A 83 -20.03 0.75 -0.66
C PRO A 83 -20.14 1.13 0.81
N ASP A 84 -19.96 2.42 1.10
CA ASP A 84 -20.04 2.91 2.47
C ASP A 84 -19.30 1.99 3.43
N THR A 85 -18.05 1.68 3.09
CA THR A 85 -17.23 0.81 3.92
C THR A 85 -15.85 1.41 4.15
N GLN A 86 -15.51 1.65 5.41
CA GLN A 86 -14.21 2.23 5.76
C GLN A 86 -13.08 1.30 5.32
N TYR A 87 -12.09 1.87 4.62
CA TYR A 87 -10.96 1.10 4.14
C TYR A 87 -9.65 1.74 4.56
N PHE A 88 -8.67 0.92 4.93
CA PHE A 88 -7.37 1.41 5.37
C PHE A 88 -6.33 1.24 4.25
N ILE A 89 -6.21 2.26 3.41
CA ILE A 89 -5.26 2.23 2.31
C ILE A 89 -3.87 2.69 2.76
N GLU A 90 -2.84 2.06 2.22
CA GLU A 90 -1.47 2.41 2.56
C GLU A 90 -0.52 2.10 1.41
N VAL A 91 0.42 3.00 1.17
CA VAL A 91 1.39 2.84 0.09
C VAL A 91 2.76 2.47 0.64
N GLY A 92 3.45 1.55 -0.04
CA GLY A 92 4.77 1.13 0.41
C GLY A 92 5.70 0.82 -0.75
N ALA A 93 6.84 1.47 -0.78
CA ALA A 93 7.82 1.25 -1.85
C ALA A 93 8.99 0.39 -1.36
N CYS A 94 9.35 -0.60 -2.16
CA CYS A 94 10.44 -1.50 -1.81
C CYS A 94 10.86 -2.35 -3.01
N ASN A 95 12.11 -2.80 -3.00
CA ASN A 95 12.64 -3.61 -4.10
C ASN A 95 12.88 -5.05 -3.63
N SER A 96 12.98 -5.96 -4.59
CA SER A 96 13.21 -7.37 -4.29
C SER A 96 14.50 -7.55 -3.48
N ALA A 97 15.33 -6.51 -3.47
CA ALA A 97 16.59 -6.55 -2.74
C ALA A 97 16.36 -6.38 -1.24
N GLY A 98 15.97 -5.17 -0.85
CA GLY A 98 15.72 -4.90 0.56
C GLY A 98 14.29 -4.49 0.83
N CYS A 99 13.85 -4.66 2.08
CA CYS A 99 12.49 -4.31 2.46
C CYS A 99 12.46 -2.95 3.16
N GLY A 100 11.30 -2.29 3.10
CA GLY A 100 11.17 -0.99 3.73
C GLY A 100 9.87 -0.85 4.49
N PRO A 101 9.82 0.11 5.43
CA PRO A 101 8.63 0.37 6.24
C PRO A 101 7.48 0.95 5.43
N PRO A 102 6.25 0.54 5.77
CA PRO A 102 5.04 1.01 5.08
C PRO A 102 4.74 2.47 5.39
N SER A 103 3.69 3.00 4.76
CA SER A 103 3.30 4.39 4.96
C SER A 103 2.22 4.50 6.02
N ASP A 104 1.95 5.73 6.46
CA ASP A 104 0.94 5.97 7.48
C ASP A 104 -0.39 5.33 7.09
N MET A 105 -1.08 4.78 8.09
CA MET A 105 -2.37 4.13 7.85
C MET A 105 -3.45 5.16 7.57
N ILE A 106 -3.86 5.27 6.31
CA ILE A 106 -4.89 6.21 5.92
C ILE A 106 -6.26 5.55 5.88
N GLU A 107 -7.30 6.31 6.21
CA GLU A 107 -8.67 5.80 6.20
C GLU A 107 -9.52 6.51 5.16
N ALA A 108 -10.38 5.75 4.49
CA ALA A 108 -11.25 6.30 3.46
C ALA A 108 -12.67 5.75 3.57
N PHE A 109 -13.64 6.55 3.17
CA PHE A 109 -15.05 6.13 3.23
C PHE A 109 -15.69 6.19 1.86
N THR A 110 -15.94 5.01 1.28
CA THR A 110 -16.56 4.92 -0.04
C THR A 110 -17.97 5.48 -0.02
N LYS A 111 -18.50 5.77 -1.21
CA LYS A 111 -19.86 6.31 -1.33
C LYS A 111 -20.89 5.20 -1.21
N LYS A 112 -22.14 5.59 -0.97
CA LYS A 112 -23.23 4.63 -0.83
C LYS A 112 -23.74 4.19 -2.19
N ALA A 113 -23.72 2.88 -2.43
CA ALA A 113 -24.18 2.32 -3.69
C ALA A 113 -25.61 2.75 -4.00
N SER A 114 -25.84 3.19 -5.23
CA SER A 114 -27.17 3.64 -5.65
C SER A 114 -27.59 2.96 -6.95
N GLY A 115 -28.31 1.85 -6.82
CA GLY A 115 -28.76 1.12 -7.99
C GLY A 115 -27.65 0.30 -8.62
N PRO A 116 -27.98 -0.37 -9.74
CA PRO A 116 -27.01 -1.21 -10.47
C PRO A 116 -25.93 -0.40 -11.15
N SER A 117 -24.72 -0.95 -11.20
CA SER A 117 -23.60 -0.27 -11.83
C SER A 117 -23.59 -0.49 -13.33
N SER A 118 -23.78 0.58 -14.09
CA SER A 118 -23.81 0.50 -15.55
C SER A 118 -22.77 1.44 -16.16
N GLY A 119 -21.65 0.86 -16.60
CA GLY A 119 -20.60 1.67 -17.21
C GLY A 119 -19.23 1.31 -16.67
N GLY A 1 12.16 -11.13 25.02
CA GLY A 1 13.01 -12.31 24.95
C GLY A 1 12.51 -13.30 23.91
N SER A 2 13.18 -14.46 23.85
CA SER A 2 12.81 -15.50 22.90
C SER A 2 13.24 -16.87 23.41
N SER A 3 12.65 -17.92 22.82
CA SER A 3 12.98 -19.29 23.21
C SER A 3 13.39 -20.12 22.01
N GLY A 4 14.02 -21.25 22.27
CA GLY A 4 14.46 -22.12 21.19
C GLY A 4 15.93 -21.91 20.84
N SER A 5 16.78 -22.83 21.28
CA SER A 5 18.20 -22.74 21.03
C SER A 5 18.55 -23.34 19.67
N SER A 6 18.37 -22.56 18.61
CA SER A 6 18.66 -23.02 17.26
C SER A 6 19.55 -22.03 16.52
N GLY A 7 20.28 -22.52 15.52
CA GLY A 7 21.16 -21.67 14.75
C GLY A 7 20.69 -21.47 13.33
N VAL A 8 19.93 -20.40 13.10
CA VAL A 8 19.42 -20.10 11.78
C VAL A 8 19.90 -18.74 11.29
N ALA A 9 20.77 -18.75 10.29
CA ALA A 9 21.30 -17.51 9.73
C ALA A 9 21.88 -17.74 8.35
N VAL A 10 21.43 -16.95 7.38
CA VAL A 10 21.91 -17.07 6.01
C VAL A 10 22.95 -15.99 5.69
N ILE A 11 24.07 -16.41 5.12
CA ILE A 11 25.13 -15.48 4.76
C ILE A 11 24.68 -14.51 3.69
N ASN A 12 23.55 -14.81 3.07
CA ASN A 12 23.00 -13.96 2.01
C ASN A 12 22.70 -12.56 2.54
N SER A 13 23.38 -11.57 2.00
CA SER A 13 23.19 -10.19 2.42
C SER A 13 22.47 -9.39 1.33
N ALA A 14 21.99 -8.19 1.70
CA ALA A 14 21.29 -7.33 0.75
C ALA A 14 22.25 -6.32 0.12
N GLN A 15 21.86 -5.81 -1.05
CA GLN A 15 22.69 -4.83 -1.75
C GLN A 15 22.28 -3.41 -1.39
N ASP A 16 20.99 -3.14 -1.43
CA ASP A 16 20.47 -1.82 -1.10
C ASP A 16 19.05 -1.90 -0.56
N ALA A 17 18.69 -0.97 0.32
CA ALA A 17 17.36 -0.94 0.91
C ALA A 17 16.88 0.50 1.11
N PRO A 18 15.57 0.72 0.92
CA PRO A 18 14.96 2.04 1.08
C PRO A 18 14.92 2.49 2.54
N SER A 19 15.16 3.78 2.76
CA SER A 19 15.15 4.33 4.11
C SER A 19 14.15 5.46 4.23
N GLU A 20 13.73 6.00 3.08
CA GLU A 20 12.76 7.09 3.06
C GLU A 20 11.37 6.58 2.70
N ALA A 21 10.35 7.21 3.28
CA ALA A 21 8.97 6.82 3.02
C ALA A 21 8.24 7.88 2.20
N PRO A 22 7.28 7.44 1.38
CA PRO A 22 6.50 8.33 0.53
C PRO A 22 5.54 9.22 1.33
N THR A 23 5.96 10.45 1.59
CA THR A 23 5.14 11.38 2.36
C THR A 23 4.18 12.13 1.45
N GLU A 24 3.30 12.93 2.05
CA GLU A 24 2.33 13.69 1.30
C GLU A 24 1.43 12.77 0.46
N VAL A 25 1.11 11.61 1.02
CA VAL A 25 0.27 10.65 0.32
C VAL A 25 -1.19 10.78 0.73
N GLY A 26 -2.06 10.93 -0.25
CA GLY A 26 -3.48 11.08 0.02
C GLY A 26 -4.34 10.15 -0.82
N VAL A 27 -5.59 9.98 -0.42
CA VAL A 27 -6.51 9.11 -1.14
C VAL A 27 -7.78 9.86 -1.52
N LYS A 28 -8.13 9.81 -2.80
CA LYS A 28 -9.32 10.48 -3.30
C LYS A 28 -10.42 9.47 -3.63
N VAL A 29 -11.60 9.67 -3.06
CA VAL A 29 -12.72 8.77 -3.30
C VAL A 29 -13.41 9.09 -4.62
N LEU A 30 -13.42 8.11 -5.53
CA LEU A 30 -14.04 8.28 -6.83
C LEU A 30 -15.50 7.82 -6.82
N SER A 31 -15.69 6.55 -6.49
CA SER A 31 -17.04 5.97 -6.44
C SER A 31 -17.15 4.97 -5.31
N SER A 32 -18.34 4.39 -5.15
CA SER A 32 -18.59 3.42 -4.10
C SER A 32 -17.56 2.29 -4.15
N SER A 33 -17.21 1.86 -5.36
CA SER A 33 -16.25 0.79 -5.56
C SER A 33 -15.03 1.28 -6.34
N GLU A 34 -14.63 2.53 -6.08
CA GLU A 34 -13.49 3.12 -6.76
C GLU A 34 -12.78 4.13 -5.86
N ILE A 35 -11.46 3.96 -5.72
CA ILE A 35 -10.68 4.86 -4.89
C ILE A 35 -9.27 5.04 -5.45
N SER A 36 -8.81 6.28 -5.50
CA SER A 36 -7.49 6.59 -6.03
C SER A 36 -6.53 6.93 -4.90
N VAL A 37 -5.26 6.60 -5.09
CA VAL A 37 -4.23 6.87 -4.09
C VAL A 37 -3.02 7.57 -4.71
N HIS A 38 -2.77 8.80 -4.28
CA HIS A 38 -1.65 9.57 -4.79
C HIS A 38 -0.52 9.65 -3.76
N TRP A 39 0.71 9.67 -4.25
CA TRP A 39 1.87 9.75 -3.37
C TRP A 39 3.04 10.45 -4.07
N GLU A 40 4.11 10.70 -3.31
CA GLU A 40 5.29 11.36 -3.86
C GLU A 40 6.43 10.37 -4.03
N HIS A 41 7.01 10.35 -5.23
CA HIS A 41 8.12 9.45 -5.53
C HIS A 41 9.28 9.67 -4.56
N VAL A 42 9.73 8.60 -3.94
CA VAL A 42 10.84 8.66 -2.98
C VAL A 42 12.16 8.96 -3.70
N LEU A 43 13.20 9.20 -2.91
CA LEU A 43 14.53 9.49 -3.46
C LEU A 43 15.26 8.20 -3.82
N GLU A 44 14.82 7.09 -3.25
CA GLU A 44 15.43 5.79 -3.51
C GLU A 44 15.06 5.29 -4.90
N LYS A 45 16.05 5.19 -5.78
CA LYS A 45 15.82 4.72 -7.14
C LYS A 45 15.90 3.20 -7.21
N ILE A 46 16.06 2.56 -6.05
CA ILE A 46 16.15 1.11 -5.98
C ILE A 46 14.79 0.49 -5.74
N VAL A 47 13.83 1.31 -5.31
CA VAL A 47 12.48 0.84 -5.04
C VAL A 47 11.88 0.16 -6.26
N GLU A 48 11.57 -1.12 -6.14
CA GLU A 48 10.99 -1.88 -7.24
C GLU A 48 9.64 -1.31 -7.65
N SER A 49 8.75 -1.16 -6.68
CA SER A 49 7.41 -0.63 -6.93
C SER A 49 6.71 -0.25 -5.63
N TYR A 50 5.56 0.40 -5.74
CA TYR A 50 4.79 0.81 -4.57
C TYR A 50 3.60 -0.11 -4.35
N GLN A 51 3.56 -0.75 -3.18
CA GLN A 51 2.47 -1.66 -2.84
C GLN A 51 1.37 -0.92 -2.09
N ILE A 52 0.20 -0.83 -2.70
CA ILE A 52 -0.94 -0.16 -2.10
C ILE A 52 -1.93 -1.16 -1.51
N ARG A 53 -1.72 -1.52 -0.25
CA ARG A 53 -2.59 -2.47 0.43
C ARG A 53 -3.84 -1.79 0.95
N TYR A 54 -5.00 -2.36 0.60
CA TYR A 54 -6.28 -1.79 1.03
C TYR A 54 -7.19 -2.88 1.59
N TRP A 55 -7.93 -2.54 2.64
CA TRP A 55 -8.84 -3.49 3.27
C TRP A 55 -9.86 -2.77 4.15
N ALA A 56 -11.11 -3.20 4.08
CA ALA A 56 -12.18 -2.60 4.86
C ALA A 56 -11.89 -2.72 6.36
N ALA A 57 -12.22 -1.67 7.11
CA ALA A 57 -12.00 -1.67 8.56
C ALA A 57 -12.51 -2.95 9.20
N HIS A 58 -13.69 -3.39 8.76
CA HIS A 58 -14.29 -4.61 9.29
C HIS A 58 -13.52 -5.84 8.82
N ASP A 59 -12.76 -5.69 7.74
CA ASP A 59 -11.98 -6.79 7.20
C ASP A 59 -10.64 -6.92 7.91
N LYS A 60 -10.01 -8.07 7.76
CA LYS A 60 -8.72 -8.32 8.39
C LYS A 60 -7.56 -8.05 7.42
N GLU A 61 -6.42 -7.67 7.97
CA GLU A 61 -5.24 -7.38 7.14
C GLU A 61 -4.77 -8.62 6.40
N GLU A 62 -5.14 -9.79 6.93
CA GLU A 62 -4.75 -11.06 6.33
C GLU A 62 -5.45 -11.26 4.98
N ALA A 63 -6.63 -10.67 4.85
CA ALA A 63 -7.41 -10.79 3.61
C ALA A 63 -7.34 -9.49 2.80
N ALA A 64 -6.42 -8.61 3.19
CA ALA A 64 -6.25 -7.34 2.49
C ALA A 64 -5.67 -7.56 1.10
N ASN A 65 -6.23 -6.86 0.11
CA ASN A 65 -5.77 -6.97 -1.26
C ASN A 65 -4.51 -6.15 -1.48
N ARG A 66 -3.68 -6.59 -2.42
CA ARG A 66 -2.43 -5.91 -2.72
C ARG A 66 -2.38 -5.48 -4.19
N VAL A 67 -1.94 -4.25 -4.44
CA VAL A 67 -1.86 -3.72 -5.79
C VAL A 67 -0.50 -3.07 -6.04
N GLN A 68 0.23 -3.60 -7.02
CA GLN A 68 1.54 -3.08 -7.36
C GLN A 68 1.51 -2.35 -8.70
N VAL A 69 2.17 -1.19 -8.75
CA VAL A 69 2.21 -0.39 -9.96
C VAL A 69 3.59 0.22 -10.18
N THR A 70 4.03 0.24 -11.43
CA THR A 70 5.35 0.79 -11.76
C THR A 70 5.68 2.00 -10.90
N SER A 71 6.91 2.06 -10.42
CA SER A 71 7.35 3.17 -9.57
C SER A 71 7.14 4.50 -10.27
N GLN A 72 6.95 4.46 -11.59
CA GLN A 72 6.74 5.67 -12.37
C GLN A 72 5.36 6.27 -12.09
N GLU A 73 4.43 5.41 -11.66
CA GLU A 73 3.07 5.86 -11.37
C GLU A 73 3.03 6.63 -10.05
N TYR A 74 2.68 7.91 -10.13
CA TYR A 74 2.60 8.76 -8.94
C TYR A 74 1.31 8.50 -8.17
N SER A 75 0.52 7.54 -8.64
CA SER A 75 -0.73 7.20 -8.00
C SER A 75 -1.22 5.83 -8.46
N ALA A 76 -2.35 5.39 -7.90
CA ALA A 76 -2.92 4.09 -8.25
C ALA A 76 -4.44 4.16 -8.26
N ARG A 77 -5.07 3.03 -8.60
CA ARG A 77 -6.53 2.96 -8.66
C ARG A 77 -7.03 1.69 -7.97
N LEU A 78 -8.07 1.83 -7.17
CA LEU A 78 -8.65 0.70 -6.46
C LEU A 78 -10.08 0.43 -6.93
N GLU A 79 -10.49 -0.84 -6.87
CA GLU A 79 -11.83 -1.22 -7.29
C GLU A 79 -12.36 -2.37 -6.44
N ASN A 80 -13.62 -2.72 -6.64
CA ASN A 80 -14.25 -3.80 -5.89
C ASN A 80 -14.30 -3.47 -4.40
N LEU A 81 -14.74 -2.25 -4.09
CA LEU A 81 -14.83 -1.81 -2.70
C LEU A 81 -16.30 -1.67 -2.27
N LEU A 82 -16.55 -1.90 -1.00
CA LEU A 82 -17.91 -1.79 -0.46
C LEU A 82 -18.32 -0.33 -0.28
N PRO A 83 -19.60 -0.04 -0.51
CA PRO A 83 -20.14 1.31 -0.38
C PRO A 83 -20.21 1.77 1.07
N ASP A 84 -19.96 3.06 1.29
CA ASP A 84 -20.00 3.62 2.63
C ASP A 84 -19.29 2.70 3.63
N THR A 85 -18.15 2.16 3.22
CA THR A 85 -17.39 1.26 4.06
C THR A 85 -15.94 1.73 4.20
N GLN A 86 -15.52 1.99 5.43
CA GLN A 86 -14.16 2.44 5.69
C GLN A 86 -13.14 1.46 5.15
N TYR A 87 -12.14 1.97 4.45
CA TYR A 87 -11.09 1.13 3.88
C TYR A 87 -9.70 1.68 4.20
N PHE A 88 -8.93 0.90 4.95
CA PHE A 88 -7.59 1.30 5.34
C PHE A 88 -6.60 1.06 4.20
N ILE A 89 -5.99 2.14 3.71
CA ILE A 89 -5.03 2.05 2.62
C ILE A 89 -3.62 2.36 3.11
N GLU A 90 -2.64 1.64 2.57
CA GLU A 90 -1.25 1.84 2.96
C GLU A 90 -0.35 1.88 1.73
N VAL A 91 0.33 3.00 1.53
CA VAL A 91 1.23 3.17 0.40
C VAL A 91 2.68 3.28 0.86
N GLY A 92 3.47 2.24 0.54
CA GLY A 92 4.86 2.24 0.93
C GLY A 92 5.75 1.58 -0.12
N ALA A 93 6.83 2.25 -0.47
CA ALA A 93 7.77 1.73 -1.47
C ALA A 93 8.65 0.63 -0.87
N CYS A 94 9.17 -0.24 -1.73
CA CYS A 94 10.02 -1.33 -1.29
C CYS A 94 10.61 -2.08 -2.48
N ASN A 95 11.87 -2.49 -2.34
CA ASN A 95 12.55 -3.21 -3.41
C ASN A 95 12.78 -4.67 -3.03
N SER A 96 13.24 -5.47 -3.98
CA SER A 96 13.49 -6.88 -3.74
C SER A 96 14.62 -7.07 -2.74
N ALA A 97 15.63 -6.20 -2.81
CA ALA A 97 16.77 -6.25 -1.91
C ALA A 97 16.31 -6.20 -0.46
N GLY A 98 15.92 -5.01 0.00
CA GLY A 98 15.47 -4.86 1.37
C GLY A 98 14.04 -4.37 1.45
N CYS A 99 13.43 -4.52 2.63
CA CYS A 99 12.05 -4.10 2.84
C CYS A 99 12.01 -2.72 3.51
N GLY A 100 11.22 -1.82 2.94
CA GLY A 100 11.09 -0.49 3.50
C GLY A 100 9.87 -0.33 4.39
N PRO A 101 9.92 0.65 5.30
CA PRO A 101 8.83 0.92 6.23
C PRO A 101 7.61 1.50 5.54
N PRO A 102 6.41 1.04 5.94
CA PRO A 102 5.15 1.51 5.36
C PRO A 102 4.83 2.94 5.75
N SER A 103 4.05 3.62 4.91
CA SER A 103 3.67 5.00 5.17
C SER A 103 2.58 5.09 6.23
N ASP A 104 2.14 6.31 6.50
CA ASP A 104 1.09 6.52 7.51
C ASP A 104 -0.18 5.76 7.14
N MET A 105 -0.87 5.25 8.16
CA MET A 105 -2.09 4.50 7.94
C MET A 105 -3.25 5.43 7.60
N ILE A 106 -3.53 5.55 6.30
CA ILE A 106 -4.62 6.42 5.84
C ILE A 106 -5.91 5.63 5.67
N GLU A 107 -7.03 6.23 6.09
CA GLU A 107 -8.33 5.59 5.99
C GLU A 107 -9.21 6.31 4.97
N ALA A 108 -10.00 5.53 4.22
CA ALA A 108 -10.89 6.10 3.22
C ALA A 108 -12.34 5.69 3.48
N PHE A 109 -13.26 6.51 3.00
CA PHE A 109 -14.69 6.24 3.19
C PHE A 109 -15.44 6.37 1.87
N THR A 110 -15.92 5.24 1.35
CA THR A 110 -16.65 5.22 0.10
C THR A 110 -18.01 5.90 0.24
N LYS A 111 -18.74 6.00 -0.86
CA LYS A 111 -20.06 6.63 -0.85
C LYS A 111 -21.16 5.56 -0.81
N LYS A 112 -22.39 6.01 -0.57
CA LYS A 112 -23.53 5.10 -0.51
C LYS A 112 -23.90 4.60 -1.89
N ALA A 113 -24.11 3.29 -2.01
CA ALA A 113 -24.47 2.68 -3.27
C ALA A 113 -25.93 2.98 -3.63
N SER A 114 -26.15 3.88 -4.57
CA SER A 114 -27.49 4.25 -5.00
C SER A 114 -27.77 3.75 -6.41
N GLY A 115 -27.08 4.34 -7.39
CA GLY A 115 -27.27 3.94 -8.77
C GLY A 115 -26.94 5.06 -9.73
N PRO A 116 -27.49 4.97 -10.96
CA PRO A 116 -27.26 5.97 -12.00
C PRO A 116 -27.95 7.30 -11.69
N SER A 117 -27.18 8.22 -11.08
CA SER A 117 -27.72 9.53 -10.72
C SER A 117 -26.63 10.59 -10.81
N SER A 118 -26.99 11.84 -10.52
CA SER A 118 -26.06 12.94 -10.56
C SER A 118 -26.25 13.88 -9.38
N GLY A 119 -25.16 14.46 -8.89
CA GLY A 119 -25.24 15.36 -7.76
C GLY A 119 -23.87 15.77 -7.25
N GLY A 1 21.57 -18.07 26.89
CA GLY A 1 22.80 -18.63 26.37
C GLY A 1 22.57 -19.49 25.14
N SER A 2 22.77 -20.80 25.29
CA SER A 2 22.60 -21.73 24.18
C SER A 2 21.19 -21.62 23.61
N SER A 3 20.19 -21.95 24.43
CA SER A 3 18.80 -21.89 24.00
C SER A 3 18.48 -20.55 23.36
N GLY A 4 17.73 -20.59 22.26
CA GLY A 4 17.37 -19.37 21.56
C GLY A 4 18.58 -18.60 21.06
N SER A 5 18.35 -17.41 20.56
CA SER A 5 19.43 -16.57 20.05
C SER A 5 19.08 -15.08 20.18
N SER A 6 19.97 -14.22 19.70
CA SER A 6 19.77 -12.79 19.76
C SER A 6 19.38 -12.23 18.40
N GLY A 7 18.97 -13.13 17.50
CA GLY A 7 18.57 -12.71 16.16
C GLY A 7 19.73 -12.71 15.19
N VAL A 8 20.37 -13.87 15.03
CA VAL A 8 21.50 -14.00 14.13
C VAL A 8 21.07 -14.63 12.81
N ALA A 9 21.65 -14.14 11.71
CA ALA A 9 21.33 -14.65 10.39
C ALA A 9 22.34 -14.17 9.35
N VAL A 10 22.50 -14.95 8.28
CA VAL A 10 23.44 -14.60 7.22
C VAL A 10 22.98 -13.36 6.47
N ILE A 11 23.91 -12.45 6.21
CA ILE A 11 23.60 -11.23 5.49
C ILE A 11 22.59 -11.49 4.37
N ASN A 12 21.80 -10.47 4.03
CA ASN A 12 20.80 -10.58 2.99
C ASN A 12 21.33 -10.02 1.67
N SER A 13 21.49 -10.91 0.68
CA SER A 13 21.99 -10.51 -0.62
C SER A 13 21.01 -9.56 -1.31
N ALA A 14 21.39 -8.29 -1.41
CA ALA A 14 20.56 -7.28 -2.04
C ALA A 14 21.38 -6.06 -2.43
N GLN A 15 21.11 -5.53 -3.62
CA GLN A 15 21.82 -4.34 -4.10
C GLN A 15 21.62 -3.16 -3.16
N ASP A 16 20.38 -2.94 -2.76
CA ASP A 16 20.06 -1.84 -1.85
C ASP A 16 18.68 -2.05 -1.21
N ALA A 17 18.38 -1.25 -0.20
CA ALA A 17 17.10 -1.34 0.50
C ALA A 17 16.54 0.05 0.80
N PRO A 18 15.21 0.17 0.73
CA PRO A 18 14.51 1.44 0.99
C PRO A 18 14.56 1.83 2.46
N SER A 19 15.06 3.03 2.73
CA SER A 19 15.16 3.53 4.09
C SER A 19 14.23 4.72 4.32
N GLU A 20 13.52 5.11 3.26
CA GLU A 20 12.60 6.24 3.34
C GLU A 20 11.16 5.79 3.08
N ALA A 21 10.22 6.72 3.25
CA ALA A 21 8.81 6.41 3.03
C ALA A 21 8.13 7.53 2.26
N PRO A 22 7.11 7.18 1.46
CA PRO A 22 6.36 8.13 0.66
C PRO A 22 5.48 9.04 1.51
N THR A 23 5.91 10.30 1.66
CA THR A 23 5.17 11.27 2.46
C THR A 23 4.08 11.93 1.63
N GLU A 24 3.31 12.82 2.27
CA GLU A 24 2.23 13.53 1.59
C GLU A 24 1.37 12.56 0.79
N VAL A 25 0.96 11.46 1.43
CA VAL A 25 0.14 10.45 0.78
C VAL A 25 -1.33 10.66 1.10
N GLY A 26 -2.18 10.54 0.08
CA GLY A 26 -3.61 10.72 0.28
C GLY A 26 -4.44 9.82 -0.63
N VAL A 27 -5.71 9.69 -0.30
CA VAL A 27 -6.62 8.85 -1.09
C VAL A 27 -7.86 9.62 -1.50
N LYS A 28 -8.11 9.67 -2.81
CA LYS A 28 -9.27 10.38 -3.34
C LYS A 28 -10.39 9.40 -3.70
N VAL A 29 -11.57 9.63 -3.15
CA VAL A 29 -12.72 8.77 -3.41
C VAL A 29 -13.38 9.12 -4.74
N LEU A 30 -13.38 8.18 -5.67
CA LEU A 30 -13.98 8.39 -6.98
C LEU A 30 -15.43 7.93 -7.00
N SER A 31 -15.67 6.70 -6.53
CA SER A 31 -17.01 6.14 -6.49
C SER A 31 -17.14 5.10 -5.38
N SER A 32 -18.34 4.58 -5.20
CA SER A 32 -18.60 3.58 -4.17
C SER A 32 -17.62 2.41 -4.29
N SER A 33 -17.21 2.13 -5.52
CA SER A 33 -16.28 1.03 -5.78
C SER A 33 -15.06 1.53 -6.55
N GLU A 34 -14.66 2.77 -6.29
CA GLU A 34 -13.51 3.36 -6.96
C GLU A 34 -12.78 4.33 -6.03
N ILE A 35 -11.46 4.22 -5.98
CA ILE A 35 -10.65 5.08 -5.14
C ILE A 35 -9.21 5.16 -5.65
N SER A 36 -8.71 6.38 -5.80
CA SER A 36 -7.35 6.60 -6.29
C SER A 36 -6.40 6.88 -5.12
N VAL A 37 -5.21 6.30 -5.20
CA VAL A 37 -4.21 6.49 -4.16
C VAL A 37 -3.01 7.28 -4.68
N HIS A 38 -2.99 8.57 -4.38
CA HIS A 38 -1.90 9.44 -4.83
C HIS A 38 -0.83 9.56 -3.74
N TRP A 39 0.42 9.62 -4.17
CA TRP A 39 1.54 9.74 -3.24
C TRP A 39 2.71 10.48 -3.88
N GLU A 40 3.70 10.82 -3.06
CA GLU A 40 4.88 11.53 -3.55
C GLU A 40 6.06 10.59 -3.73
N HIS A 41 6.78 10.75 -4.83
CA HIS A 41 7.93 9.90 -5.12
C HIS A 41 8.97 9.99 -4.00
N VAL A 42 9.56 8.86 -3.65
CA VAL A 42 10.56 8.80 -2.60
C VAL A 42 11.93 9.23 -3.11
N LEU A 43 12.70 9.89 -2.26
CA LEU A 43 14.04 10.35 -2.63
C LEU A 43 14.87 9.21 -3.21
N GLU A 44 14.49 7.97 -2.87
CA GLU A 44 15.21 6.80 -3.36
C GLU A 44 14.59 6.27 -4.64
N LYS A 45 15.41 6.12 -5.68
CA LYS A 45 14.95 5.63 -6.96
C LYS A 45 15.25 4.14 -7.13
N ILE A 46 15.69 3.52 -6.04
CA ILE A 46 16.01 2.10 -6.06
C ILE A 46 14.75 1.24 -5.99
N VAL A 47 13.69 1.81 -5.42
CA VAL A 47 12.42 1.10 -5.30
C VAL A 47 11.98 0.51 -6.64
N GLU A 48 11.08 -0.46 -6.59
CA GLU A 48 10.57 -1.10 -7.80
C GLU A 48 9.14 -0.67 -8.08
N SER A 49 8.27 -0.86 -7.10
CA SER A 49 6.86 -0.50 -7.24
C SER A 49 6.27 -0.08 -5.90
N TYR A 50 5.13 0.61 -5.95
CA TYR A 50 4.47 1.07 -4.74
C TYR A 50 3.31 0.14 -4.37
N GLN A 51 3.52 -0.66 -3.31
CA GLN A 51 2.51 -1.59 -2.85
C GLN A 51 1.43 -0.87 -2.03
N ILE A 52 0.18 -0.97 -2.47
CA ILE A 52 -0.93 -0.33 -1.78
C ILE A 52 -1.85 -1.37 -1.16
N ARG A 53 -1.66 -1.61 0.14
CA ARG A 53 -2.48 -2.58 0.86
C ARG A 53 -3.74 -1.92 1.42
N TYR A 54 -4.90 -2.39 0.95
CA TYR A 54 -6.17 -1.84 1.41
C TYR A 54 -7.10 -2.95 1.91
N TRP A 55 -7.92 -2.61 2.90
CA TRP A 55 -8.86 -3.58 3.46
C TRP A 55 -9.89 -2.89 4.34
N ALA A 56 -11.08 -3.47 4.43
CA ALA A 56 -12.15 -2.90 5.24
C ALA A 56 -11.77 -2.91 6.72
N ALA A 57 -12.22 -1.87 7.43
CA ALA A 57 -11.93 -1.75 8.86
C ALA A 57 -12.25 -3.05 9.59
N HIS A 58 -13.24 -3.79 9.08
CA HIS A 58 -13.65 -5.04 9.69
C HIS A 58 -12.71 -6.18 9.29
N ASP A 59 -12.30 -6.18 8.02
CA ASP A 59 -11.41 -7.20 7.51
C ASP A 59 -10.06 -7.16 8.23
N LYS A 60 -9.38 -8.30 8.25
CA LYS A 60 -8.07 -8.39 8.91
C LYS A 60 -6.96 -7.96 7.96
N GLU A 61 -5.74 -7.84 8.51
CA GLU A 61 -4.59 -7.44 7.70
C GLU A 61 -4.06 -8.61 6.88
N GLU A 62 -4.56 -9.81 7.18
CA GLU A 62 -4.13 -11.01 6.47
C GLU A 62 -4.92 -11.18 5.17
N ALA A 63 -6.17 -10.74 5.17
CA ALA A 63 -7.02 -10.83 4.00
C ALA A 63 -6.92 -9.58 3.14
N ALA A 64 -6.14 -8.61 3.62
CA ALA A 64 -5.96 -7.35 2.90
C ALA A 64 -5.26 -7.58 1.56
N ASN A 65 -5.80 -6.96 0.52
CA ASN A 65 -5.22 -7.09 -0.82
C ASN A 65 -4.04 -6.16 -1.00
N ARG A 66 -3.48 -6.13 -2.20
CA ARG A 66 -2.33 -5.28 -2.51
C ARG A 66 -2.18 -5.09 -4.02
N VAL A 67 -2.06 -3.83 -4.43
CA VAL A 67 -1.91 -3.50 -5.85
C VAL A 67 -0.64 -2.68 -6.08
N GLN A 68 0.42 -3.34 -6.51
CA GLN A 68 1.68 -2.66 -6.78
C GLN A 68 1.78 -2.25 -8.25
N VAL A 69 2.22 -1.02 -8.49
CA VAL A 69 2.36 -0.51 -9.85
C VAL A 69 3.78 0.00 -10.10
N THR A 70 4.10 0.23 -11.37
CA THR A 70 5.42 0.72 -11.75
C THR A 70 5.70 2.08 -11.12
N SER A 71 6.98 2.39 -10.94
CA SER A 71 7.38 3.66 -10.34
C SER A 71 6.89 4.83 -11.19
N GLN A 72 6.71 4.59 -12.48
CA GLN A 72 6.24 5.62 -13.41
C GLN A 72 4.89 6.16 -12.97
N GLU A 73 4.15 5.36 -12.21
CA GLU A 73 2.83 5.76 -11.74
C GLU A 73 2.93 6.44 -10.38
N TYR A 74 2.54 7.71 -10.33
CA TYR A 74 2.59 8.48 -9.09
C TYR A 74 1.39 8.15 -8.21
N SER A 75 0.36 7.57 -8.82
CA SER A 75 -0.85 7.21 -8.07
C SER A 75 -1.40 5.87 -8.56
N ALA A 76 -2.29 5.29 -7.75
CA ALA A 76 -2.88 4.00 -8.10
C ALA A 76 -4.40 4.09 -8.11
N ARG A 77 -5.06 3.01 -8.55
CA ARG A 77 -6.51 2.97 -8.61
C ARG A 77 -7.05 1.74 -7.90
N LEU A 78 -8.14 1.92 -7.17
CA LEU A 78 -8.77 0.82 -6.43
C LEU A 78 -10.16 0.53 -6.97
N GLU A 79 -10.48 -0.76 -7.10
CA GLU A 79 -11.79 -1.17 -7.60
C GLU A 79 -12.31 -2.37 -6.83
N ASN A 80 -13.62 -2.61 -6.92
CA ASN A 80 -14.24 -3.72 -6.23
C ASN A 80 -14.29 -3.47 -4.72
N LEU A 81 -14.64 -2.24 -4.34
CA LEU A 81 -14.72 -1.87 -2.93
C LEU A 81 -16.17 -1.81 -2.47
N LEU A 82 -16.39 -2.06 -1.18
CA LEU A 82 -17.73 -2.03 -0.61
C LEU A 82 -18.22 -0.59 -0.46
N PRO A 83 -19.52 -0.38 -0.67
CA PRO A 83 -20.14 0.94 -0.55
C PRO A 83 -20.21 1.43 0.90
N ASP A 84 -20.17 2.74 1.08
CA ASP A 84 -20.22 3.33 2.41
C ASP A 84 -19.46 2.48 3.41
N THR A 85 -18.22 2.13 3.06
CA THR A 85 -17.38 1.32 3.93
C THR A 85 -15.96 1.86 3.98
N GLN A 86 -15.43 2.00 5.19
CA GLN A 86 -14.07 2.50 5.38
C GLN A 86 -13.05 1.48 4.91
N TYR A 87 -11.96 1.97 4.32
CA TYR A 87 -10.89 1.11 3.83
C TYR A 87 -9.52 1.65 4.20
N PHE A 88 -8.81 0.92 5.03
CA PHE A 88 -7.47 1.33 5.48
C PHE A 88 -6.45 1.09 4.37
N ILE A 89 -6.09 2.16 3.67
CA ILE A 89 -5.12 2.07 2.59
C ILE A 89 -3.72 2.40 3.08
N GLU A 90 -2.73 1.64 2.61
CA GLU A 90 -1.35 1.86 3.00
C GLU A 90 -0.41 1.74 1.80
N VAL A 91 0.30 2.82 1.51
CA VAL A 91 1.23 2.85 0.38
C VAL A 91 2.68 2.88 0.87
N GLY A 92 3.43 1.85 0.53
CA GLY A 92 4.83 1.78 0.94
C GLY A 92 5.73 1.31 -0.18
N ALA A 93 6.72 2.14 -0.52
CA ALA A 93 7.66 1.81 -1.58
C ALA A 93 8.63 0.71 -1.15
N CYS A 94 8.88 -0.24 -2.04
CA CYS A 94 9.79 -1.34 -1.74
C CYS A 94 10.15 -2.10 -3.02
N ASN A 95 11.41 -2.48 -3.12
CA ASN A 95 11.90 -3.21 -4.29
C ASN A 95 12.04 -4.70 -3.98
N SER A 96 12.37 -5.49 -5.00
CA SER A 96 12.53 -6.92 -4.84
C SER A 96 13.76 -7.23 -3.98
N ALA A 97 14.65 -6.27 -3.88
CA ALA A 97 15.88 -6.43 -3.09
C ALA A 97 15.56 -6.44 -1.60
N GLY A 98 15.28 -5.27 -1.05
CA GLY A 98 14.97 -5.16 0.36
C GLY A 98 13.58 -4.60 0.61
N CYS A 99 13.06 -4.83 1.81
CA CYS A 99 11.73 -4.36 2.18
C CYS A 99 11.82 -3.05 2.95
N GLY A 100 10.81 -2.19 2.78
CA GLY A 100 10.80 -0.91 3.47
C GLY A 100 9.60 -0.78 4.39
N PRO A 101 9.67 0.21 5.30
CA PRO A 101 8.60 0.46 6.27
C PRO A 101 7.35 1.05 5.62
N PRO A 102 6.18 0.58 6.06
CA PRO A 102 4.89 1.05 5.53
C PRO A 102 4.58 2.48 5.92
N SER A 103 3.79 3.16 5.09
CA SER A 103 3.42 4.55 5.35
C SER A 103 2.39 4.64 6.45
N ASP A 104 2.02 5.86 6.82
CA ASP A 104 1.04 6.09 7.87
C ASP A 104 -0.26 5.35 7.57
N MET A 105 -1.02 5.06 8.62
CA MET A 105 -2.28 4.35 8.47
C MET A 105 -3.39 5.30 7.99
N ILE A 106 -3.63 5.32 6.68
CA ILE A 106 -4.65 6.18 6.11
C ILE A 106 -5.96 5.42 5.93
N GLU A 107 -7.08 6.12 6.17
CA GLU A 107 -8.39 5.50 6.03
C GLU A 107 -9.24 6.27 5.01
N ALA A 108 -9.86 5.54 4.10
CA ALA A 108 -10.70 6.14 3.08
C ALA A 108 -12.17 5.77 3.28
N PHE A 109 -13.07 6.66 2.86
CA PHE A 109 -14.50 6.43 3.00
C PHE A 109 -15.19 6.47 1.65
N THR A 110 -15.73 5.33 1.23
CA THR A 110 -16.43 5.23 -0.05
C THR A 110 -17.79 5.91 0.01
N LYS A 111 -18.36 6.20 -1.16
CA LYS A 111 -19.66 6.84 -1.24
C LYS A 111 -20.78 5.80 -1.23
N LYS A 112 -22.01 6.27 -1.13
CA LYS A 112 -23.18 5.40 -1.10
C LYS A 112 -23.46 4.83 -2.50
N ALA A 113 -23.64 3.51 -2.57
CA ALA A 113 -23.92 2.86 -3.85
C ALA A 113 -24.85 3.70 -4.71
N SER A 114 -24.40 4.03 -5.91
CA SER A 114 -25.19 4.84 -6.83
C SER A 114 -26.62 4.30 -6.93
N GLY A 115 -27.54 5.15 -7.38
CA GLY A 115 -28.92 4.74 -7.51
C GLY A 115 -29.81 5.31 -6.42
N PRO A 116 -31.00 5.81 -6.81
CA PRO A 116 -31.95 6.39 -5.87
C PRO A 116 -32.57 5.33 -4.95
N SER A 117 -32.01 5.18 -3.76
CA SER A 117 -32.51 4.21 -2.79
C SER A 117 -33.66 4.79 -1.98
N SER A 118 -34.60 3.93 -1.60
CA SER A 118 -35.76 4.36 -0.82
C SER A 118 -35.94 3.47 0.41
N GLY A 119 -35.84 4.08 1.59
CA GLY A 119 -36.00 3.33 2.83
C GLY A 119 -37.11 2.31 2.74
N GLY A 1 1.84 -5.50 25.62
CA GLY A 1 2.28 -6.00 24.32
C GLY A 1 3.76 -5.76 24.08
N SER A 2 4.15 -5.78 22.82
CA SER A 2 5.56 -5.57 22.45
C SER A 2 6.44 -6.65 23.07
N SER A 3 5.98 -7.90 23.00
CA SER A 3 6.74 -9.01 23.56
C SER A 3 8.09 -9.16 22.87
N GLY A 4 8.89 -10.10 23.35
CA GLY A 4 10.20 -10.33 22.76
C GLY A 4 10.12 -10.73 21.30
N SER A 5 10.84 -10.02 20.45
CA SER A 5 10.84 -10.31 19.02
C SER A 5 12.27 -10.36 18.48
N SER A 6 12.49 -11.22 17.48
CA SER A 6 13.81 -11.38 16.89
C SER A 6 13.71 -11.41 15.37
N GLY A 7 14.67 -10.77 14.70
CA GLY A 7 14.68 -10.73 13.25
C GLY A 7 15.35 -11.95 12.64
N VAL A 8 14.57 -12.76 11.93
CA VAL A 8 15.09 -13.96 11.29
C VAL A 8 15.88 -13.62 10.04
N ALA A 9 17.11 -14.14 9.96
CA ALA A 9 17.97 -13.89 8.81
C ALA A 9 19.07 -14.94 8.71
N VAL A 10 18.99 -15.78 7.68
CA VAL A 10 19.99 -16.83 7.48
C VAL A 10 20.37 -16.95 6.01
N ILE A 11 21.66 -16.78 5.73
CA ILE A 11 22.17 -16.87 4.37
C ILE A 11 21.21 -16.18 3.39
N ASN A 12 20.58 -15.11 3.85
CA ASN A 12 19.64 -14.35 3.01
C ASN A 12 20.35 -13.76 1.81
N SER A 13 19.57 -13.40 0.78
CA SER A 13 20.13 -12.82 -0.43
C SER A 13 19.55 -11.43 -0.69
N ALA A 14 20.36 -10.41 -0.43
CA ALA A 14 19.92 -9.03 -0.63
C ALA A 14 21.04 -8.19 -1.23
N GLN A 15 20.71 -6.95 -1.61
CA GLN A 15 21.69 -6.04 -2.19
C GLN A 15 21.64 -4.68 -1.52
N ASP A 16 20.44 -4.22 -1.19
CA ASP A 16 20.26 -2.94 -0.53
C ASP A 16 18.84 -2.78 -0.01
N ALA A 17 18.53 -1.61 0.53
CA ALA A 17 17.21 -1.34 1.07
C ALA A 17 16.89 0.16 1.04
N PRO A 18 15.62 0.49 0.81
CA PRO A 18 15.16 1.89 0.75
C PRO A 18 15.20 2.57 2.11
N SER A 19 15.48 3.87 2.11
CA SER A 19 15.54 4.63 3.35
C SER A 19 14.55 5.79 3.32
N GLU A 20 14.06 6.11 2.13
CA GLU A 20 13.10 7.20 1.97
C GLU A 20 11.67 6.66 1.83
N ALA A 21 10.71 7.41 2.35
CA ALA A 21 9.31 7.01 2.28
C ALA A 21 8.44 8.13 1.70
N PRO A 22 7.38 7.74 0.97
CA PRO A 22 6.46 8.70 0.36
C PRO A 22 5.62 9.44 1.39
N THR A 23 6.02 10.66 1.71
CA THR A 23 5.30 11.47 2.69
C THR A 23 4.07 12.13 2.05
N GLU A 24 3.33 12.88 2.86
CA GLU A 24 2.13 13.57 2.38
C GLU A 24 1.30 12.65 1.49
N VAL A 25 1.28 11.37 1.84
CA VAL A 25 0.52 10.38 1.08
C VAL A 25 -0.95 10.37 1.50
N GLY A 26 -1.83 10.51 0.52
CA GLY A 26 -3.26 10.51 0.81
C GLY A 26 -4.06 9.71 -0.20
N VAL A 27 -5.35 9.54 0.07
CA VAL A 27 -6.22 8.80 -0.82
C VAL A 27 -7.39 9.66 -1.31
N LYS A 28 -7.88 9.34 -2.50
CA LYS A 28 -9.00 10.09 -3.07
C LYS A 28 -10.21 9.18 -3.29
N VAL A 29 -11.38 9.67 -2.93
CA VAL A 29 -12.62 8.90 -3.08
C VAL A 29 -13.27 9.17 -4.44
N LEU A 30 -13.19 8.19 -5.33
CA LEU A 30 -13.77 8.31 -6.66
C LEU A 30 -15.27 8.04 -6.63
N SER A 31 -15.63 6.80 -6.29
CA SER A 31 -17.03 6.40 -6.23
C SER A 31 -17.26 5.37 -5.13
N SER A 32 -18.48 4.85 -5.05
CA SER A 32 -18.83 3.85 -4.03
C SER A 32 -17.95 2.61 -4.18
N SER A 33 -17.52 2.34 -5.40
CA SER A 33 -16.68 1.18 -5.67
C SER A 33 -15.40 1.59 -6.41
N GLU A 34 -14.98 2.83 -6.19
CA GLU A 34 -13.77 3.35 -6.82
C GLU A 34 -13.01 4.26 -5.88
N ILE A 35 -11.68 4.11 -5.86
CA ILE A 35 -10.83 4.93 -5.00
C ILE A 35 -9.43 5.06 -5.58
N SER A 36 -8.86 6.26 -5.47
CA SER A 36 -7.52 6.52 -5.98
C SER A 36 -6.51 6.68 -4.84
N VAL A 37 -5.25 6.40 -5.13
CA VAL A 37 -4.19 6.50 -4.13
C VAL A 37 -2.99 7.25 -4.70
N HIS A 38 -2.80 8.49 -4.26
CA HIS A 38 -1.69 9.31 -4.72
C HIS A 38 -0.57 9.35 -3.66
N TRP A 39 0.63 9.68 -4.10
CA TRP A 39 1.77 9.75 -3.20
C TRP A 39 2.95 10.46 -3.87
N GLU A 40 3.97 10.77 -3.08
CA GLU A 40 5.15 11.45 -3.59
C GLU A 40 6.25 10.44 -3.92
N HIS A 41 6.79 10.54 -5.14
CA HIS A 41 7.85 9.63 -5.58
C HIS A 41 9.07 9.74 -4.68
N VAL A 42 9.65 8.60 -4.34
CA VAL A 42 10.83 8.56 -3.48
C VAL A 42 12.11 8.59 -4.30
N LEU A 43 13.16 9.17 -3.72
CA LEU A 43 14.45 9.26 -4.40
C LEU A 43 15.06 7.88 -4.62
N GLU A 44 14.64 6.92 -3.79
CA GLU A 44 15.15 5.56 -3.89
C GLU A 44 14.85 4.97 -5.26
N LYS A 45 15.89 4.49 -5.94
CA LYS A 45 15.74 3.90 -7.27
C LYS A 45 15.70 2.38 -7.19
N ILE A 46 16.02 1.85 -6.01
CA ILE A 46 16.01 0.40 -5.80
C ILE A 46 14.67 -0.07 -5.25
N VAL A 47 13.61 0.69 -5.54
CA VAL A 47 12.28 0.35 -5.07
C VAL A 47 11.54 -0.48 -6.11
N GLU A 48 11.28 -1.75 -5.78
CA GLU A 48 10.58 -2.65 -6.68
C GLU A 48 9.36 -1.97 -7.28
N SER A 49 8.42 -1.58 -6.42
CA SER A 49 7.20 -0.93 -6.88
C SER A 49 6.36 -0.47 -5.68
N TYR A 50 5.49 0.51 -5.91
CA TYR A 50 4.64 1.04 -4.86
C TYR A 50 3.47 0.12 -4.60
N GLN A 51 3.57 -0.67 -3.53
CA GLN A 51 2.51 -1.61 -3.16
C GLN A 51 1.42 -0.91 -2.36
N ILE A 52 0.19 -1.04 -2.81
CA ILE A 52 -0.95 -0.43 -2.12
C ILE A 52 -1.79 -1.48 -1.40
N ARG A 53 -1.58 -1.59 -0.10
CA ARG A 53 -2.31 -2.55 0.72
C ARG A 53 -3.64 -1.96 1.20
N TYR A 54 -4.74 -2.50 0.70
CA TYR A 54 -6.07 -2.03 1.08
C TYR A 54 -6.92 -3.16 1.61
N TRP A 55 -7.77 -2.85 2.59
CA TRP A 55 -8.63 -3.84 3.20
C TRP A 55 -9.72 -3.18 4.04
N ALA A 56 -10.87 -3.85 4.16
CA ALA A 56 -11.97 -3.32 4.94
C ALA A 56 -11.62 -3.24 6.42
N ALA A 57 -12.26 -2.32 7.14
CA ALA A 57 -12.01 -2.15 8.56
C ALA A 57 -12.16 -3.47 9.31
N HIS A 58 -13.27 -4.16 9.06
CA HIS A 58 -13.53 -5.44 9.71
C HIS A 58 -12.51 -6.49 9.28
N ASP A 59 -12.15 -6.46 8.00
CA ASP A 59 -11.19 -7.41 7.46
C ASP A 59 -9.89 -7.39 8.27
N LYS A 60 -9.04 -8.38 8.05
CA LYS A 60 -7.76 -8.48 8.75
C LYS A 60 -6.59 -8.28 7.79
N GLU A 61 -5.46 -7.84 8.33
CA GLU A 61 -4.26 -7.62 7.52
C GLU A 61 -3.94 -8.85 6.68
N GLU A 62 -4.06 -10.02 7.29
CA GLU A 62 -3.77 -11.27 6.60
C GLU A 62 -4.60 -11.39 5.33
N ALA A 63 -5.81 -10.84 5.37
CA ALA A 63 -6.71 -10.88 4.22
C ALA A 63 -6.68 -9.56 3.46
N ALA A 64 -5.65 -8.76 3.70
CA ALA A 64 -5.51 -7.47 3.03
C ALA A 64 -4.85 -7.63 1.66
N ASN A 65 -5.55 -7.18 0.62
CA ASN A 65 -5.03 -7.27 -0.74
C ASN A 65 -3.97 -6.21 -0.99
N ARG A 66 -3.08 -6.47 -1.93
CA ARG A 66 -2.01 -5.54 -2.26
C ARG A 66 -1.94 -5.31 -3.78
N VAL A 67 -1.94 -4.05 -4.18
CA VAL A 67 -1.88 -3.69 -5.60
C VAL A 67 -0.50 -3.15 -5.97
N GLN A 68 0.07 -3.68 -7.04
CA GLN A 68 1.38 -3.24 -7.51
C GLN A 68 1.27 -2.48 -8.82
N VAL A 69 1.89 -1.30 -8.88
CA VAL A 69 1.85 -0.47 -10.08
C VAL A 69 3.24 0.09 -10.39
N THR A 70 3.56 0.19 -11.68
CA THR A 70 4.85 0.71 -12.11
C THR A 70 5.27 1.90 -11.25
N SER A 71 6.55 1.94 -10.89
CA SER A 71 7.08 3.02 -10.07
C SER A 71 6.73 4.38 -10.66
N GLN A 72 6.53 4.41 -11.98
CA GLN A 72 6.19 5.65 -12.67
C GLN A 72 4.81 6.15 -12.24
N GLU A 73 3.87 5.22 -12.08
CA GLU A 73 2.52 5.58 -11.66
C GLU A 73 2.54 6.32 -10.34
N TYR A 74 2.57 7.64 -10.40
CA TYR A 74 2.60 8.47 -9.20
C TYR A 74 1.44 8.11 -8.27
N SER A 75 0.37 7.59 -8.85
CA SER A 75 -0.82 7.21 -8.09
C SER A 75 -1.46 5.95 -8.66
N ALA A 76 -2.26 5.28 -7.85
CA ALA A 76 -2.94 4.06 -8.28
C ALA A 76 -4.44 4.18 -8.11
N ARG A 77 -5.17 3.16 -8.57
CA ARG A 77 -6.63 3.16 -8.47
C ARG A 77 -7.14 1.84 -7.91
N LEU A 78 -8.32 1.86 -7.33
CA LEU A 78 -8.92 0.66 -6.75
C LEU A 78 -10.36 0.48 -7.24
N GLU A 79 -10.72 -0.77 -7.52
CA GLU A 79 -12.06 -1.08 -8.01
C GLU A 79 -12.67 -2.23 -7.21
N ASN A 80 -13.95 -2.51 -7.46
CA ASN A 80 -14.64 -3.59 -6.77
C ASN A 80 -14.59 -3.39 -5.27
N LEU A 81 -15.02 -2.21 -4.81
CA LEU A 81 -15.03 -1.89 -3.38
C LEU A 81 -16.46 -1.78 -2.87
N LEU A 82 -16.64 -2.12 -1.59
CA LEU A 82 -17.96 -2.05 -0.98
C LEU A 82 -18.39 -0.60 -0.76
N PRO A 83 -19.69 -0.34 -0.93
CA PRO A 83 -20.25 1.01 -0.77
C PRO A 83 -20.25 1.45 0.69
N ASP A 84 -20.04 2.75 0.91
CA ASP A 84 -20.02 3.31 2.26
C ASP A 84 -19.33 2.36 3.22
N THR A 85 -18.11 1.96 2.88
CA THR A 85 -17.33 1.05 3.72
C THR A 85 -15.91 1.56 3.92
N GLN A 86 -15.48 1.62 5.18
CA GLN A 86 -14.14 2.09 5.51
C GLN A 86 -13.08 1.15 4.94
N TYR A 87 -12.12 1.72 4.22
CA TYR A 87 -11.05 0.93 3.62
C TYR A 87 -9.69 1.58 3.87
N PHE A 88 -8.93 1.01 4.79
CA PHE A 88 -7.61 1.53 5.12
C PHE A 88 -6.63 1.31 3.98
N ILE A 89 -6.07 2.40 3.46
CA ILE A 89 -5.12 2.32 2.36
C ILE A 89 -3.74 2.81 2.79
N GLU A 90 -2.70 2.24 2.18
CA GLU A 90 -1.33 2.61 2.51
C GLU A 90 -0.41 2.40 1.31
N VAL A 91 0.60 3.25 1.18
CA VAL A 91 1.54 3.16 0.09
C VAL A 91 2.97 3.42 0.56
N GLY A 92 3.76 2.34 0.65
CA GLY A 92 5.13 2.48 1.10
C GLY A 92 6.12 1.80 0.16
N ALA A 93 7.05 2.58 -0.37
CA ALA A 93 8.05 2.05 -1.30
C ALA A 93 8.96 1.05 -0.59
N CYS A 94 8.94 -0.20 -1.07
CA CYS A 94 9.77 -1.25 -0.48
C CYS A 94 10.14 -2.30 -1.53
N ASN A 95 11.33 -2.86 -1.41
CA ASN A 95 11.81 -3.86 -2.35
C ASN A 95 11.87 -5.25 -1.68
N SER A 96 12.06 -6.27 -2.50
CA SER A 96 12.12 -7.64 -1.99
C SER A 96 13.39 -7.85 -1.16
N ALA A 97 14.47 -7.21 -1.57
CA ALA A 97 15.74 -7.32 -0.87
C ALA A 97 15.58 -7.05 0.62
N GLY A 98 15.30 -5.79 0.96
CA GLY A 98 15.12 -5.42 2.35
C GLY A 98 13.74 -4.87 2.63
N CYS A 99 13.35 -4.85 3.90
CA CYS A 99 12.04 -4.34 4.29
C CYS A 99 12.16 -2.94 4.88
N GLY A 100 11.81 -1.94 4.09
CA GLY A 100 11.88 -0.56 4.55
C GLY A 100 10.64 -0.13 5.30
N PRO A 101 10.70 1.05 5.93
CA PRO A 101 9.58 1.60 6.70
C PRO A 101 8.42 2.04 5.79
N PRO A 102 7.22 1.53 6.08
CA PRO A 102 6.02 1.85 5.32
C PRO A 102 5.57 3.30 5.52
N SER A 103 4.65 3.76 4.69
CA SER A 103 4.13 5.12 4.78
C SER A 103 3.03 5.22 5.82
N ASP A 104 2.42 6.39 5.93
CA ASP A 104 1.36 6.62 6.90
C ASP A 104 0.07 5.91 6.46
N MET A 105 -0.69 5.43 7.43
CA MET A 105 -1.94 4.74 7.15
C MET A 105 -3.09 5.72 7.02
N ILE A 106 -3.74 5.72 5.87
CA ILE A 106 -4.87 6.61 5.62
C ILE A 106 -6.18 5.83 5.49
N GLU A 107 -7.25 6.39 6.04
CA GLU A 107 -8.56 5.75 5.98
C GLU A 107 -9.45 6.41 4.93
N ALA A 108 -10.08 5.59 4.10
CA ALA A 108 -10.96 6.10 3.05
C ALA A 108 -12.40 5.72 3.32
N PHE A 109 -13.33 6.52 2.79
CA PHE A 109 -14.76 6.27 2.98
C PHE A 109 -15.51 6.40 1.66
N THR A 110 -15.92 5.26 1.11
CA THR A 110 -16.65 5.25 -0.15
C THR A 110 -18.05 5.84 0.02
N LYS A 111 -18.69 6.16 -1.10
CA LYS A 111 -20.03 6.72 -1.08
C LYS A 111 -21.08 5.62 -0.98
N LYS A 112 -22.33 6.01 -0.75
CA LYS A 112 -23.43 5.06 -0.63
C LYS A 112 -23.87 4.57 -2.01
N ALA A 113 -23.90 3.26 -2.19
CA ALA A 113 -24.31 2.67 -3.45
C ALA A 113 -25.77 2.98 -3.76
N SER A 114 -26.01 4.13 -4.39
CA SER A 114 -27.37 4.54 -4.73
C SER A 114 -27.96 3.64 -5.82
N GLY A 115 -27.15 3.33 -6.82
CA GLY A 115 -27.60 2.47 -7.91
C GLY A 115 -26.46 2.00 -8.78
N PRO A 116 -26.62 0.80 -9.38
CA PRO A 116 -25.62 0.21 -10.26
C PRO A 116 -25.47 0.97 -11.57
N SER A 117 -24.24 1.29 -11.93
CA SER A 117 -23.97 2.02 -13.18
C SER A 117 -23.85 1.05 -14.36
N SER A 118 -24.37 1.47 -15.51
CA SER A 118 -24.33 0.64 -16.71
C SER A 118 -22.89 0.34 -17.11
N GLY A 119 -22.06 1.38 -17.15
CA GLY A 119 -20.67 1.21 -17.52
C GLY A 119 -20.09 2.43 -18.20
N GLY A 1 2.16 -11.63 19.81
CA GLY A 1 2.22 -10.83 21.02
C GLY A 1 1.63 -9.44 20.83
N SER A 2 2.46 -8.50 20.39
CA SER A 2 2.03 -7.13 20.18
C SER A 2 2.37 -6.67 18.77
N SER A 3 1.41 -6.04 18.10
CA SER A 3 1.62 -5.55 16.74
C SER A 3 2.59 -4.38 16.73
N GLY A 4 3.36 -4.27 15.65
CA GLY A 4 4.32 -3.18 15.53
C GLY A 4 5.35 -3.45 14.45
N SER A 5 6.20 -2.45 14.19
CA SER A 5 7.22 -2.57 13.16
C SER A 5 8.59 -2.84 13.79
N SER A 6 9.02 -4.09 13.75
CA SER A 6 10.31 -4.47 14.32
C SER A 6 10.81 -5.77 13.69
N GLY A 7 12.11 -6.02 13.82
CA GLY A 7 12.71 -7.22 13.27
C GLY A 7 13.98 -6.94 12.51
N VAL A 8 15.12 -7.14 13.16
CA VAL A 8 16.42 -6.92 12.55
C VAL A 8 16.65 -7.88 11.40
N ALA A 9 17.62 -7.56 10.54
CA ALA A 9 17.95 -8.40 9.40
C ALA A 9 19.18 -7.88 8.66
N VAL A 10 20.31 -8.57 8.85
CA VAL A 10 21.56 -8.17 8.20
C VAL A 10 21.47 -8.33 6.68
N ILE A 11 22.45 -7.79 5.98
CA ILE A 11 22.48 -7.87 4.52
C ILE A 11 21.90 -9.19 4.03
N ASN A 12 20.87 -9.10 3.19
CA ASN A 12 20.23 -10.30 2.65
C ASN A 12 20.72 -10.58 1.24
N SER A 13 22.02 -10.41 1.02
CA SER A 13 22.61 -10.64 -0.30
C SER A 13 21.86 -9.87 -1.38
N ALA A 14 21.51 -8.63 -1.08
CA ALA A 14 20.78 -7.79 -2.02
C ALA A 14 21.65 -6.63 -2.51
N GLN A 15 21.22 -6.00 -3.59
CA GLN A 15 21.96 -4.88 -4.17
C GLN A 15 21.76 -3.62 -3.34
N ASP A 16 20.51 -3.34 -2.98
CA ASP A 16 20.18 -2.17 -2.19
C ASP A 16 18.87 -2.36 -1.45
N ALA A 17 18.46 -1.34 -0.69
CA ALA A 17 17.22 -1.40 0.07
C ALA A 17 16.66 -0.01 0.32
N PRO A 18 15.32 0.10 0.34
CA PRO A 18 14.63 1.37 0.56
C PRO A 18 14.79 1.87 1.99
N SER A 19 15.10 3.16 2.14
CA SER A 19 15.28 3.76 3.45
C SER A 19 14.23 4.84 3.71
N GLU A 20 13.81 5.51 2.64
CA GLU A 20 12.81 6.56 2.74
C GLU A 20 11.42 6.03 2.40
N ALA A 21 10.40 6.61 3.04
CA ALA A 21 9.02 6.20 2.80
C ALA A 21 8.15 7.37 2.38
N PRO A 22 7.14 7.10 1.56
CA PRO A 22 6.22 8.13 1.06
C PRO A 22 5.31 8.67 2.16
N THR A 23 5.49 9.95 2.49
CA THR A 23 4.68 10.59 3.52
C THR A 23 3.68 11.56 2.92
N GLU A 24 2.78 12.07 3.75
CA GLU A 24 1.77 13.02 3.30
C GLU A 24 0.96 12.43 2.15
N VAL A 25 0.62 11.14 2.27
CA VAL A 25 -0.15 10.46 1.24
C VAL A 25 -1.63 10.83 1.32
N GLY A 26 -2.32 10.72 0.19
CA GLY A 26 -3.74 11.06 0.16
C GLY A 26 -4.54 10.07 -0.66
N VAL A 27 -5.86 10.08 -0.46
CA VAL A 27 -6.75 9.17 -1.19
C VAL A 27 -8.02 9.89 -1.63
N LYS A 28 -8.35 9.77 -2.91
CA LYS A 28 -9.55 10.39 -3.45
C LYS A 28 -10.66 9.37 -3.64
N VAL A 29 -11.85 9.72 -3.16
CA VAL A 29 -13.01 8.83 -3.28
C VAL A 29 -13.67 8.97 -4.64
N LEU A 30 -13.20 8.20 -5.61
CA LEU A 30 -13.75 8.23 -6.96
C LEU A 30 -15.20 7.79 -6.97
N SER A 31 -15.44 6.56 -6.51
CA SER A 31 -16.79 6.01 -6.46
C SER A 31 -16.92 4.99 -5.34
N SER A 32 -18.12 4.43 -5.20
CA SER A 32 -18.38 3.44 -4.17
C SER A 32 -17.50 2.21 -4.34
N SER A 33 -17.10 1.95 -5.59
CA SER A 33 -16.24 0.81 -5.89
C SER A 33 -14.96 1.25 -6.58
N GLU A 34 -14.52 2.47 -6.28
CA GLU A 34 -13.31 3.02 -6.86
C GLU A 34 -12.69 4.07 -5.94
N ILE A 35 -11.36 4.05 -5.84
CA ILE A 35 -10.65 4.99 -5.00
C ILE A 35 -9.23 5.22 -5.50
N SER A 36 -8.77 6.46 -5.45
CA SER A 36 -7.43 6.81 -5.90
C SER A 36 -6.48 6.96 -4.72
N VAL A 37 -5.23 6.52 -4.91
CA VAL A 37 -4.22 6.61 -3.86
C VAL A 37 -2.97 7.32 -4.36
N HIS A 38 -2.86 8.60 -4.05
CA HIS A 38 -1.70 9.39 -4.46
C HIS A 38 -0.69 9.52 -3.32
N TRP A 39 0.57 9.27 -3.64
CA TRP A 39 1.63 9.36 -2.64
C TRP A 39 2.84 10.12 -3.19
N GLU A 40 3.69 10.61 -2.30
CA GLU A 40 4.88 11.35 -2.70
C GLU A 40 6.01 10.40 -3.09
N HIS A 41 6.94 10.89 -3.90
CA HIS A 41 8.06 10.07 -4.35
C HIS A 41 9.20 10.11 -3.33
N VAL A 42 9.75 8.94 -3.01
CA VAL A 42 10.84 8.85 -2.05
C VAL A 42 12.18 9.18 -2.70
N LEU A 43 13.09 9.72 -1.90
CA LEU A 43 14.42 10.09 -2.40
C LEU A 43 15.15 8.87 -2.95
N GLU A 44 14.60 7.69 -2.69
CA GLU A 44 15.21 6.44 -3.16
C GLU A 44 14.57 5.99 -4.47
N LYS A 45 15.28 6.17 -5.56
CA LYS A 45 14.79 5.78 -6.88
C LYS A 45 15.09 4.31 -7.16
N ILE A 46 15.63 3.62 -6.15
CA ILE A 46 15.96 2.20 -6.29
C ILE A 46 14.70 1.34 -6.19
N VAL A 47 13.66 1.88 -5.57
CA VAL A 47 12.41 1.16 -5.41
C VAL A 47 11.94 0.59 -6.75
N GLU A 48 11.31 -0.59 -6.69
CA GLU A 48 10.81 -1.24 -7.90
C GLU A 48 9.38 -0.82 -8.19
N SER A 49 8.56 -0.74 -7.13
CA SER A 49 7.17 -0.36 -7.27
C SER A 49 6.59 0.07 -5.93
N TYR A 50 5.32 0.49 -5.94
CA TYR A 50 4.65 0.91 -4.72
C TYR A 50 3.52 -0.04 -4.35
N GLN A 51 3.74 -0.80 -3.28
CA GLN A 51 2.74 -1.76 -2.83
C GLN A 51 1.63 -1.07 -2.04
N ILE A 52 0.40 -1.15 -2.56
CA ILE A 52 -0.74 -0.53 -1.92
C ILE A 52 -1.64 -1.58 -1.26
N ARG A 53 -1.79 -1.48 0.05
CA ARG A 53 -2.61 -2.41 0.80
C ARG A 53 -3.94 -1.77 1.20
N TYR A 54 -5.02 -2.26 0.60
CA TYR A 54 -6.35 -1.73 0.88
C TYR A 54 -7.28 -2.83 1.42
N TRP A 55 -8.03 -2.50 2.46
CA TRP A 55 -8.95 -3.46 3.07
C TRP A 55 -9.92 -2.75 4.01
N ALA A 56 -11.07 -3.38 4.24
CA ALA A 56 -12.08 -2.81 5.13
C ALA A 56 -11.67 -2.94 6.59
N ALA A 57 -12.20 -2.06 7.43
CA ALA A 57 -11.88 -2.07 8.86
C ALA A 57 -12.13 -3.46 9.45
N HIS A 58 -13.21 -4.10 9.02
CA HIS A 58 -13.56 -5.43 9.51
C HIS A 58 -12.58 -6.48 9.00
N ASP A 59 -12.29 -6.42 7.70
CA ASP A 59 -11.37 -7.37 7.08
C ASP A 59 -10.03 -7.37 7.80
N LYS A 60 -9.29 -8.46 7.65
CA LYS A 60 -7.98 -8.60 8.29
C LYS A 60 -6.86 -8.32 7.31
N GLU A 61 -5.65 -8.12 7.83
CA GLU A 61 -4.49 -7.85 6.99
C GLU A 61 -4.27 -8.97 5.98
N GLU A 62 -4.65 -10.18 6.36
CA GLU A 62 -4.50 -11.34 5.48
C GLU A 62 -5.43 -11.23 4.27
N ALA A 63 -6.68 -10.90 4.53
CA ALA A 63 -7.66 -10.77 3.46
C ALA A 63 -7.51 -9.44 2.73
N ALA A 64 -6.46 -8.68 3.09
CA ALA A 64 -6.20 -7.40 2.46
C ALA A 64 -5.48 -7.57 1.13
N ASN A 65 -6.05 -7.02 0.08
CA ASN A 65 -5.45 -7.11 -1.26
C ASN A 65 -4.22 -6.22 -1.37
N ARG A 66 -3.46 -6.40 -2.45
CA ARG A 66 -2.25 -5.63 -2.67
C ARG A 66 -2.08 -5.31 -4.15
N VAL A 67 -1.86 -4.04 -4.46
CA VAL A 67 -1.68 -3.60 -5.84
C VAL A 67 -0.26 -3.09 -6.07
N GLN A 68 0.42 -3.67 -7.05
CA GLN A 68 1.79 -3.29 -7.38
C GLN A 68 1.85 -2.57 -8.72
N VAL A 69 2.00 -1.26 -8.68
CA VAL A 69 2.08 -0.46 -9.90
C VAL A 69 3.51 -0.04 -10.20
N THR A 70 3.73 0.50 -11.39
CA THR A 70 5.06 0.94 -11.81
C THR A 70 5.56 2.08 -10.93
N SER A 71 6.86 2.34 -10.99
CA SER A 71 7.46 3.40 -10.20
C SER A 71 7.20 4.77 -10.83
N GLN A 72 6.71 4.76 -12.07
CA GLN A 72 6.41 6.00 -12.78
C GLN A 72 5.05 6.55 -12.37
N GLU A 73 4.22 5.68 -11.80
CA GLU A 73 2.89 6.08 -11.35
C GLU A 73 2.94 6.71 -9.97
N TYR A 74 2.67 8.01 -9.91
CA TYR A 74 2.68 8.74 -8.64
C TYR A 74 1.50 8.35 -7.78
N SER A 75 0.61 7.51 -8.32
CA SER A 75 -0.56 7.06 -7.60
C SER A 75 -1.12 5.78 -8.21
N ALA A 76 -2.10 5.19 -7.54
CA ALA A 76 -2.72 3.95 -8.02
C ALA A 76 -4.24 4.06 -8.01
N ARG A 77 -4.90 2.98 -8.42
CA ARG A 77 -6.35 2.95 -8.46
C ARG A 77 -6.90 1.65 -7.87
N LEU A 78 -7.86 1.76 -6.97
CA LEU A 78 -8.46 0.60 -6.34
C LEU A 78 -9.83 0.30 -6.93
N GLU A 79 -10.20 -0.98 -6.92
CA GLU A 79 -11.49 -1.40 -7.46
C GLU A 79 -12.10 -2.51 -6.60
N ASN A 80 -13.37 -2.80 -6.85
CA ASN A 80 -14.07 -3.84 -6.10
C ASN A 80 -14.14 -3.50 -4.62
N LEU A 81 -14.62 -2.29 -4.32
CA LEU A 81 -14.73 -1.84 -2.94
C LEU A 81 -16.20 -1.78 -2.50
N LEU A 82 -16.43 -2.01 -1.22
CA LEU A 82 -17.79 -1.99 -0.67
C LEU A 82 -18.27 -0.56 -0.47
N PRO A 83 -19.56 -0.33 -0.73
CA PRO A 83 -20.18 0.99 -0.58
C PRO A 83 -20.30 1.41 0.88
N ASP A 84 -20.02 2.69 1.15
CA ASP A 84 -20.10 3.22 2.50
C ASP A 84 -19.33 2.33 3.47
N THR A 85 -18.11 1.97 3.10
CA THR A 85 -17.26 1.13 3.93
C THR A 85 -15.89 1.77 4.16
N GLN A 86 -15.40 1.69 5.39
CA GLN A 86 -14.10 2.26 5.73
C GLN A 86 -12.97 1.35 5.26
N TYR A 87 -12.16 1.87 4.34
CA TYR A 87 -11.04 1.11 3.80
C TYR A 87 -9.71 1.74 4.20
N PHE A 88 -8.85 0.94 4.82
CA PHE A 88 -7.54 1.41 5.25
C PHE A 88 -6.50 1.25 4.14
N ILE A 89 -6.11 2.36 3.54
CA ILE A 89 -5.12 2.35 2.46
C ILE A 89 -3.74 2.72 2.98
N GLU A 90 -2.72 1.99 2.54
CA GLU A 90 -1.35 2.26 2.95
C GLU A 90 -0.38 2.02 1.80
N VAL A 91 0.31 3.08 1.37
CA VAL A 91 1.26 2.99 0.29
C VAL A 91 2.68 2.79 0.82
N GLY A 92 3.39 1.81 0.27
CA GLY A 92 4.74 1.55 0.71
C GLY A 92 5.64 1.09 -0.43
N ALA A 93 6.71 1.84 -0.68
CA ALA A 93 7.65 1.51 -1.74
C ALA A 93 8.64 0.43 -1.29
N CYS A 94 9.00 -0.45 -2.21
CA CYS A 94 9.94 -1.52 -1.91
C CYS A 94 10.36 -2.25 -3.17
N ASN A 95 11.62 -2.68 -3.22
CA ASN A 95 12.16 -3.39 -4.38
C ASN A 95 12.43 -4.85 -4.04
N SER A 96 12.36 -5.71 -5.06
CA SER A 96 12.61 -7.13 -4.87
C SER A 96 13.88 -7.37 -4.04
N ALA A 97 14.76 -6.37 -4.03
CA ALA A 97 16.00 -6.46 -3.29
C ALA A 97 15.76 -6.32 -1.79
N GLY A 98 15.50 -5.09 -1.35
CA GLY A 98 15.25 -4.84 0.06
C GLY A 98 13.85 -4.30 0.31
N CYS A 99 13.35 -4.54 1.51
CA CYS A 99 12.02 -4.08 1.88
C CYS A 99 12.08 -2.71 2.56
N GLY A 100 10.96 -1.98 2.54
CA GLY A 100 10.92 -0.67 3.15
C GLY A 100 9.70 -0.49 4.03
N PRO A 101 9.77 0.49 4.95
CA PRO A 101 8.69 0.79 5.87
C PRO A 101 7.48 1.41 5.17
N PRO A 102 6.28 0.97 5.55
CA PRO A 102 5.02 1.46 4.97
C PRO A 102 4.73 2.90 5.38
N SER A 103 3.91 3.57 4.58
CA SER A 103 3.54 4.96 4.86
C SER A 103 2.57 5.04 6.03
N ASP A 104 2.08 6.25 6.29
CA ASP A 104 1.13 6.46 7.38
C ASP A 104 -0.19 5.76 7.10
N MET A 105 -0.93 5.45 8.17
CA MET A 105 -2.21 4.78 8.04
C MET A 105 -3.32 5.78 7.72
N ILE A 106 -3.81 5.74 6.49
CA ILE A 106 -4.86 6.65 6.06
C ILE A 106 -6.21 5.93 5.99
N GLU A 107 -7.29 6.66 6.26
CA GLU A 107 -8.63 6.10 6.22
C GLU A 107 -9.48 6.76 5.15
N ALA A 108 -10.23 5.95 4.41
CA ALA A 108 -11.09 6.46 3.34
C ALA A 108 -12.53 6.02 3.54
N PHE A 109 -13.46 6.81 3.02
CA PHE A 109 -14.88 6.50 3.15
C PHE A 109 -15.57 6.56 1.79
N THR A 110 -15.96 5.39 1.29
CA THR A 110 -16.64 5.30 -0.01
C THR A 110 -18.09 5.76 0.09
N LYS A 111 -18.62 6.26 -1.02
CA LYS A 111 -20.00 6.73 -1.06
C LYS A 111 -20.98 5.55 -0.98
N LYS A 112 -22.27 5.87 -0.88
CA LYS A 112 -23.30 4.84 -0.81
C LYS A 112 -23.63 4.31 -2.20
N ALA A 113 -22.94 3.24 -2.60
CA ALA A 113 -23.16 2.63 -3.90
C ALA A 113 -23.52 3.68 -4.94
N SER A 114 -22.90 4.86 -4.83
CA SER A 114 -23.16 5.95 -5.77
C SER A 114 -21.85 6.49 -6.34
N GLY A 115 -21.94 7.06 -7.54
CA GLY A 115 -20.76 7.61 -8.19
C GLY A 115 -21.07 8.86 -8.97
N PRO A 116 -20.02 9.67 -9.24
CA PRO A 116 -20.16 10.92 -10.00
C PRO A 116 -20.47 10.67 -11.46
N SER A 117 -20.49 9.40 -11.86
CA SER A 117 -20.77 9.04 -13.25
C SER A 117 -21.87 9.92 -13.83
N SER A 118 -22.94 10.11 -13.07
CA SER A 118 -24.06 10.93 -13.50
C SER A 118 -24.57 11.81 -12.37
N GLY A 119 -24.71 13.11 -12.65
CA GLY A 119 -25.19 14.04 -11.64
C GLY A 119 -24.05 14.76 -10.94
N GLY A 1 14.77 -23.56 21.55
CA GLY A 1 14.39 -23.08 22.86
C GLY A 1 13.82 -21.67 22.82
N SER A 2 13.94 -20.95 23.93
CA SER A 2 13.43 -19.59 24.02
C SER A 2 14.05 -18.71 22.94
N SER A 3 13.63 -17.45 22.89
CA SER A 3 14.13 -16.51 21.89
C SER A 3 15.57 -16.11 22.21
N GLY A 4 15.79 -15.60 23.42
CA GLY A 4 17.12 -15.20 23.82
C GLY A 4 17.78 -14.31 22.79
N SER A 5 19.04 -14.60 22.48
CA SER A 5 19.80 -13.83 21.51
C SER A 5 19.94 -14.58 20.19
N SER A 6 19.44 -13.99 19.11
CA SER A 6 19.51 -14.61 17.80
C SER A 6 19.97 -13.61 16.75
N GLY A 7 20.78 -14.08 15.80
CA GLY A 7 21.27 -13.21 14.75
C GLY A 7 20.19 -12.33 14.15
N VAL A 8 19.33 -12.93 13.33
CA VAL A 8 18.24 -12.19 12.70
C VAL A 8 18.77 -11.15 11.73
N ALA A 9 19.74 -11.55 10.91
CA ALA A 9 20.34 -10.64 9.93
C ALA A 9 19.86 -10.96 8.52
N VAL A 10 19.92 -9.96 7.65
CA VAL A 10 19.48 -10.14 6.26
C VAL A 10 20.43 -11.06 5.50
N ILE A 11 19.88 -12.16 4.98
CA ILE A 11 20.67 -13.12 4.23
C ILE A 11 20.37 -13.03 2.74
N ASN A 12 19.09 -12.97 2.40
CA ASN A 12 18.67 -12.89 1.00
C ASN A 12 19.49 -11.85 0.25
N SER A 13 20.13 -12.28 -0.84
CA SER A 13 20.95 -11.38 -1.64
C SER A 13 20.21 -10.09 -1.94
N ALA A 14 20.90 -8.96 -1.77
CA ALA A 14 20.31 -7.65 -2.02
C ALA A 14 21.38 -6.61 -2.26
N GLN A 15 21.17 -5.76 -3.28
CA GLN A 15 22.12 -4.71 -3.61
C GLN A 15 21.86 -3.45 -2.79
N ASP A 16 20.60 -3.25 -2.41
CA ASP A 16 20.21 -2.09 -1.62
C ASP A 16 18.78 -2.22 -1.11
N ALA A 17 18.36 -1.27 -0.30
CA ALA A 17 17.01 -1.28 0.26
C ALA A 17 16.52 0.14 0.53
N PRO A 18 15.22 0.36 0.29
CA PRO A 18 14.60 1.68 0.50
C PRO A 18 14.48 2.03 1.99
N SER A 19 15.11 3.14 2.37
CA SER A 19 15.08 3.58 3.76
C SER A 19 14.00 4.66 3.96
N GLU A 20 13.65 5.34 2.88
CA GLU A 20 12.63 6.39 2.94
C GLU A 20 11.26 5.85 2.52
N ALA A 21 10.21 6.35 3.15
CA ALA A 21 8.86 5.92 2.84
C ALA A 21 7.97 7.12 2.47
N PRO A 22 7.00 6.88 1.60
CA PRO A 22 6.07 7.93 1.15
C PRO A 22 5.11 8.36 2.24
N THR A 23 5.38 9.52 2.84
CA THR A 23 4.54 10.05 3.91
C THR A 23 3.55 11.07 3.36
N GLU A 24 2.74 11.62 4.26
CA GLU A 24 1.73 12.62 3.87
C GLU A 24 0.96 12.15 2.64
N VAL A 25 0.62 10.87 2.62
CA VAL A 25 -0.12 10.30 1.50
C VAL A 25 -1.62 10.61 1.62
N GLY A 26 -2.33 10.50 0.50
CA GLY A 26 -3.75 10.78 0.50
C GLY A 26 -4.52 9.82 -0.39
N VAL A 27 -5.85 9.92 -0.35
CA VAL A 27 -6.70 9.06 -1.16
C VAL A 27 -7.93 9.81 -1.65
N LYS A 28 -8.32 9.54 -2.90
CA LYS A 28 -9.49 10.19 -3.49
C LYS A 28 -10.64 9.21 -3.65
N VAL A 29 -11.84 9.66 -3.34
CA VAL A 29 -13.03 8.82 -3.45
C VAL A 29 -13.75 9.06 -4.77
N LEU A 30 -13.30 8.37 -5.82
CA LEU A 30 -13.90 8.51 -7.14
C LEU A 30 -15.32 7.96 -7.15
N SER A 31 -15.48 6.76 -6.60
CA SER A 31 -16.79 6.10 -6.55
C SER A 31 -16.87 5.13 -5.38
N SER A 32 -18.01 4.47 -5.25
CA SER A 32 -18.22 3.50 -4.17
C SER A 32 -17.21 2.36 -4.27
N SER A 33 -16.79 2.05 -5.49
CA SER A 33 -15.84 0.98 -5.72
C SER A 33 -14.65 1.47 -6.53
N GLU A 34 -14.29 2.73 -6.34
CA GLU A 34 -13.16 3.33 -7.06
C GLU A 34 -12.50 4.42 -6.22
N ILE A 35 -11.27 4.16 -5.80
CA ILE A 35 -10.52 5.12 -4.99
C ILE A 35 -9.09 5.26 -5.49
N SER A 36 -8.67 6.49 -5.72
CA SER A 36 -7.32 6.77 -6.21
C SER A 36 -6.36 6.97 -5.04
N VAL A 37 -5.17 6.39 -5.15
CA VAL A 37 -4.16 6.51 -4.11
C VAL A 37 -2.93 7.26 -4.61
N HIS A 38 -2.81 8.52 -4.21
CA HIS A 38 -1.68 9.35 -4.63
C HIS A 38 -0.71 9.57 -3.47
N TRP A 39 0.53 9.14 -3.65
CA TRP A 39 1.55 9.29 -2.61
C TRP A 39 2.69 10.16 -3.10
N GLU A 40 3.65 10.44 -2.22
CA GLU A 40 4.79 11.27 -2.56
C GLU A 40 6.00 10.41 -2.92
N HIS A 41 6.66 10.74 -4.02
CA HIS A 41 7.82 10.00 -4.47
C HIS A 41 8.95 10.08 -3.44
N VAL A 42 9.51 8.92 -3.10
CA VAL A 42 10.59 8.85 -2.13
C VAL A 42 11.93 9.22 -2.76
N LEU A 43 12.95 9.39 -1.92
CA LEU A 43 14.27 9.75 -2.40
C LEU A 43 15.05 8.51 -2.82
N GLU A 44 14.39 7.36 -2.77
CA GLU A 44 15.02 6.10 -3.15
C GLU A 44 14.63 5.70 -4.57
N LYS A 45 15.49 6.04 -5.53
CA LYS A 45 15.24 5.72 -6.93
C LYS A 45 15.53 4.25 -7.21
N ILE A 46 15.84 3.50 -6.16
CA ILE A 46 16.14 2.08 -6.30
C ILE A 46 14.86 1.25 -6.23
N VAL A 47 13.80 1.85 -5.69
CA VAL A 47 12.52 1.17 -5.58
C VAL A 47 12.09 0.55 -6.90
N GLU A 48 11.55 -0.65 -6.85
CA GLU A 48 11.10 -1.36 -8.04
C GLU A 48 9.64 -1.02 -8.35
N SER A 49 8.86 -0.75 -7.31
CA SER A 49 7.45 -0.42 -7.46
C SER A 49 6.83 -0.03 -6.13
N TYR A 50 5.55 0.33 -6.16
CA TYR A 50 4.84 0.73 -4.95
C TYR A 50 3.71 -0.24 -4.65
N GLN A 51 3.62 -0.65 -3.39
CA GLN A 51 2.57 -1.58 -2.95
C GLN A 51 1.47 -0.85 -2.19
N ILE A 52 0.24 -0.96 -2.69
CA ILE A 52 -0.90 -0.31 -2.05
C ILE A 52 -1.75 -1.31 -1.29
N ARG A 53 -1.48 -1.45 0.00
CA ARG A 53 -2.22 -2.39 0.84
C ARG A 53 -3.51 -1.75 1.34
N TYR A 54 -4.64 -2.31 0.91
CA TYR A 54 -5.95 -1.80 1.31
C TYR A 54 -6.83 -2.92 1.86
N TRP A 55 -7.69 -2.57 2.80
CA TRP A 55 -8.59 -3.55 3.42
C TRP A 55 -9.61 -2.86 4.32
N ALA A 56 -10.80 -3.42 4.39
CA ALA A 56 -11.86 -2.86 5.22
C ALA A 56 -11.42 -2.76 6.68
N ALA A 57 -12.16 -1.99 7.47
CA ALA A 57 -11.85 -1.82 8.88
C ALA A 57 -11.96 -3.13 9.64
N HIS A 58 -13.06 -3.84 9.42
CA HIS A 58 -13.30 -5.13 10.09
C HIS A 58 -12.24 -6.15 9.66
N ASP A 59 -11.89 -6.13 8.39
CA ASP A 59 -10.90 -7.07 7.86
C ASP A 59 -9.61 -6.99 8.66
N LYS A 60 -8.69 -7.91 8.39
CA LYS A 60 -7.41 -7.95 9.08
C LYS A 60 -6.25 -7.80 8.10
N GLU A 61 -5.06 -7.55 8.63
CA GLU A 61 -3.88 -7.38 7.79
C GLU A 61 -3.58 -8.66 7.00
N GLU A 62 -3.95 -9.80 7.58
CA GLU A 62 -3.72 -11.09 6.93
C GLU A 62 -4.59 -11.22 5.68
N ALA A 63 -5.78 -10.63 5.73
CA ALA A 63 -6.70 -10.68 4.60
C ALA A 63 -6.69 -9.38 3.81
N ALA A 64 -5.66 -8.57 4.05
CA ALA A 64 -5.54 -7.28 3.36
C ALA A 64 -4.92 -7.47 1.98
N ASN A 65 -5.54 -6.86 0.97
CA ASN A 65 -5.05 -6.95 -0.41
C ASN A 65 -3.90 -5.99 -0.64
N ARG A 66 -3.38 -5.99 -1.86
CA ARG A 66 -2.26 -5.12 -2.21
C ARG A 66 -2.17 -4.93 -3.73
N VAL A 67 -1.94 -3.70 -4.15
CA VAL A 67 -1.83 -3.38 -5.56
C VAL A 67 -0.44 -2.89 -5.92
N GLN A 68 0.18 -3.52 -6.90
CA GLN A 68 1.52 -3.14 -7.33
C GLN A 68 1.47 -2.42 -8.68
N VAL A 69 1.93 -1.17 -8.67
CA VAL A 69 1.94 -0.35 -9.89
C VAL A 69 3.33 0.21 -10.15
N THR A 70 3.63 0.45 -11.43
CA THR A 70 4.92 0.98 -11.83
C THR A 70 5.31 2.18 -10.97
N SER A 71 6.62 2.33 -10.73
CA SER A 71 7.12 3.43 -9.91
C SER A 71 6.83 4.77 -10.57
N GLN A 72 6.66 4.75 -11.89
CA GLN A 72 6.39 5.97 -12.65
C GLN A 72 4.98 6.49 -12.34
N GLU A 73 4.17 5.65 -11.71
CA GLU A 73 2.81 6.03 -11.35
C GLU A 73 2.76 6.67 -9.97
N TYR A 74 2.78 7.99 -9.93
CA TYR A 74 2.74 8.72 -8.67
C TYR A 74 1.55 8.29 -7.83
N SER A 75 0.54 7.74 -8.49
CA SER A 75 -0.66 7.27 -7.79
C SER A 75 -1.22 6.02 -8.46
N ALA A 76 -2.15 5.36 -7.76
CA ALA A 76 -2.76 4.14 -8.29
C ALA A 76 -4.28 4.20 -8.16
N ARG A 77 -4.96 3.18 -8.68
CA ARG A 77 -6.41 3.12 -8.63
C ARG A 77 -6.88 1.81 -8.01
N LEU A 78 -7.80 1.91 -7.06
CA LEU A 78 -8.33 0.73 -6.38
C LEU A 78 -9.70 0.35 -6.94
N GLU A 79 -9.96 -0.95 -7.02
CA GLU A 79 -11.23 -1.45 -7.52
C GLU A 79 -11.71 -2.64 -6.72
N ASN A 80 -13.00 -2.96 -6.85
CA ASN A 80 -13.59 -4.08 -6.13
C ASN A 80 -13.71 -3.77 -4.64
N LEU A 81 -14.30 -2.62 -4.34
CA LEU A 81 -14.49 -2.20 -2.95
C LEU A 81 -15.96 -2.15 -2.58
N LEU A 82 -16.26 -2.25 -1.29
CA LEU A 82 -17.63 -2.21 -0.80
C LEU A 82 -18.11 -0.78 -0.63
N PRO A 83 -19.39 -0.53 -0.96
CA PRO A 83 -19.99 0.80 -0.84
C PRO A 83 -20.19 1.22 0.61
N ASP A 84 -19.93 2.48 0.89
CA ASP A 84 -20.09 3.01 2.24
C ASP A 84 -19.33 2.14 3.26
N THR A 85 -18.12 1.76 2.91
CA THR A 85 -17.29 0.93 3.78
C THR A 85 -15.94 1.57 4.05
N GLN A 86 -15.51 1.54 5.31
CA GLN A 86 -14.23 2.13 5.69
C GLN A 86 -13.08 1.23 5.27
N TYR A 87 -12.14 1.79 4.52
CA TYR A 87 -10.98 1.05 4.04
C TYR A 87 -9.68 1.74 4.43
N PHE A 88 -8.79 1.01 5.09
CA PHE A 88 -7.51 1.56 5.52
C PHE A 88 -6.46 1.37 4.43
N ILE A 89 -6.31 2.38 3.57
CA ILE A 89 -5.34 2.33 2.50
C ILE A 89 -3.94 2.68 3.00
N GLU A 90 -2.93 2.04 2.43
CA GLU A 90 -1.55 2.29 2.82
C GLU A 90 -0.60 2.05 1.64
N VAL A 91 0.21 3.05 1.33
CA VAL A 91 1.16 2.96 0.23
C VAL A 91 2.57 2.76 0.75
N GLY A 92 3.17 1.62 0.40
CA GLY A 92 4.53 1.33 0.84
C GLY A 92 5.42 0.86 -0.29
N ALA A 93 6.50 1.59 -0.54
CA ALA A 93 7.44 1.24 -1.60
C ALA A 93 8.23 -0.01 -1.24
N CYS A 94 8.67 -0.74 -2.26
CA CYS A 94 9.44 -1.96 -2.05
C CYS A 94 10.37 -2.23 -3.23
N ASN A 95 11.62 -2.56 -2.94
CA ASN A 95 12.60 -2.84 -3.98
C ASN A 95 12.79 -4.34 -4.16
N SER A 96 12.89 -4.78 -5.40
CA SER A 96 13.08 -6.19 -5.72
C SER A 96 14.09 -6.83 -4.77
N ALA A 97 14.98 -6.00 -4.21
CA ALA A 97 15.99 -6.48 -3.29
C ALA A 97 15.50 -6.40 -1.85
N GLY A 98 15.41 -5.19 -1.33
CA GLY A 98 14.96 -4.99 0.04
C GLY A 98 13.62 -4.30 0.10
N CYS A 99 12.98 -4.37 1.28
CA CYS A 99 11.68 -3.74 1.48
C CYS A 99 11.79 -2.57 2.45
N GLY A 100 10.85 -1.64 2.34
CA GLY A 100 10.85 -0.48 3.21
C GLY A 100 9.63 -0.42 4.12
N PRO A 101 9.64 0.50 5.08
CA PRO A 101 8.54 0.67 6.04
C PRO A 101 7.28 1.23 5.38
N PRO A 102 6.11 0.80 5.86
CA PRO A 102 4.82 1.25 5.34
C PRO A 102 4.53 2.70 5.66
N SER A 103 3.75 3.36 4.81
CA SER A 103 3.40 4.76 5.01
C SER A 103 2.40 4.91 6.16
N ASP A 104 2.06 6.16 6.47
CA ASP A 104 1.12 6.45 7.54
C ASP A 104 -0.23 5.77 7.28
N MET A 105 -0.87 5.31 8.34
CA MET A 105 -2.18 4.65 8.22
C MET A 105 -3.24 5.63 7.75
N ILE A 106 -3.79 5.37 6.56
CA ILE A 106 -4.82 6.24 6.00
C ILE A 106 -6.18 5.53 6.00
N GLU A 107 -7.25 6.32 6.09
CA GLU A 107 -8.60 5.78 6.10
C GLU A 107 -9.47 6.47 5.06
N ALA A 108 -10.23 5.69 4.30
CA ALA A 108 -11.10 6.22 3.27
C ALA A 108 -12.54 5.79 3.49
N PHE A 109 -13.48 6.58 3.00
CA PHE A 109 -14.90 6.27 3.15
C PHE A 109 -15.62 6.34 1.80
N THR A 110 -16.02 5.17 1.29
CA THR A 110 -16.71 5.09 0.02
C THR A 110 -18.14 5.62 0.13
N LYS A 111 -18.87 5.56 -0.98
CA LYS A 111 -20.26 6.02 -1.00
C LYS A 111 -21.22 4.84 -1.08
N LYS A 112 -22.51 5.15 -1.15
CA LYS A 112 -23.54 4.12 -1.24
C LYS A 112 -23.70 3.63 -2.67
N ALA A 113 -23.72 2.31 -2.85
CA ALA A 113 -23.88 1.72 -4.17
C ALA A 113 -25.18 2.18 -4.82
N SER A 114 -25.05 2.80 -6.00
CA SER A 114 -26.23 3.30 -6.72
C SER A 114 -26.27 2.72 -8.12
N GLY A 115 -27.42 2.11 -8.47
CA GLY A 115 -27.56 1.52 -9.79
C GLY A 115 -28.63 0.44 -9.81
N PRO A 116 -29.17 0.16 -11.01
CA PRO A 116 -30.21 -0.86 -11.19
C PRO A 116 -29.68 -2.27 -10.99
N SER A 117 -28.45 -2.51 -11.44
CA SER A 117 -27.83 -3.83 -11.32
C SER A 117 -27.58 -4.17 -9.85
N SER A 118 -26.77 -3.36 -9.19
CA SER A 118 -26.45 -3.57 -7.78
C SER A 118 -27.31 -2.69 -6.88
N GLY A 119 -27.74 -3.23 -5.75
CA GLY A 119 -28.56 -2.48 -4.82
C GLY A 119 -30.04 -2.58 -5.14
N GLY A 1 10.72 -30.16 19.42
CA GLY A 1 10.59 -28.73 19.26
C GLY A 1 11.30 -28.22 18.02
N SER A 2 10.58 -27.49 17.17
CA SER A 2 11.13 -26.94 15.94
C SER A 2 12.09 -25.80 16.25
N SER A 3 13.35 -25.96 15.85
CA SER A 3 14.36 -24.93 16.08
C SER A 3 15.59 -25.17 15.21
N GLY A 4 16.26 -24.09 14.83
CA GLY A 4 17.44 -24.20 14.00
C GLY A 4 18.72 -24.04 14.79
N SER A 5 19.66 -24.96 14.57
CA SER A 5 20.93 -24.93 15.28
C SER A 5 21.93 -24.04 14.55
N SER A 6 22.05 -24.22 13.23
CA SER A 6 22.96 -23.45 12.42
C SER A 6 22.59 -21.96 12.44
N GLY A 7 23.17 -21.23 13.39
CA GLY A 7 22.88 -19.81 13.49
C GLY A 7 23.54 -19.00 12.40
N VAL A 8 24.84 -19.17 12.24
CA VAL A 8 25.59 -18.44 11.22
C VAL A 8 25.26 -18.95 9.83
N ALA A 9 24.96 -18.03 8.92
CA ALA A 9 24.62 -18.37 7.55
C ALA A 9 24.60 -17.14 6.65
N VAL A 10 24.43 -17.36 5.36
CA VAL A 10 24.39 -16.26 4.39
C VAL A 10 22.98 -15.73 4.21
N ILE A 11 22.80 -14.44 4.47
CA ILE A 11 21.48 -13.81 4.34
C ILE A 11 21.16 -13.53 2.87
N ASN A 12 19.89 -13.22 2.62
CA ASN A 12 19.44 -12.93 1.26
C ASN A 12 20.28 -11.82 0.63
N SER A 13 20.57 -11.95 -0.65
CA SER A 13 21.37 -10.96 -1.37
C SER A 13 20.54 -9.70 -1.65
N ALA A 14 21.22 -8.56 -1.71
CA ALA A 14 20.55 -7.29 -1.97
C ALA A 14 21.54 -6.24 -2.44
N GLN A 15 21.06 -5.28 -3.22
CA GLN A 15 21.90 -4.21 -3.73
C GLN A 15 21.72 -2.93 -2.93
N ASP A 16 20.60 -2.84 -2.23
CA ASP A 16 20.30 -1.66 -1.41
C ASP A 16 19.02 -1.87 -0.59
N ALA A 17 18.61 -0.83 0.12
CA ALA A 17 17.40 -0.91 0.93
C ALA A 17 16.71 0.44 1.01
N PRO A 18 15.36 0.42 0.91
CA PRO A 18 14.55 1.64 0.96
C PRO A 18 14.54 2.27 2.34
N SER A 19 15.15 3.46 2.45
CA SER A 19 15.21 4.16 3.73
C SER A 19 14.11 5.21 3.82
N GLU A 20 13.79 5.83 2.69
CA GLU A 20 12.75 6.85 2.64
C GLU A 20 11.40 6.23 2.29
N ALA A 21 10.33 6.80 2.84
CA ALA A 21 8.98 6.32 2.58
C ALA A 21 8.06 7.46 2.19
N PRO A 22 7.07 7.15 1.34
CA PRO A 22 6.08 8.13 0.86
C PRO A 22 5.14 8.59 1.95
N THR A 23 5.43 9.73 2.55
CA THR A 23 4.60 10.27 3.62
C THR A 23 3.60 11.29 3.08
N GLU A 24 2.80 11.86 3.97
CA GLU A 24 1.80 12.85 3.57
C GLU A 24 1.01 12.38 2.36
N VAL A 25 0.70 11.08 2.34
CA VAL A 25 -0.06 10.50 1.23
C VAL A 25 -1.53 10.85 1.32
N GLY A 26 -2.23 10.75 0.20
CA GLY A 26 -3.65 11.07 0.18
C GLY A 26 -4.46 10.01 -0.54
N VAL A 27 -5.79 10.08 -0.40
CA VAL A 27 -6.68 9.13 -1.04
C VAL A 27 -7.93 9.82 -1.58
N LYS A 28 -8.21 9.61 -2.87
CA LYS A 28 -9.38 10.22 -3.49
C LYS A 28 -10.48 9.19 -3.68
N VAL A 29 -11.73 9.62 -3.53
CA VAL A 29 -12.88 8.74 -3.68
C VAL A 29 -13.64 9.04 -4.97
N LEU A 30 -13.33 8.30 -6.03
CA LEU A 30 -13.98 8.50 -7.32
C LEU A 30 -15.40 7.96 -7.29
N SER A 31 -15.56 6.75 -6.78
CA SER A 31 -16.88 6.12 -6.70
C SER A 31 -16.95 5.15 -5.51
N SER A 32 -18.08 4.48 -5.38
CA SER A 32 -18.28 3.53 -4.29
C SER A 32 -17.28 2.38 -4.37
N SER A 33 -16.92 2.01 -5.59
CA SER A 33 -15.97 0.92 -5.81
C SER A 33 -14.73 1.42 -6.55
N GLU A 34 -14.44 2.71 -6.38
CA GLU A 34 -13.28 3.32 -7.02
C GLU A 34 -12.61 4.34 -6.10
N ILE A 35 -11.34 4.09 -5.79
CA ILE A 35 -10.58 4.97 -4.91
C ILE A 35 -9.16 5.15 -5.40
N SER A 36 -8.75 6.40 -5.62
CA SER A 36 -7.41 6.71 -6.09
C SER A 36 -6.47 6.97 -4.92
N VAL A 37 -5.20 6.64 -5.12
CA VAL A 37 -4.19 6.85 -4.08
C VAL A 37 -2.96 7.55 -4.64
N HIS A 38 -2.79 8.81 -4.27
CA HIS A 38 -1.65 9.60 -4.75
C HIS A 38 -0.63 9.78 -3.63
N TRP A 39 0.58 9.24 -3.83
CA TRP A 39 1.64 9.35 -2.85
C TRP A 39 2.81 10.17 -3.39
N GLU A 40 3.82 10.36 -2.56
CA GLU A 40 5.00 11.14 -2.95
C GLU A 40 6.16 10.22 -3.28
N HIS A 41 6.88 10.53 -4.35
CA HIS A 41 8.02 9.74 -4.78
C HIS A 41 9.18 9.86 -3.78
N VAL A 42 9.69 8.73 -3.32
CA VAL A 42 10.79 8.72 -2.36
C VAL A 42 12.10 9.06 -3.05
N LEU A 43 12.90 9.89 -2.37
CA LEU A 43 14.20 10.30 -2.92
C LEU A 43 14.92 9.13 -3.57
N GLU A 44 14.71 7.94 -3.01
CA GLU A 44 15.35 6.74 -3.55
C GLU A 44 14.51 6.14 -4.68
N LYS A 45 15.15 5.94 -5.83
CA LYS A 45 14.48 5.38 -6.99
C LYS A 45 14.85 3.91 -7.18
N ILE A 46 15.55 3.35 -6.20
CA ILE A 46 15.96 1.95 -6.25
C ILE A 46 14.79 1.03 -5.94
N VAL A 47 13.66 1.61 -5.57
CA VAL A 47 12.47 0.84 -5.24
C VAL A 47 11.95 0.08 -6.45
N GLU A 48 11.48 -1.14 -6.23
CA GLU A 48 10.96 -1.97 -7.31
C GLU A 48 9.61 -1.47 -7.77
N SER A 49 8.67 -1.33 -6.83
CA SER A 49 7.33 -0.86 -7.14
C SER A 49 6.56 -0.51 -5.87
N TYR A 50 5.57 0.36 -6.00
CA TYR A 50 4.75 0.77 -4.86
C TYR A 50 3.52 -0.12 -4.72
N GLN A 51 3.29 -0.60 -3.51
CA GLN A 51 2.15 -1.47 -3.23
C GLN A 51 1.15 -0.77 -2.32
N ILE A 52 -0.11 -0.74 -2.75
CA ILE A 52 -1.17 -0.11 -1.97
C ILE A 52 -2.04 -1.14 -1.26
N ARG A 53 -1.65 -1.50 -0.05
CA ARG A 53 -2.38 -2.48 0.73
C ARG A 53 -3.66 -1.87 1.31
N TYR A 54 -4.80 -2.42 0.92
CA TYR A 54 -6.09 -1.93 1.39
C TYR A 54 -6.95 -3.07 1.91
N TRP A 55 -7.73 -2.79 2.95
CA TRP A 55 -8.61 -3.79 3.55
C TRP A 55 -9.66 -3.14 4.44
N ALA A 56 -10.83 -3.76 4.51
CA ALA A 56 -11.91 -3.24 5.33
C ALA A 56 -11.52 -3.21 6.81
N ALA A 57 -12.10 -2.26 7.55
CA ALA A 57 -11.80 -2.12 8.97
C ALA A 57 -11.91 -3.46 9.69
N HIS A 58 -12.95 -4.22 9.33
CA HIS A 58 -13.16 -5.54 9.95
C HIS A 58 -12.15 -6.55 9.44
N ASP A 59 -11.81 -6.45 8.16
CA ASP A 59 -10.84 -7.36 7.54
C ASP A 59 -9.54 -7.38 8.34
N LYS A 60 -8.72 -8.41 8.10
CA LYS A 60 -7.45 -8.54 8.78
C LYS A 60 -6.29 -8.23 7.84
N GLU A 61 -5.11 -8.02 8.41
CA GLU A 61 -3.92 -7.72 7.61
C GLU A 61 -3.59 -8.88 6.67
N GLU A 62 -3.87 -10.10 7.12
CA GLU A 62 -3.60 -11.29 6.33
C GLU A 62 -4.49 -11.33 5.09
N ALA A 63 -5.77 -11.04 5.28
CA ALA A 63 -6.72 -11.04 4.18
C ALA A 63 -6.73 -9.69 3.45
N ALA A 64 -5.77 -8.84 3.80
CA ALA A 64 -5.66 -7.53 3.18
C ALA A 64 -4.97 -7.62 1.83
N ASN A 65 -5.64 -7.12 0.79
CA ASN A 65 -5.09 -7.14 -0.56
C ASN A 65 -4.07 -6.01 -0.75
N ARG A 66 -3.46 -5.96 -1.93
CA ARG A 66 -2.48 -4.93 -2.23
C ARG A 66 -2.26 -4.84 -3.75
N VAL A 67 -2.26 -3.61 -4.26
CA VAL A 67 -2.04 -3.37 -5.68
C VAL A 67 -0.66 -2.82 -5.96
N GLN A 68 0.08 -3.50 -6.85
CA GLN A 68 1.43 -3.08 -7.19
C GLN A 68 1.48 -2.51 -8.61
N VAL A 69 1.83 -1.24 -8.72
CA VAL A 69 1.92 -0.58 -10.02
C VAL A 69 3.34 -0.13 -10.32
N THR A 70 3.53 0.48 -11.48
CA THR A 70 4.85 0.97 -11.89
C THR A 70 5.30 2.13 -11.02
N SER A 71 6.59 2.17 -10.69
CA SER A 71 7.14 3.23 -9.86
C SER A 71 6.87 4.60 -10.47
N GLN A 72 6.70 4.63 -11.79
CA GLN A 72 6.44 5.88 -12.50
C GLN A 72 5.06 6.41 -12.16
N GLU A 73 4.15 5.50 -11.78
CA GLU A 73 2.79 5.88 -11.43
C GLU A 73 2.76 6.56 -10.07
N TYR A 74 2.68 7.88 -10.06
CA TYR A 74 2.64 8.65 -8.83
C TYR A 74 1.38 8.34 -8.04
N SER A 75 0.39 7.74 -8.70
CA SER A 75 -0.87 7.39 -8.06
C SER A 75 -1.40 6.07 -8.61
N ALA A 76 -2.36 5.48 -7.88
CA ALA A 76 -2.94 4.21 -8.29
C ALA A 76 -4.46 4.22 -8.09
N ARG A 77 -5.15 3.35 -8.81
CA ARG A 77 -6.60 3.26 -8.71
C ARG A 77 -7.03 1.91 -8.14
N LEU A 78 -7.99 1.95 -7.22
CA LEU A 78 -8.49 0.74 -6.59
C LEU A 78 -9.90 0.41 -7.06
N GLU A 79 -10.14 -0.86 -7.37
CA GLU A 79 -11.45 -1.30 -7.84
C GLU A 79 -11.93 -2.52 -7.06
N ASN A 80 -13.23 -2.78 -7.09
CA ASN A 80 -13.80 -3.91 -6.40
C ASN A 80 -13.87 -3.66 -4.90
N LEU A 81 -14.38 -2.49 -4.52
CA LEU A 81 -14.50 -2.12 -3.11
C LEU A 81 -15.95 -2.08 -2.68
N LEU A 82 -16.18 -2.16 -1.38
CA LEU A 82 -17.53 -2.13 -0.84
C LEU A 82 -18.01 -0.69 -0.61
N PRO A 83 -19.30 -0.44 -0.87
CA PRO A 83 -19.89 0.88 -0.70
C PRO A 83 -20.00 1.30 0.76
N ASP A 84 -19.84 2.60 1.01
CA ASP A 84 -19.92 3.13 2.38
C ASP A 84 -19.21 2.19 3.36
N THR A 85 -17.97 1.85 3.05
CA THR A 85 -17.19 0.96 3.91
C THR A 85 -15.80 1.50 4.14
N GLN A 86 -15.38 1.56 5.41
CA GLN A 86 -14.06 2.06 5.76
C GLN A 86 -12.97 1.11 5.28
N TYR A 87 -11.98 1.65 4.59
CA TYR A 87 -10.87 0.85 4.07
C TYR A 87 -9.53 1.47 4.46
N PHE A 88 -8.68 0.65 5.10
CA PHE A 88 -7.36 1.11 5.52
C PHE A 88 -6.35 0.96 4.39
N ILE A 89 -6.07 2.07 3.71
CA ILE A 89 -5.11 2.07 2.61
C ILE A 89 -3.75 2.56 3.06
N GLU A 90 -2.70 1.91 2.57
CA GLU A 90 -1.33 2.28 2.93
C GLU A 90 -0.38 2.07 1.75
N VAL A 91 0.33 3.12 1.38
CA VAL A 91 1.28 3.05 0.27
C VAL A 91 2.71 3.07 0.77
N GLY A 92 3.46 2.01 0.45
CA GLY A 92 4.84 1.92 0.87
C GLY A 92 5.73 1.30 -0.18
N ALA A 93 6.89 1.92 -0.42
CA ALA A 93 7.84 1.43 -1.41
C ALA A 93 8.76 0.38 -0.81
N CYS A 94 8.98 -0.71 -1.54
CA CYS A 94 9.85 -1.79 -1.09
C CYS A 94 10.34 -2.62 -2.25
N ASN A 95 11.63 -2.95 -2.23
CA ASN A 95 12.23 -3.75 -3.30
C ASN A 95 12.56 -5.16 -2.80
N SER A 96 12.71 -6.09 -3.74
CA SER A 96 13.04 -7.47 -3.39
C SER A 96 14.37 -7.55 -2.65
N ALA A 97 15.12 -6.46 -2.67
CA ALA A 97 16.42 -6.40 -2.01
C ALA A 97 16.24 -6.17 -0.51
N GLY A 98 15.86 -4.94 -0.15
CA GLY A 98 15.67 -4.61 1.25
C GLY A 98 14.25 -4.15 1.54
N CYS A 99 13.77 -4.48 2.74
CA CYS A 99 12.42 -4.09 3.15
C CYS A 99 12.38 -2.63 3.57
N GLY A 100 11.25 -1.97 3.31
CA GLY A 100 11.10 -0.58 3.67
C GLY A 100 9.84 -0.31 4.48
N PRO A 101 9.89 0.70 5.35
CA PRO A 101 8.76 1.08 6.19
C PRO A 101 7.62 1.69 5.40
N PRO A 102 6.39 1.26 5.69
CA PRO A 102 5.19 1.76 5.01
C PRO A 102 4.87 3.20 5.38
N SER A 103 3.99 3.83 4.61
CA SER A 103 3.61 5.21 4.85
C SER A 103 2.62 5.31 6.01
N ASP A 104 2.18 6.52 6.31
CA ASP A 104 1.23 6.74 7.40
C ASP A 104 -0.10 6.05 7.11
N MET A 105 -0.63 5.36 8.11
CA MET A 105 -1.90 4.65 7.96
C MET A 105 -3.01 5.61 7.55
N ILE A 106 -3.52 5.44 6.34
CA ILE A 106 -4.60 6.29 5.84
C ILE A 106 -5.92 5.53 5.78
N GLU A 107 -7.00 6.21 6.13
CA GLU A 107 -8.33 5.60 6.11
C GLU A 107 -9.24 6.32 5.13
N ALA A 108 -9.97 5.55 4.33
CA ALA A 108 -10.89 6.11 3.34
C ALA A 108 -12.31 5.62 3.58
N PHE A 109 -13.28 6.41 3.14
CA PHE A 109 -14.70 6.07 3.30
C PHE A 109 -15.44 6.19 1.98
N THR A 110 -15.79 5.05 1.40
CA THR A 110 -16.51 5.02 0.13
C THR A 110 -17.91 5.60 0.28
N LYS A 111 -18.68 5.57 -0.80
CA LYS A 111 -20.03 6.09 -0.79
C LYS A 111 -21.06 4.96 -0.87
N LYS A 112 -22.32 5.29 -0.61
CA LYS A 112 -23.39 4.30 -0.65
C LYS A 112 -23.64 3.84 -2.08
N ALA A 113 -23.80 2.53 -2.25
CA ALA A 113 -24.06 1.96 -3.57
C ALA A 113 -25.48 2.26 -4.03
N SER A 114 -25.62 2.65 -5.30
CA SER A 114 -26.94 2.96 -5.86
C SER A 114 -27.77 3.77 -4.87
N GLY A 115 -27.18 4.85 -4.34
CA GLY A 115 -27.89 5.68 -3.39
C GLY A 115 -28.77 6.72 -4.07
N PRO A 116 -29.89 7.04 -3.42
CA PRO A 116 -30.86 8.02 -3.95
C PRO A 116 -30.30 9.44 -3.91
N SER A 117 -29.11 9.60 -3.35
CA SER A 117 -28.48 10.91 -3.25
C SER A 117 -28.74 11.74 -4.50
N SER A 118 -29.65 12.71 -4.38
CA SER A 118 -30.00 13.57 -5.50
C SER A 118 -29.23 14.88 -5.44
N GLY A 119 -28.75 15.33 -6.59
CA GLY A 119 -27.99 16.57 -6.65
C GLY A 119 -27.10 16.65 -7.88
N GLY A 1 21.82 -35.53 16.27
CA GLY A 1 21.56 -34.18 16.73
C GLY A 1 21.71 -33.15 15.63
N SER A 2 20.94 -32.07 15.72
CA SER A 2 20.98 -31.01 14.72
C SER A 2 22.36 -30.36 14.67
N SER A 3 23.13 -30.69 13.64
CA SER A 3 24.46 -30.15 13.48
C SER A 3 24.78 -29.88 12.01
N GLY A 4 25.47 -28.78 11.74
CA GLY A 4 25.82 -28.43 10.38
C GLY A 4 25.82 -26.94 10.14
N SER A 5 24.81 -26.25 10.67
CA SER A 5 24.70 -24.81 10.50
C SER A 5 26.04 -24.12 10.81
N SER A 6 26.51 -23.32 9.87
CA SER A 6 27.78 -22.61 10.04
C SER A 6 27.67 -21.57 11.16
N GLY A 7 26.60 -20.79 11.13
CA GLY A 7 26.40 -19.78 12.14
C GLY A 7 24.93 -19.41 12.32
N VAL A 8 24.69 -18.19 12.79
CA VAL A 8 23.32 -17.72 13.00
C VAL A 8 22.97 -16.63 12.00
N ALA A 9 23.91 -15.74 11.72
CA ALA A 9 23.70 -14.66 10.77
C ALA A 9 23.43 -15.19 9.37
N VAL A 10 22.65 -14.45 8.59
CA VAL A 10 22.32 -14.85 7.23
C VAL A 10 22.86 -13.86 6.22
N ILE A 11 23.09 -14.31 5.00
CA ILE A 11 23.59 -13.45 3.94
C ILE A 11 22.83 -12.13 3.90
N ASN A 12 23.51 -11.05 4.26
CA ASN A 12 22.91 -9.72 4.27
C ASN A 12 23.63 -8.80 3.30
N SER A 13 23.22 -8.82 2.04
CA SER A 13 23.82 -7.98 1.01
C SER A 13 22.82 -7.65 -0.08
N ALA A 14 22.77 -6.37 -0.46
CA ALA A 14 21.85 -5.92 -1.49
C ALA A 14 22.43 -4.72 -2.26
N GLN A 15 21.89 -4.46 -3.43
CA GLN A 15 22.36 -3.35 -4.27
C GLN A 15 22.03 -2.01 -3.62
N ASP A 16 20.81 -1.90 -3.08
CA ASP A 16 20.39 -0.67 -2.43
C ASP A 16 19.01 -0.85 -1.79
N ALA A 17 18.60 0.14 -0.99
CA ALA A 17 17.31 0.09 -0.32
C ALA A 17 16.79 1.49 -0.03
N PRO A 18 15.47 1.67 -0.16
CA PRO A 18 14.81 2.96 0.08
C PRO A 18 14.82 3.35 1.55
N SER A 19 15.20 4.59 1.83
CA SER A 19 15.26 5.09 3.20
C SER A 19 14.28 6.23 3.40
N GLU A 20 13.80 6.80 2.30
CA GLU A 20 12.86 7.91 2.36
C GLU A 20 11.43 7.42 2.12
N ALA A 21 10.49 7.92 2.91
CA ALA A 21 9.09 7.53 2.78
C ALA A 21 8.29 8.62 2.08
N PRO A 22 7.26 8.19 1.33
CA PRO A 22 6.39 9.12 0.60
C PRO A 22 5.51 9.95 1.52
N THR A 23 5.89 11.21 1.71
CA THR A 23 5.14 12.12 2.57
C THR A 23 3.88 12.63 1.87
N GLU A 24 3.13 13.47 2.57
CA GLU A 24 1.90 14.04 2.01
C GLU A 24 1.19 13.02 1.13
N VAL A 25 0.97 11.82 1.68
CA VAL A 25 0.30 10.75 0.94
C VAL A 25 -1.18 10.68 1.31
N GLY A 26 -2.04 10.92 0.33
CA GLY A 26 -3.47 10.87 0.57
C GLY A 26 -4.20 10.01 -0.44
N VAL A 27 -5.50 9.84 -0.23
CA VAL A 27 -6.33 9.03 -1.13
C VAL A 27 -7.60 9.76 -1.53
N LYS A 28 -7.87 9.82 -2.82
CA LYS A 28 -9.07 10.49 -3.33
C LYS A 28 -10.14 9.48 -3.70
N VAL A 29 -11.36 9.71 -3.22
CA VAL A 29 -12.47 8.81 -3.51
C VAL A 29 -13.08 9.12 -4.87
N LEU A 30 -13.19 8.09 -5.71
CA LEU A 30 -13.76 8.26 -7.05
C LEU A 30 -15.22 7.83 -7.07
N SER A 31 -15.48 6.58 -6.67
CA SER A 31 -16.85 6.06 -6.66
C SER A 31 -17.01 5.04 -5.53
N SER A 32 -18.24 4.57 -5.35
CA SER A 32 -18.53 3.59 -4.30
C SER A 32 -17.63 2.37 -4.44
N SER A 33 -17.24 2.06 -5.67
CA SER A 33 -16.39 0.91 -5.94
C SER A 33 -15.10 1.35 -6.64
N GLU A 34 -14.68 2.58 -6.39
CA GLU A 34 -13.47 3.12 -6.98
C GLU A 34 -12.76 4.08 -6.03
N ILE A 35 -11.43 4.00 -6.01
CA ILE A 35 -10.63 4.86 -5.14
C ILE A 35 -9.23 5.05 -5.69
N SER A 36 -8.75 6.29 -5.67
CA SER A 36 -7.42 6.60 -6.17
C SER A 36 -6.48 6.99 -5.03
N VAL A 37 -5.25 6.48 -5.08
CA VAL A 37 -4.26 6.78 -4.05
C VAL A 37 -3.09 7.57 -4.63
N HIS A 38 -3.01 8.85 -4.26
CA HIS A 38 -1.94 9.72 -4.73
C HIS A 38 -0.88 9.90 -3.66
N TRP A 39 0.39 9.83 -4.06
CA TRP A 39 1.50 10.00 -3.13
C TRP A 39 2.68 10.68 -3.81
N GLU A 40 3.66 11.11 -3.01
CA GLU A 40 4.84 11.78 -3.54
C GLU A 40 5.92 10.77 -3.89
N HIS A 41 6.66 11.05 -4.95
CA HIS A 41 7.73 10.16 -5.39
C HIS A 41 9.00 10.38 -4.58
N VAL A 42 9.57 9.30 -4.05
CA VAL A 42 10.77 9.37 -3.25
C VAL A 42 11.99 9.66 -4.13
N LEU A 43 12.91 10.46 -3.60
CA LEU A 43 14.12 10.81 -4.33
C LEU A 43 14.86 9.56 -4.81
N GLU A 44 14.51 8.42 -4.21
CA GLU A 44 15.14 7.16 -4.57
C GLU A 44 14.39 6.49 -5.73
N LYS A 45 15.07 6.33 -6.85
CA LYS A 45 14.46 5.71 -8.03
C LYS A 45 14.78 4.22 -8.08
N ILE A 46 15.39 3.72 -7.01
CA ILE A 46 15.74 2.30 -6.94
C ILE A 46 14.53 1.44 -6.58
N VAL A 47 13.49 2.09 -6.06
CA VAL A 47 12.28 1.39 -5.67
C VAL A 47 11.69 0.61 -6.85
N GLU A 48 11.29 -0.62 -6.58
CA GLU A 48 10.72 -1.48 -7.62
C GLU A 48 9.33 -0.99 -8.01
N SER A 49 8.47 -0.84 -7.02
CA SER A 49 7.09 -0.38 -7.26
C SER A 49 6.43 0.07 -5.97
N TYR A 50 5.24 0.63 -6.09
CA TYR A 50 4.49 1.10 -4.92
C TYR A 50 3.33 0.16 -4.60
N GLN A 51 3.53 -0.65 -3.57
CA GLN A 51 2.49 -1.60 -3.15
C GLN A 51 1.41 -0.91 -2.32
N ILE A 52 0.16 -1.18 -2.66
CA ILE A 52 -0.96 -0.58 -1.96
C ILE A 52 -1.81 -1.64 -1.26
N ARG A 53 -1.82 -1.60 0.07
CA ARG A 53 -2.59 -2.56 0.86
C ARG A 53 -3.88 -1.93 1.38
N TYR A 54 -5.00 -2.36 0.83
CA TYR A 54 -6.30 -1.84 1.24
C TYR A 54 -7.18 -2.95 1.82
N TRP A 55 -7.85 -2.64 2.93
CA TRP A 55 -8.71 -3.61 3.58
C TRP A 55 -9.75 -2.91 4.45
N ALA A 56 -10.94 -3.50 4.54
CA ALA A 56 -12.02 -2.93 5.34
C ALA A 56 -11.69 -2.99 6.82
N ALA A 57 -12.15 -1.98 7.57
CA ALA A 57 -11.91 -1.92 9.01
C ALA A 57 -12.13 -3.28 9.66
N HIS A 58 -13.24 -3.94 9.29
CA HIS A 58 -13.57 -5.24 9.84
C HIS A 58 -12.54 -6.29 9.40
N ASP A 59 -12.24 -6.31 8.11
CA ASP A 59 -11.28 -7.26 7.56
C ASP A 59 -9.99 -7.23 8.35
N LYS A 60 -9.09 -8.17 8.05
CA LYS A 60 -7.80 -8.25 8.73
C LYS A 60 -6.66 -8.01 7.76
N GLU A 61 -5.50 -7.63 8.29
CA GLU A 61 -4.32 -7.38 7.47
C GLU A 61 -3.96 -8.60 6.63
N GLU A 62 -4.37 -9.78 7.10
CA GLU A 62 -4.09 -11.02 6.40
C GLU A 62 -4.95 -11.13 5.14
N ALA A 63 -6.21 -10.75 5.26
CA ALA A 63 -7.14 -10.81 4.14
C ALA A 63 -7.15 -9.50 3.37
N ALA A 64 -6.12 -8.69 3.58
CA ALA A 64 -6.01 -7.39 2.90
C ALA A 64 -5.57 -7.58 1.46
N ASN A 65 -6.28 -6.95 0.54
CA ASN A 65 -5.96 -7.04 -0.88
C ASN A 65 -4.64 -6.35 -1.19
N ARG A 66 -3.89 -6.89 -2.13
CA ARG A 66 -2.60 -6.32 -2.52
C ARG A 66 -2.62 -5.86 -3.97
N VAL A 67 -2.29 -4.60 -4.19
CA VAL A 67 -2.27 -4.03 -5.54
C VAL A 67 -1.00 -3.21 -5.77
N GLN A 68 -0.09 -3.77 -6.56
CA GLN A 68 1.17 -3.09 -6.86
C GLN A 68 1.12 -2.41 -8.22
N VAL A 69 1.72 -1.23 -8.32
CA VAL A 69 1.73 -0.48 -9.57
C VAL A 69 3.15 -0.12 -9.98
N THR A 70 3.28 0.56 -11.11
CA THR A 70 4.59 0.96 -11.62
C THR A 70 5.14 2.15 -10.84
N SER A 71 6.45 2.34 -10.92
CA SER A 71 7.11 3.43 -10.22
C SER A 71 6.91 4.76 -10.96
N GLN A 72 6.33 4.66 -12.16
CA GLN A 72 6.09 5.85 -12.97
C GLN A 72 4.70 6.42 -12.69
N GLU A 73 3.95 5.76 -11.81
CA GLU A 73 2.61 6.21 -11.46
C GLU A 73 2.61 6.89 -10.10
N TYR A 74 2.50 8.21 -10.10
CA TYR A 74 2.48 8.98 -8.86
C TYR A 74 1.26 8.61 -8.01
N SER A 75 0.36 7.85 -8.59
CA SER A 75 -0.85 7.42 -7.88
C SER A 75 -1.38 6.11 -8.46
N ALA A 76 -2.15 5.39 -7.64
CA ALA A 76 -2.72 4.12 -8.06
C ALA A 76 -4.25 4.19 -8.12
N ARG A 77 -4.87 3.07 -8.46
CA ARG A 77 -6.33 3.01 -8.56
C ARG A 77 -6.87 1.72 -7.94
N LEU A 78 -8.02 1.82 -7.30
CA LEU A 78 -8.64 0.66 -6.66
C LEU A 78 -10.07 0.47 -7.16
N GLU A 79 -10.48 -0.80 -7.30
CA GLU A 79 -11.81 -1.12 -7.77
C GLU A 79 -12.37 -2.34 -7.02
N ASN A 80 -13.67 -2.58 -7.19
CA ASN A 80 -14.32 -3.71 -6.54
C ASN A 80 -14.37 -3.51 -5.03
N LEU A 81 -14.77 -2.31 -4.61
CA LEU A 81 -14.85 -1.99 -3.19
C LEU A 81 -16.32 -1.90 -2.75
N LEU A 82 -16.54 -2.03 -1.45
CA LEU A 82 -17.89 -1.96 -0.89
C LEU A 82 -18.30 -0.52 -0.64
N PRO A 83 -19.58 -0.21 -0.87
CA PRO A 83 -20.14 1.13 -0.68
C PRO A 83 -20.20 1.52 0.78
N ASP A 84 -20.17 2.83 1.04
CA ASP A 84 -20.23 3.34 2.41
C ASP A 84 -19.44 2.44 3.36
N THR A 85 -18.23 2.08 2.96
CA THR A 85 -17.37 1.23 3.77
C THR A 85 -15.99 1.83 3.94
N GLN A 86 -15.42 1.70 5.14
CA GLN A 86 -14.11 2.23 5.43
C GLN A 86 -13.02 1.28 4.94
N TYR A 87 -11.93 1.85 4.43
CA TYR A 87 -10.81 1.06 3.93
C TYR A 87 -9.48 1.70 4.28
N PHE A 88 -8.64 0.96 4.98
CA PHE A 88 -7.32 1.46 5.37
C PHE A 88 -6.30 1.24 4.27
N ILE A 89 -5.98 2.31 3.55
CA ILE A 89 -5.01 2.24 2.46
C ILE A 89 -3.61 2.60 2.95
N GLU A 90 -2.63 1.79 2.54
CA GLU A 90 -1.25 2.01 2.94
C GLU A 90 -0.32 1.95 1.72
N VAL A 91 0.42 3.03 1.50
CA VAL A 91 1.34 3.10 0.38
C VAL A 91 2.79 3.24 0.86
N GLY A 92 3.59 2.21 0.60
CA GLY A 92 4.98 2.24 1.02
C GLY A 92 5.92 1.72 -0.06
N ALA A 93 6.88 2.54 -0.46
CA ALA A 93 7.85 2.14 -1.48
C ALA A 93 8.84 1.12 -0.92
N CYS A 94 9.16 0.12 -1.74
CA CYS A 94 10.11 -0.92 -1.34
C CYS A 94 10.53 -1.76 -2.53
N ASN A 95 11.82 -2.07 -2.61
CA ASN A 95 12.35 -2.86 -3.71
C ASN A 95 12.63 -4.30 -3.26
N SER A 96 12.99 -5.15 -4.20
CA SER A 96 13.28 -6.54 -3.91
C SER A 96 14.58 -6.67 -3.11
N ALA A 97 15.45 -5.68 -3.25
CA ALA A 97 16.73 -5.69 -2.54
C ALA A 97 16.52 -5.57 -1.03
N GLY A 98 16.17 -4.37 -0.58
CA GLY A 98 15.94 -4.16 0.85
C GLY A 98 14.53 -3.71 1.15
N CYS A 99 14.05 -4.05 2.34
CA CYS A 99 12.70 -3.67 2.75
C CYS A 99 12.67 -2.25 3.29
N GLY A 100 11.84 -1.41 2.69
CA GLY A 100 11.74 -0.03 3.13
C GLY A 100 10.54 0.20 4.05
N PRO A 101 10.62 1.24 4.88
CA PRO A 101 9.56 1.60 5.83
C PRO A 101 8.31 2.13 5.12
N PRO A 102 7.17 1.49 5.40
CA PRO A 102 5.89 1.89 4.80
C PRO A 102 5.39 3.23 5.32
N SER A 103 4.50 3.86 4.58
CA SER A 103 3.94 5.15 4.97
C SER A 103 3.01 5.00 6.16
N ASP A 104 2.42 6.11 6.58
CA ASP A 104 1.48 6.10 7.72
C ASP A 104 0.18 5.41 7.34
N MET A 105 -0.60 5.04 8.35
CA MET A 105 -1.88 4.38 8.11
C MET A 105 -2.93 5.37 7.65
N ILE A 106 -3.43 5.18 6.44
CA ILE A 106 -4.45 6.06 5.88
C ILE A 106 -5.79 5.35 5.76
N GLU A 107 -6.87 6.09 6.03
CA GLU A 107 -8.21 5.53 5.96
C GLU A 107 -9.02 6.20 4.84
N ALA A 108 -9.87 5.41 4.20
CA ALA A 108 -10.71 5.92 3.11
C ALA A 108 -12.18 5.61 3.35
N PHE A 109 -13.06 6.43 2.79
CA PHE A 109 -14.49 6.24 2.95
C PHE A 109 -15.19 6.32 1.60
N THR A 110 -15.64 5.16 1.11
CA THR A 110 -16.33 5.10 -0.18
C THR A 110 -17.69 5.78 -0.11
N LYS A 111 -18.24 6.11 -1.27
CA LYS A 111 -19.54 6.77 -1.34
C LYS A 111 -20.67 5.79 -1.02
N LYS A 112 -21.84 6.33 -0.71
CA LYS A 112 -23.00 5.50 -0.39
C LYS A 112 -23.57 4.86 -1.65
N ALA A 113 -23.83 3.56 -1.58
CA ALA A 113 -24.38 2.82 -2.71
C ALA A 113 -25.82 3.23 -2.98
N SER A 114 -26.02 4.14 -3.92
CA SER A 114 -27.37 4.61 -4.27
C SER A 114 -27.37 5.28 -5.63
N GLY A 115 -28.49 5.16 -6.34
CA GLY A 115 -28.60 5.77 -7.65
C GLY A 115 -27.97 4.92 -8.74
N PRO A 116 -27.96 5.43 -9.98
CA PRO A 116 -27.39 4.73 -11.12
C PRO A 116 -25.87 4.64 -11.06
N SER A 117 -25.35 3.44 -10.82
CA SER A 117 -23.92 3.22 -10.72
C SER A 117 -23.28 3.19 -12.10
N SER A 118 -22.81 4.35 -12.56
CA SER A 118 -22.18 4.44 -13.88
C SER A 118 -21.06 3.41 -14.03
N GLY A 119 -20.59 3.23 -15.25
CA GLY A 119 -19.53 2.27 -15.51
C GLY A 119 -19.19 2.17 -16.98
N GLY A 1 37.13 -31.11 27.73
CA GLY A 1 36.37 -29.89 27.54
C GLY A 1 36.64 -29.26 26.20
N SER A 2 35.85 -28.23 25.86
CA SER A 2 36.01 -27.53 24.59
C SER A 2 35.70 -26.05 24.73
N SER A 3 36.02 -25.28 23.70
CA SER A 3 35.78 -23.84 23.72
C SER A 3 34.70 -23.45 22.73
N GLY A 4 34.24 -22.21 22.82
CA GLY A 4 33.19 -21.75 21.93
C GLY A 4 33.75 -20.96 20.76
N SER A 5 33.29 -21.28 19.56
CA SER A 5 33.74 -20.59 18.34
C SER A 5 32.66 -20.62 17.26
N SER A 6 32.50 -19.50 16.58
CA SER A 6 31.50 -19.38 15.52
C SER A 6 31.83 -18.23 14.58
N GLY A 7 31.53 -18.42 13.30
CA GLY A 7 31.80 -17.39 12.32
C GLY A 7 30.85 -16.20 12.44
N VAL A 8 31.05 -15.40 13.48
CA VAL A 8 30.21 -14.23 13.71
C VAL A 8 29.88 -13.53 12.40
N ALA A 9 30.86 -13.44 11.52
CA ALA A 9 30.67 -12.79 10.22
C ALA A 9 29.37 -13.24 9.57
N VAL A 10 28.33 -12.43 9.71
CA VAL A 10 27.03 -12.74 9.15
C VAL A 10 27.00 -12.44 7.65
N ILE A 11 26.32 -13.30 6.89
CA ILE A 11 26.23 -13.13 5.44
C ILE A 11 24.84 -12.62 5.05
N ASN A 12 24.80 -11.49 4.36
CA ASN A 12 23.54 -10.90 3.92
C ASN A 12 23.41 -10.95 2.40
N SER A 13 22.39 -11.65 1.93
CA SER A 13 22.15 -11.78 0.49
C SER A 13 21.15 -10.74 0.00
N ALA A 14 21.66 -9.57 -0.38
CA ALA A 14 20.80 -8.49 -0.86
C ALA A 14 21.64 -7.36 -1.45
N GLN A 15 21.06 -6.64 -2.41
CA GLN A 15 21.75 -5.54 -3.05
C GLN A 15 21.56 -4.25 -2.26
N ASP A 16 20.32 -3.97 -1.87
CA ASP A 16 20.02 -2.77 -1.09
C ASP A 16 18.65 -2.87 -0.44
N ALA A 17 18.29 -1.87 0.34
CA ALA A 17 17.00 -1.85 1.02
C ALA A 17 16.51 -0.42 1.25
N PRO A 18 15.22 -0.19 0.99
CA PRO A 18 14.60 1.12 1.15
C PRO A 18 14.48 1.53 2.61
N SER A 19 14.84 2.78 2.91
CA SER A 19 14.78 3.30 4.28
C SER A 19 13.86 4.51 4.35
N GLU A 20 13.65 5.17 3.21
CA GLU A 20 12.80 6.35 3.16
C GLU A 20 11.37 5.96 2.76
N ALA A 21 10.40 6.58 3.41
CA ALA A 21 9.00 6.30 3.11
C ALA A 21 8.35 7.47 2.37
N PRO A 22 7.38 7.15 1.51
CA PRO A 22 6.66 8.17 0.73
C PRO A 22 5.75 9.04 1.59
N THR A 23 6.09 10.32 1.68
CA THR A 23 5.30 11.27 2.48
C THR A 23 4.28 11.99 1.62
N GLU A 24 3.40 12.74 2.26
CA GLU A 24 2.37 13.49 1.55
C GLU A 24 1.46 12.55 0.76
N VAL A 25 1.23 11.36 1.29
CA VAL A 25 0.38 10.37 0.65
C VAL A 25 -1.07 10.55 1.06
N GLY A 26 -1.95 10.66 0.07
CA GLY A 26 -3.37 10.83 0.35
C GLY A 26 -4.23 9.86 -0.42
N VAL A 27 -5.55 9.96 -0.26
CA VAL A 27 -6.49 9.08 -0.95
C VAL A 27 -7.77 9.82 -1.30
N LYS A 28 -8.13 9.78 -2.59
CA LYS A 28 -9.34 10.44 -3.06
C LYS A 28 -10.37 9.42 -3.53
N VAL A 29 -11.58 9.49 -2.98
CA VAL A 29 -12.64 8.58 -3.35
C VAL A 29 -13.40 9.09 -4.57
N LEU A 30 -13.44 8.27 -5.62
CA LEU A 30 -14.14 8.63 -6.86
C LEU A 30 -15.58 8.14 -6.83
N SER A 31 -15.76 6.88 -6.45
CA SER A 31 -17.09 6.28 -6.39
C SER A 31 -17.14 5.20 -5.32
N SER A 32 -18.31 4.56 -5.20
CA SER A 32 -18.49 3.51 -4.21
C SER A 32 -17.51 2.36 -4.42
N SER A 33 -17.22 2.08 -5.68
CA SER A 33 -16.29 1.01 -6.03
C SER A 33 -15.06 1.56 -6.74
N GLU A 34 -14.87 2.87 -6.65
CA GLU A 34 -13.73 3.53 -7.28
C GLU A 34 -12.98 4.40 -6.28
N ILE A 35 -11.66 4.34 -6.34
CA ILE A 35 -10.82 5.13 -5.44
C ILE A 35 -9.44 5.37 -6.04
N SER A 36 -8.83 6.50 -5.69
CA SER A 36 -7.51 6.84 -6.20
C SER A 36 -6.55 7.15 -5.05
N VAL A 37 -5.33 6.65 -5.15
CA VAL A 37 -4.32 6.87 -4.13
C VAL A 37 -3.09 7.55 -4.70
N HIS A 38 -2.85 8.79 -4.30
CA HIS A 38 -1.70 9.55 -4.78
C HIS A 38 -0.66 9.72 -3.68
N TRP A 39 0.60 9.52 -4.03
CA TRP A 39 1.70 9.64 -3.07
C TRP A 39 2.88 10.38 -3.69
N GLU A 40 3.95 10.52 -2.92
CA GLU A 40 5.16 11.21 -3.39
C GLU A 40 6.28 10.21 -3.63
N HIS A 41 6.93 10.32 -4.80
CA HIS A 41 8.02 9.43 -5.14
C HIS A 41 9.19 9.58 -4.17
N VAL A 42 9.76 8.46 -3.76
CA VAL A 42 10.87 8.47 -2.82
C VAL A 42 12.19 8.68 -3.55
N LEU A 43 13.26 8.93 -2.79
CA LEU A 43 14.58 9.15 -3.35
C LEU A 43 15.25 7.83 -3.73
N GLU A 44 14.63 6.73 -3.30
CA GLU A 44 15.17 5.41 -3.59
C GLU A 44 14.74 4.94 -4.98
N LYS A 45 15.70 4.91 -5.91
CA LYS A 45 15.43 4.49 -7.28
C LYS A 45 15.41 2.96 -7.38
N ILE A 46 15.93 2.30 -6.35
CA ILE A 46 15.98 0.84 -6.33
C ILE A 46 14.60 0.26 -6.03
N VAL A 47 13.71 1.10 -5.51
CA VAL A 47 12.35 0.67 -5.18
C VAL A 47 11.69 -0.02 -6.37
N GLU A 48 11.40 -1.30 -6.21
CA GLU A 48 10.76 -2.07 -7.28
C GLU A 48 9.46 -1.40 -7.72
N SER A 49 8.59 -1.10 -6.76
CA SER A 49 7.31 -0.47 -7.06
C SER A 49 6.63 0.00 -5.77
N TYR A 50 5.46 0.61 -5.93
CA TYR A 50 4.71 1.10 -4.78
C TYR A 50 3.44 0.29 -4.57
N GLN A 51 3.45 -0.58 -3.56
CA GLN A 51 2.30 -1.41 -3.25
C GLN A 51 1.26 -0.63 -2.45
N ILE A 52 -0.02 -0.92 -2.70
CA ILE A 52 -1.10 -0.25 -2.02
C ILE A 52 -2.00 -1.25 -1.30
N ARG A 53 -1.67 -1.56 -0.05
CA ARG A 53 -2.44 -2.50 0.74
C ARG A 53 -3.74 -1.87 1.22
N TYR A 54 -4.86 -2.53 0.94
CA TYR A 54 -6.17 -2.03 1.33
C TYR A 54 -7.08 -3.17 1.79
N TRP A 55 -7.80 -2.93 2.88
CA TRP A 55 -8.70 -3.95 3.42
C TRP A 55 -9.80 -3.30 4.26
N ALA A 56 -10.99 -3.89 4.23
CA ALA A 56 -12.13 -3.38 4.99
C ALA A 56 -11.83 -3.38 6.48
N ALA A 57 -12.36 -2.38 7.19
CA ALA A 57 -12.15 -2.27 8.63
C ALA A 57 -12.48 -3.58 9.34
N HIS A 58 -13.56 -4.22 8.92
CA HIS A 58 -13.99 -5.48 9.52
C HIS A 58 -12.98 -6.58 9.21
N ASP A 59 -12.49 -6.61 7.98
CA ASP A 59 -11.51 -7.61 7.56
C ASP A 59 -10.34 -7.68 8.54
N LYS A 60 -9.45 -8.63 8.32
CA LYS A 60 -8.29 -8.81 9.18
C LYS A 60 -7.02 -8.32 8.49
N GLU A 61 -5.92 -8.26 9.24
CA GLU A 61 -4.65 -7.81 8.70
C GLU A 61 -3.92 -8.95 7.99
N GLU A 62 -4.64 -10.03 7.73
CA GLU A 62 -4.07 -11.20 7.07
C GLU A 62 -4.69 -11.40 5.69
N ALA A 63 -5.96 -11.00 5.56
CA ALA A 63 -6.67 -11.14 4.29
C ALA A 63 -6.59 -9.84 3.47
N ALA A 64 -5.64 -8.98 3.83
CA ALA A 64 -5.45 -7.72 3.14
C ALA A 64 -4.74 -7.94 1.80
N ASN A 65 -5.28 -7.32 0.74
CA ASN A 65 -4.71 -7.44 -0.59
C ASN A 65 -3.51 -6.50 -0.76
N ARG A 66 -2.93 -6.50 -1.95
CA ARG A 66 -1.79 -5.65 -2.24
C ARG A 66 -1.70 -5.35 -3.73
N VAL A 67 -1.85 -4.08 -4.09
CA VAL A 67 -1.78 -3.66 -5.48
C VAL A 67 -0.42 -3.09 -5.82
N GLN A 68 0.32 -3.79 -6.67
CA GLN A 68 1.65 -3.34 -7.08
C GLN A 68 1.61 -2.70 -8.46
N VAL A 69 2.08 -1.46 -8.53
CA VAL A 69 2.10 -0.73 -9.81
C VAL A 69 3.49 -0.16 -10.09
N THR A 70 3.78 0.06 -11.36
CA THR A 70 5.07 0.61 -11.77
C THR A 70 5.48 1.78 -10.88
N SER A 71 6.75 1.80 -10.49
CA SER A 71 7.26 2.88 -9.64
C SER A 71 6.94 4.24 -10.23
N GLN A 72 6.97 4.32 -11.56
CA GLN A 72 6.69 5.57 -12.25
C GLN A 72 5.34 6.13 -11.84
N GLU A 73 4.34 5.25 -11.75
CA GLU A 73 3.00 5.66 -11.37
C GLU A 73 3.00 6.41 -10.04
N TYR A 74 2.68 7.69 -10.08
CA TYR A 74 2.66 8.52 -8.88
C TYR A 74 1.39 8.28 -8.07
N SER A 75 0.43 7.59 -8.68
CA SER A 75 -0.84 7.30 -8.03
C SER A 75 -1.41 5.97 -8.52
N ALA A 76 -2.40 5.45 -7.79
CA ALA A 76 -3.02 4.19 -8.16
C ALA A 76 -4.54 4.28 -8.05
N ARG A 77 -5.23 3.24 -8.51
CA ARG A 77 -6.69 3.21 -8.46
C ARG A 77 -7.19 1.89 -7.89
N LEU A 78 -8.34 1.93 -7.25
CA LEU A 78 -8.94 0.72 -6.66
C LEU A 78 -10.30 0.42 -7.28
N GLU A 79 -10.63 -0.86 -7.39
CA GLU A 79 -11.90 -1.28 -7.95
C GLU A 79 -12.51 -2.42 -7.14
N ASN A 80 -13.79 -2.70 -7.39
CA ASN A 80 -14.49 -3.77 -6.69
C ASN A 80 -14.51 -3.50 -5.19
N LEU A 81 -14.98 -2.31 -4.81
CA LEU A 81 -15.06 -1.93 -3.40
C LEU A 81 -16.51 -1.70 -2.98
N LEU A 82 -16.82 -2.03 -1.73
CA LEU A 82 -18.18 -1.85 -1.22
C LEU A 82 -18.43 -0.39 -0.87
N PRO A 83 -19.69 0.05 -1.02
CA PRO A 83 -20.10 1.43 -0.73
C PRO A 83 -20.06 1.74 0.77
N ASP A 84 -19.82 3.00 1.09
CA ASP A 84 -19.77 3.43 2.49
C ASP A 84 -19.03 2.40 3.34
N THR A 85 -17.80 2.08 2.93
CA THR A 85 -16.99 1.10 3.66
C THR A 85 -15.59 1.66 3.93
N GLN A 86 -15.22 1.68 5.20
CA GLN A 86 -13.91 2.19 5.61
C GLN A 86 -12.80 1.25 5.15
N TYR A 87 -11.92 1.75 4.28
CA TYR A 87 -10.83 0.96 3.77
C TYR A 87 -9.48 1.60 4.12
N PHE A 88 -8.66 0.86 4.87
CA PHE A 88 -7.36 1.34 5.28
C PHE A 88 -6.34 1.19 4.15
N ILE A 89 -6.05 2.29 3.47
CA ILE A 89 -5.09 2.27 2.37
C ILE A 89 -3.70 2.66 2.84
N GLU A 90 -2.69 1.93 2.37
CA GLU A 90 -1.31 2.20 2.76
C GLU A 90 -0.37 2.02 1.56
N VAL A 91 0.38 3.06 1.24
CA VAL A 91 1.31 3.03 0.13
C VAL A 91 2.75 3.19 0.61
N GLY A 92 3.54 2.13 0.46
CA GLY A 92 4.93 2.16 0.88
C GLY A 92 5.85 1.46 -0.09
N ALA A 93 6.87 2.17 -0.56
CA ALA A 93 7.83 1.60 -1.50
C ALA A 93 8.63 0.48 -0.86
N CYS A 94 8.76 -0.63 -1.57
CA CYS A 94 9.50 -1.78 -1.08
C CYS A 94 9.94 -2.68 -2.23
N ASN A 95 11.21 -3.10 -2.19
CA ASN A 95 11.76 -3.95 -3.23
C ASN A 95 11.99 -5.37 -2.70
N SER A 96 11.90 -6.34 -3.60
CA SER A 96 12.09 -7.74 -3.22
C SER A 96 13.35 -7.91 -2.37
N ALA A 97 14.40 -7.18 -2.74
CA ALA A 97 15.66 -7.25 -2.01
C ALA A 97 15.45 -6.95 -0.53
N GLY A 98 15.24 -5.68 -0.21
CA GLY A 98 15.03 -5.28 1.17
C GLY A 98 13.61 -4.85 1.44
N CYS A 99 13.16 -5.00 2.69
CA CYS A 99 11.81 -4.63 3.07
C CYS A 99 11.80 -3.30 3.81
N GLY A 100 11.01 -2.36 3.33
CA GLY A 100 10.92 -1.06 3.97
C GLY A 100 9.62 -0.86 4.73
N PRO A 101 9.62 0.11 5.66
CA PRO A 101 8.44 0.41 6.48
C PRO A 101 7.32 1.05 5.67
N PRO A 102 6.07 0.65 5.96
CA PRO A 102 4.89 1.18 5.27
C PRO A 102 4.62 2.64 5.63
N SER A 103 3.78 3.29 4.83
CA SER A 103 3.43 4.69 5.06
C SER A 103 2.42 4.82 6.18
N ASP A 104 2.06 6.05 6.51
CA ASP A 104 1.10 6.31 7.58
C ASP A 104 -0.22 5.60 7.30
N MET A 105 -0.87 5.13 8.37
CA MET A 105 -2.14 4.43 8.24
C MET A 105 -3.25 5.40 7.84
N ILE A 106 -3.65 5.36 6.58
CA ILE A 106 -4.71 6.23 6.08
C ILE A 106 -6.03 5.49 6.00
N GLU A 107 -7.13 6.23 6.14
CA GLU A 107 -8.47 5.64 6.07
C GLU A 107 -9.32 6.34 5.02
N ALA A 108 -10.05 5.55 4.23
CA ALA A 108 -10.91 6.11 3.19
C ALA A 108 -12.36 5.71 3.42
N PHE A 109 -13.28 6.52 2.90
CA PHE A 109 -14.70 6.26 3.06
C PHE A 109 -15.42 6.36 1.72
N THR A 110 -15.72 5.21 1.13
CA THR A 110 -16.41 5.17 -0.16
C THR A 110 -17.73 5.92 -0.10
N LYS A 111 -18.49 5.86 -1.20
CA LYS A 111 -19.78 6.54 -1.28
C LYS A 111 -20.92 5.54 -1.12
N LYS A 112 -22.13 6.06 -0.92
CA LYS A 112 -23.31 5.22 -0.75
C LYS A 112 -23.85 4.77 -2.10
N ALA A 113 -23.91 3.46 -2.30
CA ALA A 113 -24.41 2.90 -3.55
C ALA A 113 -25.79 3.44 -3.88
N SER A 114 -26.76 3.18 -3.02
CA SER A 114 -28.13 3.65 -3.23
C SER A 114 -28.29 5.07 -2.72
N GLY A 115 -28.92 5.91 -3.54
CA GLY A 115 -29.14 7.30 -3.15
C GLY A 115 -28.56 8.28 -4.16
N PRO A 116 -29.27 9.40 -4.39
CA PRO A 116 -28.84 10.42 -5.32
C PRO A 116 -27.61 11.19 -4.83
N SER A 117 -26.73 11.55 -5.76
CA SER A 117 -25.51 12.28 -5.41
C SER A 117 -24.95 13.01 -6.63
N SER A 118 -24.34 14.16 -6.39
CA SER A 118 -23.77 14.96 -7.48
C SER A 118 -22.41 14.39 -7.90
N GLY A 119 -22.43 13.46 -8.85
CA GLY A 119 -21.19 12.86 -9.32
C GLY A 119 -20.99 13.07 -10.80
#